data_8G81
#
_entry.id   8G81
#
_cell.length_a   1.00
_cell.length_b   1.00
_cell.length_c   1.00
_cell.angle_alpha   90.00
_cell.angle_beta   90.00
_cell.angle_gamma   90.00
#
_symmetry.space_group_name_H-M   'P 1'
#
loop_
_entity.id
_entity.type
_entity.pdbx_description
1 polymer Neuroligin-2
2 polymer Neurexin-1
3 non-polymer 2-acetamido-2-deoxy-beta-D-glucopyranose
4 non-polymer 'CALCIUM ION'
#
loop_
_entity_poly.entity_id
_entity_poly.type
_entity_poly.pdbx_seq_one_letter_code
_entity_poly.pdbx_strand_id
1 'polypeptide(L)'
;MALPRCMWPNYVWRAMMACVVHRGSGAPLTLCLLGCLLQTFHVLSQKYPYDVPDYAQRGGGGPGGGAPGGPGLGLGSLGE
ERFPVVNTAYGRVRGVRRELNNEILGPVVQFLGVPYATPPLGARRFQPPEAPASWPGVRNATTLPPACPQNLHGALPAIM
LPVWFTDNLEAAATYVQNQSEDCLYLNLYVPTEDDIRDSGKKPVMLFLHGGSYMEGTGNMFDGSVLAAYGNVIVVTLNYR
LGVLGFLSTGDQAAKGNYGLLDQIQALRWLSENIAHFGGDPERITIFGSGAGASCVNLLILSHHSEGLFQKAIAQSGTAI
SSWSVNYQPLKYTRLLAAKVGCDREDSTEAVECLRRKSSRELVDQDVQPARYHIAFGPVVDGDVVPDDPEILMQQGEFLN
YDMLIGVNQGEGLKFVEDSAESEDGVSASAFDFTVSNFVDNLYGYPEGKDVLRETIKFMYTDWADRDNGEMRRKTLLALF
TDHQWVAPAVATAKLHADYQSPVYFYTFYHHCQAEGRPEWADAAHGDELPYVFGVPMVGATDLFPCNFSKNDVMLSAVVM
TYWTNFAKTGDPNQPVPQDTKFIHTKPNRFEEVVWSKFNSKEKQYLHIGLKPRVRDNYRANKVAFWLELVPHLHNLHTEL
FTTTTRLPPYATRWPPRTPGPGTSGTRRPPPPATLPPESDIDLGPRAYDRFPGDSRDYSTELSVTVAVGASLLFLNILAF
AALYYKRDRRQELRCRRLSPPGGSGSGVPGGGPLLPTAGRELPPEEELVSLQLKRGGGVGADPAEALRPACPPDYTLALR
RAPDDVPLLAPGALTLLPSGLGPPPPPPPPSLHPFGPFPPPPPTATSHNNTLPHPHSTTRVSNSLEVLFQ
;
A,B
2 'polypeptide(L)'
;MYQRMLRCGADLGSPGGGSGGGAGGRLALIWIVPLTLGGLLGVAWGASSLGAHHIHHFHGSSKEFEQKLISEEDLGFEID
KVWHDFPATSPIAIYRSPASLRGGHAGTTYIFSKGGGQITYKWPPNDRPSTRADRLAIGFSTVQKEAVLVRVDSSSGLGD
YLELHIHQGKIGVKFNVGTDDIAIEESNAIINDGKYHVVRFTRSGGNATLQVDSWPVIERYPAGRQLTIFNSQATIIIGG
KEQGQPFQGQLSGLYYNGLKVLNMAAENDANIAIVGNVRLVGEVPSSMTTESTATAMQSEMSTSIMETTTTLATSTARRG
KPPTKEPISQTTDDILVASAECPSDDEDIDPCEPSSGGLANPTRVGGREPYPGSAEVIRESSSTTGMVVGIVAAAALCIL
ILLYAMYKYRNRDEGSYHVDESRNYISNSAQSNGAVVKEKQPSSAKSANKNKKNKDKEYYVSNSLEVLFQ
;
C,D
#
loop_
_chem_comp.id
_chem_comp.type
_chem_comp.name
_chem_comp.formula
CA non-polymer 'CALCIUM ION' 'Ca 2'
NAG D-saccharide, beta linking 2-acetamido-2-deoxy-beta-D-glucopyranose 'C8 H15 N O6'
#
# COMPACT_ATOMS: atom_id res chain seq x y z
N ARG A 82 -46.93 -13.81 39.34
CA ARG A 82 -46.61 -12.97 40.50
C ARG A 82 -46.57 -11.50 40.13
N PHE A 83 -46.17 -10.68 41.10
CA PHE A 83 -46.10 -9.23 40.93
C PHE A 83 -45.11 -8.71 41.97
N PRO A 84 -43.82 -9.08 41.86
CA PRO A 84 -42.91 -8.93 42.99
C PRO A 84 -42.63 -7.47 43.35
N VAL A 85 -42.23 -7.29 44.60
CA VAL A 85 -41.90 -5.98 45.15
C VAL A 85 -40.58 -6.09 45.90
N VAL A 86 -39.71 -5.10 45.72
CA VAL A 86 -38.40 -5.08 46.36
C VAL A 86 -38.24 -3.75 47.09
N ASN A 87 -37.36 -3.75 48.09
CA ASN A 87 -37.19 -2.61 48.98
C ASN A 87 -35.86 -1.95 48.62
N THR A 88 -35.92 -0.87 47.85
CA THR A 88 -34.73 -0.10 47.51
C THR A 88 -34.42 0.88 48.64
N ALA A 89 -33.28 1.57 48.52
CA ALA A 89 -32.87 2.49 49.57
C ALA A 89 -33.75 3.74 49.63
N TYR A 90 -34.56 3.98 48.61
CA TYR A 90 -35.45 5.14 48.57
C TYR A 90 -36.92 4.77 48.69
N GLY A 91 -37.23 3.51 48.95
CA GLY A 91 -38.60 3.07 49.08
C GLY A 91 -38.77 1.67 48.53
N ARG A 92 -40.00 1.36 48.13
CA ARG A 92 -40.35 0.06 47.57
C ARG A 92 -40.98 0.25 46.19
N VAL A 93 -40.60 -0.61 45.26
CA VAL A 93 -41.11 -0.57 43.90
C VAL A 93 -41.69 -1.93 43.55
N ARG A 94 -42.88 -1.94 42.96
CA ARG A 94 -43.55 -3.17 42.58
C ARG A 94 -43.32 -3.44 41.09
N GLY A 95 -42.88 -4.65 40.76
CA GLY A 95 -42.53 -5.01 39.41
C GLY A 95 -43.41 -6.12 38.85
N VAL A 96 -43.24 -6.36 37.55
CA VAL A 96 -44.03 -7.35 36.83
C VAL A 96 -43.15 -8.57 36.52
N ARG A 97 -43.80 -9.64 36.06
CA ARG A 97 -43.17 -10.94 35.85
C ARG A 97 -43.53 -11.51 34.48
N ARG A 98 -43.35 -10.71 33.43
CA ARG A 98 -43.60 -11.19 32.07
C ARG A 98 -42.75 -12.42 31.77
N GLU A 99 -43.38 -13.39 31.09
CA GLU A 99 -42.73 -14.62 30.68
C GLU A 99 -42.39 -14.54 29.19
N LEU A 100 -41.18 -14.98 28.85
CA LEU A 100 -40.70 -14.85 27.48
C LEU A 100 -41.37 -15.86 26.55
N ASN A 101 -41.45 -15.49 25.27
CA ASN A 101 -42.14 -16.32 24.29
C ASN A 101 -41.43 -17.66 24.09
N ASN A 102 -40.11 -17.64 24.01
CA ASN A 102 -39.36 -18.86 23.71
C ASN A 102 -39.47 -19.87 24.85
N GLU A 103 -39.34 -21.13 24.50
CA GLU A 103 -39.50 -22.23 25.44
C GLU A 103 -38.21 -22.61 26.17
N ILE A 104 -37.10 -21.94 25.87
CA ILE A 104 -35.81 -22.25 26.48
C ILE A 104 -35.36 -21.16 27.43
N LEU A 105 -36.24 -20.22 27.76
CA LEU A 105 -35.90 -19.07 28.61
C LEU A 105 -36.85 -19.02 29.80
N GLY A 106 -36.30 -18.70 30.97
CA GLY A 106 -37.09 -18.60 32.17
C GLY A 106 -37.82 -17.28 32.28
N PRO A 107 -38.63 -17.16 33.33
CA PRO A 107 -39.37 -15.91 33.56
C PRO A 107 -38.42 -14.76 33.87
N VAL A 108 -38.87 -13.55 33.55
CA VAL A 108 -38.10 -12.33 33.76
C VAL A 108 -38.97 -11.35 34.55
N VAL A 109 -38.39 -10.76 35.60
CA VAL A 109 -39.07 -9.77 36.42
C VAL A 109 -38.60 -8.39 35.94
N GLN A 110 -39.52 -7.59 35.44
CA GLN A 110 -39.18 -6.27 34.88
C GLN A 110 -39.61 -5.19 35.85
N PHE A 111 -38.65 -4.36 36.27
CA PHE A 111 -38.93 -3.17 37.06
C PHE A 111 -38.64 -1.98 36.15
N LEU A 112 -39.69 -1.41 35.56
CA LEU A 112 -39.55 -0.36 34.56
C LEU A 112 -39.94 0.99 35.16
N GLY A 113 -39.05 1.96 35.04
CA GLY A 113 -39.33 3.32 35.43
C GLY A 113 -38.83 3.76 36.79
N VAL A 114 -37.99 2.98 37.44
CA VAL A 114 -37.48 3.35 38.75
C VAL A 114 -36.59 4.58 38.62
N PRO A 115 -36.89 5.67 39.32
CA PRO A 115 -36.07 6.87 39.19
C PRO A 115 -34.70 6.70 39.83
N TYR A 116 -33.73 7.46 39.33
CA TYR A 116 -32.39 7.47 39.89
C TYR A 116 -31.87 8.87 40.17
N ALA A 117 -32.63 9.92 39.83
CA ALA A 117 -32.18 11.27 40.10
C ALA A 117 -33.39 12.19 40.16
N THR A 118 -33.18 13.35 40.78
CA THR A 118 -34.22 14.37 40.82
C THR A 118 -34.46 14.92 39.41
N PRO A 119 -35.68 15.38 39.13
CA PRO A 119 -36.00 15.80 37.79
C PRO A 119 -35.59 17.24 37.50
N PRO A 120 -34.64 17.43 36.58
CA PRO A 120 -34.09 18.78 36.32
C PRO A 120 -34.97 19.64 35.42
N LEU A 121 -35.97 20.29 36.02
CA LEU A 121 -36.91 21.13 35.26
C LEU A 121 -36.62 22.62 35.44
N GLY A 122 -36.53 23.08 36.68
CA GLY A 122 -36.40 24.51 36.91
C GLY A 122 -34.97 24.99 36.95
N ALA A 123 -34.56 25.57 38.09
CA ALA A 123 -33.17 25.98 38.24
C ALA A 123 -32.22 24.80 38.27
N ARG A 124 -32.74 23.59 38.47
CA ARG A 124 -31.93 22.38 38.41
C ARG A 124 -31.51 22.02 36.99
N ARG A 125 -32.08 22.67 35.99
CA ARG A 125 -31.64 22.47 34.62
C ARG A 125 -30.22 23.03 34.44
N PHE A 126 -29.43 22.35 33.61
CA PHE A 126 -28.02 22.68 33.44
C PHE A 126 -27.26 22.60 34.75
N GLN A 127 -27.63 21.64 35.59
CA GLN A 127 -26.96 21.36 36.85
C GLN A 127 -26.76 19.85 36.97
N PRO A 128 -25.71 19.41 37.66
CA PRO A 128 -25.52 17.98 37.84
C PRO A 128 -26.63 17.37 38.65
N PRO A 129 -26.97 16.11 38.41
CA PRO A 129 -28.11 15.50 39.11
C PRO A 129 -27.79 15.22 40.58
N GLU A 130 -28.85 15.12 41.38
CA GLU A 130 -28.75 14.70 42.77
C GLU A 130 -29.50 13.39 42.97
N ALA A 131 -29.32 12.82 44.16
CA ALA A 131 -30.02 11.59 44.51
C ALA A 131 -31.52 11.84 44.62
N PRO A 132 -32.35 10.81 44.41
CA PRO A 132 -33.79 11.02 44.44
C PRO A 132 -34.32 11.29 45.84
N ALA A 133 -35.64 11.45 45.96
CA ALA A 133 -36.30 11.68 47.24
C ALA A 133 -37.14 10.46 47.61
N SER A 134 -37.05 10.05 48.87
CA SER A 134 -37.75 8.87 49.33
C SER A 134 -39.26 9.07 49.24
N TRP A 135 -39.98 8.02 48.87
CA TRP A 135 -41.41 8.07 48.73
C TRP A 135 -42.07 7.08 49.69
N PRO A 136 -43.00 7.54 50.54
CA PRO A 136 -43.76 6.59 51.35
C PRO A 136 -44.68 5.74 50.49
N GLY A 137 -44.88 4.50 50.92
CA GLY A 137 -45.74 3.59 50.20
C GLY A 137 -44.99 2.74 49.18
N VAL A 138 -45.69 2.29 48.15
CA VAL A 138 -45.12 1.45 47.10
C VAL A 138 -45.34 2.14 45.76
N ARG A 139 -44.27 2.26 44.97
CA ARG A 139 -44.34 2.88 43.66
C ARG A 139 -44.56 1.81 42.59
N ASN A 140 -45.50 2.08 41.69
CA ASN A 140 -45.83 1.16 40.61
C ASN A 140 -44.78 1.32 39.50
N ALA A 141 -43.95 0.31 39.32
CA ALA A 141 -42.96 0.29 38.24
C ALA A 141 -43.36 -0.81 37.27
N THR A 142 -44.27 -0.48 36.36
CA THR A 142 -44.77 -1.42 35.36
C THR A 142 -44.83 -0.86 33.95
N THR A 143 -44.88 0.46 33.78
CA THR A 143 -44.99 1.09 32.47
C THR A 143 -43.69 1.78 32.12
N LEU A 144 -43.37 1.79 30.82
CA LEU A 144 -42.10 2.34 30.37
C LEU A 144 -42.06 3.84 30.65
N PRO A 145 -40.94 4.36 31.13
CA PRO A 145 -40.84 5.78 31.47
C PRO A 145 -40.77 6.63 30.21
N PRO A 146 -41.05 7.92 30.33
CA PRO A 146 -40.95 8.81 29.16
C PRO A 146 -39.50 9.03 28.75
N ALA A 147 -39.33 9.45 27.50
CA ALA A 147 -38.02 9.75 26.94
C ALA A 147 -37.70 11.23 27.11
N CYS A 148 -36.43 11.57 26.94
CA CYS A 148 -35.98 12.95 27.03
C CYS A 148 -36.37 13.72 25.77
N PRO A 149 -36.47 15.05 25.86
CA PRO A 149 -36.84 15.83 24.68
C PRO A 149 -35.85 15.66 23.55
N GLN A 150 -36.36 15.57 22.34
CA GLN A 150 -35.55 15.35 21.15
C GLN A 150 -36.40 15.63 19.91
N ASN A 151 -35.79 16.22 18.90
CA ASN A 151 -36.48 16.55 17.66
C ASN A 151 -36.04 15.53 16.60
N LEU A 152 -36.78 14.43 16.52
CA LEU A 152 -36.43 13.38 15.56
C LEU A 152 -36.56 13.86 14.13
N HIS A 153 -37.62 14.63 13.83
CA HIS A 153 -37.84 15.16 12.48
C HIS A 153 -37.05 16.45 12.28
N GLY A 154 -35.74 16.34 12.51
CA GLY A 154 -34.86 17.50 12.41
C GLY A 154 -33.58 17.22 11.66
N ALA A 155 -32.55 18.00 11.94
CA ALA A 155 -31.25 17.87 11.27
C ALA A 155 -30.31 16.99 12.08
N LEU A 156 -30.73 15.74 12.28
CA LEU A 156 -29.90 14.77 12.97
C LEU A 156 -28.69 14.41 12.10
N PRO A 157 -27.54 14.15 12.72
CA PRO A 157 -26.40 13.64 11.96
C PRO A 157 -26.67 12.23 11.47
N ALA A 158 -26.89 12.08 10.17
CA ALA A 158 -27.33 10.80 9.63
C ALA A 158 -26.16 9.84 9.35
N ILE A 159 -24.92 10.26 9.57
CA ILE A 159 -23.79 9.37 9.31
C ILE A 159 -23.53 8.48 10.52
N MET A 160 -23.56 9.04 11.73
CA MET A 160 -23.23 8.30 12.93
C MET A 160 -24.37 7.46 13.47
N LEU A 161 -25.60 7.68 13.00
CA LEU A 161 -26.73 6.92 13.49
C LEU A 161 -26.66 5.48 13.00
N PRO A 162 -27.17 4.53 13.79
CA PRO A 162 -27.24 3.14 13.33
C PRO A 162 -28.15 3.01 12.12
N VAL A 163 -27.84 2.04 11.27
CA VAL A 163 -28.57 1.88 10.01
C VAL A 163 -30.04 1.55 10.28
N TRP A 164 -30.30 0.65 11.23
CA TRP A 164 -31.67 0.25 11.51
C TRP A 164 -32.49 1.41 12.08
N PHE A 165 -31.83 2.37 12.73
CA PHE A 165 -32.56 3.51 13.27
C PHE A 165 -33.07 4.42 12.16
N THR A 166 -32.20 4.74 11.19
CA THR A 166 -32.61 5.63 10.11
C THR A 166 -33.51 4.92 9.11
N ASP A 167 -33.31 3.62 8.90
CA ASP A 167 -34.20 2.87 8.00
C ASP A 167 -35.62 2.85 8.54
N ASN A 168 -35.79 2.42 9.78
CA ASN A 168 -37.09 2.43 10.45
C ASN A 168 -37.23 3.66 11.35
N LEU A 169 -37.08 4.83 10.73
CA LEU A 169 -37.18 6.08 11.49
C LEU A 169 -38.59 6.32 11.97
N GLU A 170 -39.59 6.00 11.15
CA GLU A 170 -40.98 6.19 11.56
C GLU A 170 -41.39 5.18 12.61
N ALA A 171 -40.87 3.95 12.55
CA ALA A 171 -41.16 2.96 13.57
C ALA A 171 -40.41 3.27 14.86
N ALA A 172 -39.22 3.85 14.76
CA ALA A 172 -38.46 4.20 15.97
C ALA A 172 -39.13 5.34 16.74
N ALA A 173 -39.81 6.24 16.04
CA ALA A 173 -40.51 7.34 16.70
C ALA A 173 -41.69 6.87 17.55
N THR A 174 -42.12 5.61 17.40
CA THR A 174 -43.16 5.08 18.26
C THR A 174 -42.70 5.05 19.72
N TYR A 175 -41.47 4.61 19.97
CA TYR A 175 -40.97 4.51 21.34
C TYR A 175 -40.79 5.88 21.96
N VAL A 176 -40.28 6.84 21.21
CA VAL A 176 -40.07 8.20 21.70
C VAL A 176 -41.28 9.03 21.28
N GLN A 177 -42.30 9.04 22.13
CA GLN A 177 -43.50 9.82 21.91
C GLN A 177 -43.95 10.62 23.12
N ASN A 178 -43.48 10.28 24.32
CA ASN A 178 -43.88 10.94 25.56
C ASN A 178 -42.76 11.83 26.10
N GLN A 179 -42.04 12.50 25.20
CA GLN A 179 -40.88 13.30 25.57
C GLN A 179 -41.19 14.27 26.70
N SER A 180 -40.50 14.10 27.82
CA SER A 180 -40.68 14.95 28.98
C SER A 180 -39.31 15.30 29.56
N GLU A 181 -39.26 16.43 30.27
CA GLU A 181 -37.99 16.91 30.82
C GLU A 181 -37.53 16.10 32.02
N ASP A 182 -38.41 15.33 32.64
CA ASP A 182 -38.09 14.54 33.83
C ASP A 182 -37.74 13.10 33.50
N CYS A 183 -37.11 12.86 32.35
CA CYS A 183 -36.88 11.53 31.80
C CYS A 183 -35.88 10.70 32.59
N LEU A 184 -35.32 11.22 33.69
CA LEU A 184 -34.24 10.50 34.39
C LEU A 184 -34.84 9.31 35.12
N TYR A 185 -34.98 8.21 34.37
CA TYR A 185 -35.46 6.95 34.91
C TYR A 185 -34.59 5.82 34.36
N LEU A 186 -34.81 4.61 34.89
CA LEU A 186 -34.13 3.43 34.39
C LEU A 186 -35.03 2.23 34.63
N ASN A 187 -34.70 1.13 33.95
CA ASN A 187 -35.49 -0.09 34.02
C ASN A 187 -34.57 -1.31 34.06
N LEU A 188 -34.88 -2.23 34.95
CA LEU A 188 -34.10 -3.45 35.17
C LEU A 188 -34.89 -4.67 34.73
N TYR A 189 -34.18 -5.68 34.22
CA TYR A 189 -34.76 -6.94 33.80
C TYR A 189 -34.05 -8.06 34.57
N VAL A 190 -34.55 -8.35 35.77
CA VAL A 190 -33.97 -9.38 36.62
C VAL A 190 -34.37 -10.75 36.09
N PRO A 191 -33.48 -11.74 36.09
CA PRO A 191 -33.89 -13.10 35.72
C PRO A 191 -34.38 -13.90 36.92
N THR A 192 -34.85 -15.12 36.68
CA THR A 192 -35.28 -15.99 37.76
C THR A 192 -34.76 -17.41 37.56
N SER A 199 -22.09 -18.41 39.38
CA SER A 199 -23.02 -19.29 40.09
C SER A 199 -23.31 -18.77 41.49
N GLY A 200 -22.83 -17.55 41.77
CA GLY A 200 -23.09 -16.92 43.05
C GLY A 200 -24.25 -15.94 42.99
N LYS A 201 -23.95 -14.65 43.01
CA LYS A 201 -24.96 -13.64 42.83
C LYS A 201 -25.09 -13.32 41.34
N LYS A 202 -25.90 -12.31 41.01
CA LYS A 202 -25.95 -12.15 39.56
C LYS A 202 -25.19 -10.92 39.13
N PRO A 203 -24.48 -11.00 38.00
CA PRO A 203 -23.84 -9.81 37.45
C PRO A 203 -24.86 -8.84 36.89
N VAL A 204 -24.44 -7.59 36.73
CA VAL A 204 -25.27 -6.54 36.18
C VAL A 204 -24.62 -6.02 34.92
N MET A 205 -25.43 -5.71 33.91
CA MET A 205 -24.95 -5.15 32.65
C MET A 205 -25.78 -3.91 32.34
N LEU A 206 -25.19 -2.74 32.49
CA LEU A 206 -25.83 -1.49 32.11
C LEU A 206 -25.61 -1.25 30.62
N PHE A 207 -26.64 -0.72 29.96
CA PHE A 207 -26.58 -0.45 28.52
C PHE A 207 -26.68 1.06 28.30
N LEU A 208 -25.68 1.61 27.61
CA LEU A 208 -25.67 3.02 27.25
C LEU A 208 -26.10 3.14 25.79
N HIS A 209 -27.20 3.84 25.56
CA HIS A 209 -27.76 3.97 24.22
C HIS A 209 -27.31 5.26 23.56
N GLY A 210 -27.80 5.50 22.34
CA GLY A 210 -27.53 6.72 21.63
C GLY A 210 -26.62 6.53 20.43
N GLY A 211 -27.22 6.50 19.24
CA GLY A 211 -26.41 6.49 18.03
C GLY A 211 -25.63 7.78 17.88
N SER A 212 -26.29 8.91 18.10
CA SER A 212 -25.66 10.20 18.29
C SER A 212 -26.04 10.72 19.67
N TYR A 213 -25.67 11.97 19.95
CA TYR A 213 -25.90 12.54 21.27
C TYR A 213 -27.21 13.30 21.37
N MET A 214 -28.06 13.23 20.35
CA MET A 214 -29.31 13.99 20.33
C MET A 214 -30.55 13.15 20.09
N GLU A 215 -30.45 11.82 20.18
CA GLU A 215 -31.58 10.96 19.84
C GLU A 215 -31.48 9.66 20.60
N GLY A 216 -32.59 8.94 20.64
CA GLY A 216 -32.62 7.59 21.18
C GLY A 216 -33.18 7.55 22.59
N THR A 217 -33.71 6.39 22.96
CA THR A 217 -34.20 6.15 24.31
C THR A 217 -34.01 4.68 24.64
N GLY A 218 -33.99 4.38 25.93
CA GLY A 218 -33.68 3.03 26.38
C GLY A 218 -34.82 2.05 26.31
N ASN A 219 -36.02 2.50 25.97
CA ASN A 219 -37.16 1.60 25.88
C ASN A 219 -37.14 0.71 24.64
N MET A 220 -36.39 1.12 23.61
CA MET A 220 -36.34 0.35 22.37
C MET A 220 -35.73 -1.03 22.60
N PHE A 221 -34.65 -1.09 23.37
CA PHE A 221 -33.88 -2.33 23.54
C PHE A 221 -34.46 -3.10 24.72
N ASP A 222 -35.41 -3.99 24.43
CA ASP A 222 -36.04 -4.80 25.46
C ASP A 222 -35.07 -5.89 25.87
N GLY A 223 -34.18 -5.55 26.81
CA GLY A 223 -33.18 -6.49 27.25
C GLY A 223 -33.70 -7.54 28.21
N SER A 224 -34.75 -8.26 27.79
CA SER A 224 -35.33 -9.32 28.59
C SER A 224 -34.95 -10.71 28.11
N VAL A 225 -34.66 -10.86 26.81
CA VAL A 225 -34.16 -12.13 26.30
C VAL A 225 -32.74 -12.37 26.78
N LEU A 226 -31.91 -11.33 26.79
CA LEU A 226 -30.55 -11.46 27.26
C LEU A 226 -30.49 -11.78 28.74
N ALA A 227 -31.41 -11.20 29.53
CA ALA A 227 -31.38 -11.40 30.98
C ALA A 227 -31.66 -12.84 31.35
N ALA A 228 -32.65 -13.47 30.71
CA ALA A 228 -33.05 -14.83 31.07
C ALA A 228 -32.12 -15.88 30.50
N TYR A 229 -31.25 -15.53 29.56
CA TYR A 229 -30.33 -16.49 28.95
C TYR A 229 -29.06 -16.64 29.77
N GLY A 230 -28.33 -15.54 29.98
CA GLY A 230 -27.09 -15.56 30.71
C GLY A 230 -27.22 -15.40 32.21
N ASN A 231 -28.44 -15.37 32.75
CA ASN A 231 -28.67 -15.21 34.18
C ASN A 231 -28.00 -13.93 34.70
N VAL A 232 -28.12 -12.85 33.93
CA VAL A 232 -27.56 -11.56 34.32
C VAL A 232 -28.70 -10.55 34.39
N ILE A 233 -28.45 -9.47 35.13
CA ILE A 233 -29.42 -8.40 35.30
C ILE A 233 -29.10 -7.31 34.29
N VAL A 234 -29.92 -7.18 33.26
CA VAL A 234 -29.72 -6.17 32.23
C VAL A 234 -30.47 -4.91 32.63
N VAL A 235 -29.77 -3.79 32.64
CA VAL A 235 -30.35 -2.51 33.04
C VAL A 235 -30.21 -1.54 31.88
N THR A 236 -31.28 -0.78 31.61
CA THR A 236 -31.25 0.28 30.62
C THR A 236 -31.73 1.55 31.29
N LEU A 237 -31.37 2.70 30.72
CA LEU A 237 -31.60 3.97 31.39
C LEU A 237 -32.01 5.02 30.37
N ASN A 238 -32.39 6.19 30.89
CA ASN A 238 -32.61 7.39 30.08
C ASN A 238 -31.78 8.51 30.69
N TYR A 239 -31.04 9.22 29.84
CA TYR A 239 -30.23 10.34 30.27
C TYR A 239 -30.47 11.50 29.33
N ARG A 240 -30.19 12.71 29.82
CA ARG A 240 -30.45 13.92 29.04
C ARG A 240 -29.59 13.91 27.77
N LEU A 241 -30.23 14.18 26.63
CA LEU A 241 -29.55 14.21 25.36
C LEU A 241 -29.70 15.57 24.70
N GLY A 242 -28.78 15.89 23.79
CA GLY A 242 -28.89 17.12 23.05
C GLY A 242 -28.61 18.34 23.92
N VAL A 243 -29.34 19.41 23.63
CA VAL A 243 -29.09 20.70 24.28
C VAL A 243 -29.30 20.59 25.78
N LEU A 244 -30.38 19.93 26.20
CA LEU A 244 -30.64 19.77 27.62
C LEU A 244 -29.56 18.96 28.32
N GLY A 245 -28.74 18.22 27.58
CA GLY A 245 -27.77 17.33 28.18
C GLY A 245 -26.34 17.78 28.11
N PHE A 246 -25.93 18.42 27.01
CA PHE A 246 -24.52 18.69 26.77
C PHE A 246 -24.23 20.14 26.41
N LEU A 247 -25.16 21.07 26.69
CA LEU A 247 -24.88 22.47 26.45
C LEU A 247 -23.80 22.97 27.39
N SER A 248 -22.85 23.72 26.83
CA SER A 248 -21.73 24.24 27.62
C SER A 248 -21.16 25.45 26.94
N THR A 249 -20.38 26.22 27.70
CA THR A 249 -19.71 27.42 27.19
C THR A 249 -18.22 27.44 27.42
N GLY A 250 -17.71 26.74 28.43
CA GLY A 250 -16.29 26.73 28.69
C GLY A 250 -15.93 27.18 30.10
N ASP A 251 -16.66 28.16 30.61
CA ASP A 251 -16.41 28.69 31.94
C ASP A 251 -17.26 27.94 32.96
N GLN A 252 -17.30 28.44 34.19
CA GLN A 252 -18.05 27.80 35.26
C GLN A 252 -19.55 28.05 35.18
N ALA A 253 -20.00 28.92 34.27
CA ALA A 253 -21.43 29.18 34.14
C ALA A 253 -22.18 27.93 33.70
N ALA A 254 -21.64 27.19 32.73
CA ALA A 254 -22.25 25.95 32.27
C ALA A 254 -21.11 25.03 31.82
N LYS A 255 -20.68 24.15 32.73
CA LYS A 255 -19.57 23.25 32.43
C LYS A 255 -19.95 22.25 31.34
N GLY A 256 -21.15 21.70 31.40
CA GLY A 256 -21.62 20.75 30.42
C GLY A 256 -21.49 19.32 30.88
N ASN A 257 -21.65 18.42 29.91
CA ASN A 257 -21.58 16.98 30.15
C ASN A 257 -22.57 16.53 31.22
N TYR A 258 -23.78 17.09 31.19
CA TYR A 258 -24.79 16.69 32.15
C TYR A 258 -25.32 15.30 31.86
N GLY A 259 -25.28 14.87 30.60
CA GLY A 259 -25.65 13.49 30.29
C GLY A 259 -24.68 12.48 30.87
N LEU A 260 -23.38 12.79 30.81
CA LEU A 260 -22.40 11.92 31.44
C LEU A 260 -22.60 11.85 32.94
N LEU A 261 -22.92 12.98 33.57
CA LEU A 261 -23.19 12.98 35.00
C LEU A 261 -24.47 12.23 35.34
N ASP A 262 -25.48 12.27 34.46
CA ASP A 262 -26.68 11.46 34.67
C ASP A 262 -26.35 9.98 34.58
N GLN A 263 -25.50 9.60 33.63
CA GLN A 263 -25.07 8.21 33.52
C GLN A 263 -24.31 7.77 34.77
N ILE A 264 -23.45 8.65 35.29
CA ILE A 264 -22.69 8.32 36.50
C ILE A 264 -23.62 8.22 37.70
N GLN A 265 -24.65 9.07 37.76
CA GLN A 265 -25.63 8.97 38.84
C GLN A 265 -26.40 7.65 38.75
N ALA A 266 -26.76 7.23 37.54
CA ALA A 266 -27.41 5.93 37.38
C ALA A 266 -26.48 4.81 37.85
N LEU A 267 -25.20 4.89 37.48
CA LEU A 267 -24.25 3.88 37.92
C LEU A 267 -24.13 3.86 39.44
N ARG A 268 -24.16 5.04 40.07
CA ARG A 268 -24.12 5.10 41.53
C ARG A 268 -25.37 4.47 42.15
N TRP A 269 -26.54 4.72 41.56
CA TRP A 269 -27.77 4.10 42.05
C TRP A 269 -27.69 2.60 41.96
N LEU A 270 -27.20 2.07 40.83
CA LEU A 270 -27.00 0.63 40.73
C LEU A 270 -25.98 0.13 41.76
N SER A 271 -24.90 0.88 41.97
CA SER A 271 -23.87 0.44 42.90
C SER A 271 -24.41 0.33 44.32
N GLU A 272 -25.23 1.28 44.74
CA GLU A 272 -25.69 1.32 46.12
C GLU A 272 -27.08 0.71 46.33
N ASN A 273 -27.75 0.24 45.28
CA ASN A 273 -29.09 -0.31 45.43
C ASN A 273 -29.34 -1.64 44.72
N ILE A 274 -28.35 -2.19 43.99
CA ILE A 274 -28.59 -3.42 43.25
C ILE A 274 -28.52 -4.67 44.12
N ALA A 275 -28.00 -4.56 45.34
CA ALA A 275 -27.93 -5.73 46.21
C ALA A 275 -29.32 -6.27 46.54
N HIS A 276 -30.28 -5.37 46.74
CA HIS A 276 -31.63 -5.79 47.12
C HIS A 276 -32.29 -6.58 46.00
N PHE A 277 -32.10 -6.16 44.74
CA PHE A 277 -32.72 -6.83 43.61
C PHE A 277 -32.14 -8.22 43.36
N GLY A 278 -31.02 -8.57 44.00
CA GLY A 278 -30.39 -9.85 43.77
C GLY A 278 -29.15 -9.80 42.91
N GLY A 279 -28.68 -8.61 42.52
CA GLY A 279 -27.49 -8.51 41.72
C GLY A 279 -26.22 -8.40 42.55
N ASP A 280 -25.09 -8.40 41.85
CA ASP A 280 -23.78 -8.28 42.49
C ASP A 280 -23.23 -6.88 42.23
N PRO A 281 -23.09 -6.03 43.24
CA PRO A 281 -22.65 -4.65 43.01
C PRO A 281 -21.17 -4.50 42.72
N GLU A 282 -20.42 -5.60 42.59
CA GLU A 282 -19.01 -5.54 42.26
C GLU A 282 -18.68 -6.27 40.96
N ARG A 283 -19.68 -6.56 40.13
CA ARG A 283 -19.50 -7.22 38.85
C ARG A 283 -20.33 -6.52 37.78
N ILE A 284 -20.25 -5.19 37.75
CA ILE A 284 -21.10 -4.36 36.91
C ILE A 284 -20.36 -4.07 35.61
N THR A 285 -20.79 -4.73 34.53
CA THR A 285 -20.34 -4.39 33.19
C THR A 285 -21.17 -3.24 32.63
N ILE A 286 -20.54 -2.43 31.79
CA ILE A 286 -21.20 -1.31 31.14
C ILE A 286 -20.88 -1.39 29.65
N PHE A 287 -21.92 -1.55 28.82
CA PHE A 287 -21.72 -1.73 27.39
C PHE A 287 -22.68 -0.86 26.60
N GLY A 288 -22.28 -0.54 25.37
CA GLY A 288 -23.10 0.28 24.50
C GLY A 288 -22.55 0.26 23.10
N SER A 289 -23.40 0.65 22.15
CA SER A 289 -23.04 0.67 20.74
C SER A 289 -23.26 2.06 20.17
N GLY A 290 -22.32 2.51 19.35
CA GLY A 290 -22.40 3.83 18.75
C GLY A 290 -21.86 4.91 19.67
N ALA A 291 -22.49 6.08 19.65
CA ALA A 291 -22.05 7.18 20.50
C ALA A 291 -22.12 6.82 21.97
N GLY A 292 -23.10 5.98 22.34
CA GLY A 292 -23.15 5.49 23.71
C GLY A 292 -21.87 4.77 24.11
N ALA A 293 -21.30 3.98 23.18
CA ALA A 293 -20.02 3.34 23.45
C ALA A 293 -18.95 4.38 23.73
N SER A 294 -18.99 5.51 23.02
CA SER A 294 -18.07 6.60 23.32
C SER A 294 -18.20 7.04 24.77
N CYS A 295 -19.44 7.13 25.27
CA CYS A 295 -19.64 7.46 26.68
C CYS A 295 -18.91 6.47 27.57
N VAL A 296 -18.98 5.18 27.23
CA VAL A 296 -18.23 4.18 27.98
C VAL A 296 -16.75 4.52 27.99
N ASN A 297 -16.20 4.84 26.81
CA ASN A 297 -14.79 5.17 26.74
C ASN A 297 -14.48 6.55 27.32
N LEU A 298 -15.50 7.32 27.69
CA LEU A 298 -15.29 8.52 28.48
C LEU A 298 -15.60 8.31 29.96
N LEU A 299 -16.28 7.22 30.30
CA LEU A 299 -16.47 6.86 31.70
C LEU A 299 -15.30 6.08 32.27
N ILE A 300 -14.32 5.73 31.43
CA ILE A 300 -13.11 5.08 31.89
C ILE A 300 -12.04 6.09 32.29
N LEU A 301 -11.88 7.13 31.48
CA LEU A 301 -10.92 8.20 31.74
C LEU A 301 -11.48 9.27 32.67
N SER A 302 -12.56 8.99 33.38
CA SER A 302 -13.25 9.97 34.19
C SER A 302 -12.92 9.76 35.66
N HIS A 303 -12.55 10.84 36.34
CA HIS A 303 -12.26 10.78 37.78
C HIS A 303 -13.50 10.42 38.59
N HIS A 304 -14.69 10.77 38.09
CA HIS A 304 -15.90 10.61 38.88
C HIS A 304 -16.27 9.15 39.08
N SER A 305 -16.14 8.32 38.04
CA SER A 305 -16.52 6.92 38.10
C SER A 305 -15.28 6.08 38.40
N GLU A 306 -14.98 5.92 39.68
CA GLU A 306 -13.81 5.17 40.11
C GLU A 306 -14.14 3.71 40.42
N GLY A 307 -15.02 3.48 41.38
CA GLY A 307 -15.39 2.14 41.80
C GLY A 307 -16.76 1.67 41.38
N LEU A 308 -17.43 2.36 40.46
CA LEU A 308 -18.82 2.03 40.14
C LEU A 308 -18.91 0.75 39.31
N PHE A 309 -18.01 0.58 38.34
CA PHE A 309 -18.01 -0.58 37.47
C PHE A 309 -16.60 -1.15 37.37
N GLN A 310 -16.49 -2.30 36.70
CA GLN A 310 -15.22 -3.00 36.61
C GLN A 310 -14.85 -3.36 35.19
N LYS A 311 -15.84 -3.63 34.35
CA LYS A 311 -15.62 -4.06 32.97
C LYS A 311 -16.35 -3.16 32.00
N ALA A 312 -15.85 -3.11 30.76
CA ALA A 312 -16.44 -2.27 29.73
C ALA A 312 -16.44 -3.03 28.41
N ILE A 313 -17.57 -2.96 27.70
CA ILE A 313 -17.71 -3.55 26.38
C ILE A 313 -18.09 -2.42 25.44
N ALA A 314 -17.14 -1.97 24.62
CA ALA A 314 -17.34 -0.85 23.71
C ALA A 314 -17.36 -1.39 22.29
N GLN A 315 -18.56 -1.61 21.76
CA GLN A 315 -18.73 -2.17 20.42
C GLN A 315 -19.03 -1.04 19.43
N SER A 316 -18.19 -0.92 18.41
CA SER A 316 -18.36 0.06 17.34
C SER A 316 -18.40 1.49 17.90
N GLY A 317 -17.36 1.84 18.66
CA GLY A 317 -17.30 3.16 19.25
C GLY A 317 -16.01 3.44 20.00
N THR A 318 -15.51 4.66 19.89
CA THR A 318 -14.28 5.07 20.55
C THR A 318 -14.45 6.47 21.10
N ALA A 319 -13.52 6.89 21.95
CA ALA A 319 -13.50 8.23 22.49
C ALA A 319 -12.49 9.14 21.79
N ILE A 320 -11.82 8.64 20.75
CA ILE A 320 -10.77 9.40 20.07
C ILE A 320 -11.10 9.66 18.61
N SER A 321 -12.31 9.33 18.17
CA SER A 321 -12.72 9.60 16.80
C SER A 321 -13.10 11.07 16.65
N SER A 322 -13.50 11.45 15.44
CA SER A 322 -13.75 12.86 15.16
C SER A 322 -15.06 13.35 15.78
N TRP A 323 -16.06 12.47 15.92
CA TRP A 323 -17.37 12.85 16.41
C TRP A 323 -17.67 12.30 17.80
N SER A 324 -16.64 12.11 18.62
CA SER A 324 -16.84 11.57 19.95
C SER A 324 -16.96 12.66 21.01
N VAL A 325 -16.18 13.74 20.88
CA VAL A 325 -16.24 14.86 21.79
C VAL A 325 -16.31 16.15 20.98
N ASN A 326 -16.75 17.21 21.65
CA ASN A 326 -16.94 18.52 21.03
C ASN A 326 -15.87 19.48 21.54
N TYR A 327 -15.00 19.93 20.64
CA TYR A 327 -13.90 20.81 21.00
C TYR A 327 -14.20 22.28 20.85
N GLN A 328 -15.36 22.64 20.29
CA GLN A 328 -15.77 24.03 20.12
C GLN A 328 -17.19 24.21 20.63
N PRO A 329 -17.38 24.19 21.95
CA PRO A 329 -18.74 24.28 22.51
C PRO A 329 -19.29 25.69 22.49
N LEU A 330 -18.41 26.69 22.67
CA LEU A 330 -18.88 28.06 22.81
C LEU A 330 -19.53 28.56 21.53
N LYS A 331 -18.96 28.21 20.37
CA LYS A 331 -19.51 28.68 19.11
C LYS A 331 -20.94 28.19 18.91
N TYR A 332 -21.17 26.89 19.05
CA TYR A 332 -22.50 26.33 18.84
C TYR A 332 -23.46 26.80 19.94
N THR A 333 -22.98 26.92 21.17
CA THR A 333 -23.84 27.41 22.24
C THR A 333 -24.30 28.83 21.98
N ARG A 334 -23.39 29.70 21.56
CA ARG A 334 -23.76 31.08 21.26
C ARG A 334 -24.69 31.17 20.06
N LEU A 335 -24.43 30.36 19.02
CA LEU A 335 -25.31 30.37 17.86
C LEU A 335 -26.71 29.90 18.24
N LEU A 336 -26.81 28.86 19.05
CA LEU A 336 -28.12 28.39 19.51
C LEU A 336 -28.81 29.43 20.37
N ALA A 337 -28.06 30.10 21.26
CA ALA A 337 -28.66 31.15 22.09
C ALA A 337 -29.21 32.28 21.23
N ALA A 338 -28.46 32.69 20.20
CA ALA A 338 -28.95 33.72 19.30
C ALA A 338 -30.20 33.26 18.56
N LYS A 339 -30.21 32.00 18.11
CA LYS A 339 -31.36 31.51 17.36
C LYS A 339 -32.60 31.37 18.22
N VAL A 340 -32.43 30.96 19.48
CA VAL A 340 -33.58 30.66 20.33
C VAL A 340 -34.25 31.93 20.83
N GLY A 341 -33.53 33.04 20.90
CA GLY A 341 -34.16 34.30 21.27
C GLY A 341 -33.35 35.25 22.13
N CYS A 342 -32.32 34.75 22.82
CA CYS A 342 -31.52 35.63 23.66
C CYS A 342 -30.06 35.20 23.59
N ASP A 343 -29.19 36.13 23.18
CA ASP A 343 -27.74 35.92 23.15
C ASP A 343 -27.14 37.12 23.86
N ARG A 344 -27.00 37.02 25.18
CA ARG A 344 -26.36 38.08 25.96
C ARG A 344 -24.84 37.89 25.94
N GLU A 345 -24.12 39.01 25.89
CA GLU A 345 -22.67 38.97 25.75
C GLU A 345 -21.99 38.33 26.97
N ASP A 346 -22.69 38.27 28.10
CA ASP A 346 -22.18 37.60 29.28
C ASP A 346 -22.74 36.18 29.33
N SER A 347 -21.86 35.20 29.60
CA SER A 347 -22.28 33.81 29.58
C SER A 347 -23.34 33.53 30.65
N THR A 348 -23.16 34.11 31.84
CA THR A 348 -24.12 33.86 32.91
C THR A 348 -25.51 34.37 32.56
N GLU A 349 -25.59 35.57 31.96
CA GLU A 349 -26.89 36.12 31.58
C GLU A 349 -27.57 35.26 30.53
N ALA A 350 -26.81 34.82 29.51
CA ALA A 350 -27.39 33.98 28.48
C ALA A 350 -27.87 32.65 29.04
N VAL A 351 -27.08 32.04 29.93
CA VAL A 351 -27.46 30.78 30.55
C VAL A 351 -28.72 30.96 31.38
N GLU A 352 -28.80 32.06 32.13
CA GLU A 352 -29.98 32.31 32.96
C GLU A 352 -31.21 32.53 32.10
N CYS A 353 -31.06 33.22 30.97
CA CYS A 353 -32.19 33.38 30.05
C CYS A 353 -32.62 32.04 29.47
N LEU A 354 -31.64 31.20 29.12
CA LEU A 354 -31.96 29.88 28.56
C LEU A 354 -32.70 29.02 29.58
N ARG A 355 -32.33 29.12 30.86
CA ARG A 355 -32.97 28.32 31.89
C ARG A 355 -34.45 28.63 32.04
N ARG A 356 -34.89 29.80 31.58
CA ARG A 356 -36.29 30.20 31.68
C ARG A 356 -37.11 29.84 30.44
N LYS A 357 -36.48 29.21 29.45
CA LYS A 357 -37.15 28.86 28.20
C LYS A 357 -37.58 27.40 28.23
N SER A 358 -38.75 27.12 27.66
CA SER A 358 -39.28 25.77 27.67
C SER A 358 -38.43 24.85 26.80
N SER A 359 -38.50 23.55 27.11
CA SER A 359 -37.66 22.58 26.42
C SER A 359 -38.04 22.44 24.95
N ARG A 360 -39.32 22.58 24.62
CA ARG A 360 -39.76 22.33 23.26
C ARG A 360 -39.25 23.39 22.29
N GLU A 361 -39.11 24.64 22.74
CA GLU A 361 -38.73 25.71 21.82
C GLU A 361 -37.22 25.82 21.64
N LEU A 362 -36.42 25.13 22.46
CA LEU A 362 -34.98 25.11 22.29
C LEU A 362 -34.44 23.77 21.85
N VAL A 363 -35.17 22.68 22.08
CA VAL A 363 -34.81 21.40 21.48
C VAL A 363 -35.09 21.41 19.98
N ASP A 364 -36.20 22.03 19.58
CA ASP A 364 -36.66 22.01 18.20
C ASP A 364 -35.88 22.98 17.30
N GLN A 365 -34.75 23.51 17.76
CA GLN A 365 -33.96 24.41 16.93
C GLN A 365 -33.23 23.62 15.84
N ASP A 366 -32.45 24.35 15.05
CA ASP A 366 -31.69 23.77 13.94
C ASP A 366 -30.28 24.36 13.98
N VAL A 367 -29.38 23.69 14.70
CA VAL A 367 -27.98 24.08 14.78
C VAL A 367 -27.18 23.03 14.02
N GLN A 368 -26.53 23.45 12.94
CA GLN A 368 -25.86 22.53 12.04
C GLN A 368 -24.37 22.49 12.35
N PRO A 369 -23.83 21.34 12.77
CA PRO A 369 -22.39 21.24 12.98
C PRO A 369 -21.66 21.04 11.65
N ALA A 370 -20.34 21.21 11.71
CA ALA A 370 -19.51 20.87 10.58
C ALA A 370 -19.60 19.38 10.30
N ARG A 371 -19.38 19.00 9.04
CA ARG A 371 -19.56 17.60 8.65
C ARG A 371 -18.57 16.71 9.39
N TYR A 372 -19.03 15.50 9.71
CA TYR A 372 -18.27 14.53 10.49
C TYR A 372 -17.89 15.08 11.86
N HIS A 373 -18.76 15.92 12.43
CA HIS A 373 -18.56 16.48 13.76
C HIS A 373 -19.92 16.52 14.46
N ILE A 374 -19.93 17.03 15.69
CA ILE A 374 -21.16 17.16 16.47
C ILE A 374 -21.25 18.57 17.02
N ALA A 375 -22.48 19.04 17.19
CA ALA A 375 -22.73 20.36 17.77
C ALA A 375 -22.77 20.32 19.29
N PHE A 376 -23.63 19.48 19.85
CA PHE A 376 -23.76 19.31 21.30
C PHE A 376 -23.31 17.91 21.66
N GLY A 377 -22.31 17.83 22.54
CA GLY A 377 -21.75 16.57 22.96
C GLY A 377 -20.83 16.75 24.15
N PRO A 378 -20.13 15.68 24.53
CA PRO A 378 -19.19 15.80 25.66
C PRO A 378 -18.11 16.82 25.37
N VAL A 379 -17.74 17.58 26.40
CA VAL A 379 -16.77 18.66 26.28
C VAL A 379 -15.67 18.43 27.29
N VAL A 380 -14.43 18.72 26.90
CA VAL A 380 -13.30 18.64 27.81
C VAL A 380 -13.32 19.86 28.72
N ASP A 381 -13.65 19.66 29.98
CA ASP A 381 -13.79 20.74 30.95
C ASP A 381 -12.76 20.67 32.07
N GLY A 382 -12.61 19.50 32.69
CA GLY A 382 -11.70 19.36 33.81
C GLY A 382 -12.30 18.53 34.92
N ASP A 383 -13.62 18.43 34.93
CA ASP A 383 -14.34 17.68 35.97
C ASP A 383 -14.61 16.23 35.54
N VAL A 384 -15.35 16.06 34.45
CA VAL A 384 -15.73 14.72 34.00
C VAL A 384 -14.73 14.16 32.99
N VAL A 385 -14.31 14.98 32.04
CA VAL A 385 -13.27 14.62 31.09
C VAL A 385 -12.08 15.54 31.33
N PRO A 386 -11.06 15.07 32.05
CA PRO A 386 -9.97 15.99 32.48
C PRO A 386 -9.24 16.65 31.33
N ASP A 387 -9.03 15.96 30.22
CA ASP A 387 -8.24 16.50 29.11
C ASP A 387 -8.67 15.80 27.83
N ASP A 388 -7.95 16.10 26.75
CA ASP A 388 -8.22 15.48 25.46
C ASP A 388 -8.09 13.96 25.59
N PRO A 389 -9.11 13.19 25.23
CA PRO A 389 -9.03 11.73 25.43
C PRO A 389 -7.86 11.07 24.73
N GLU A 390 -7.44 11.58 23.58
CA GLU A 390 -6.27 11.00 22.91
C GLU A 390 -5.01 11.21 23.74
N ILE A 391 -4.83 12.41 24.28
CA ILE A 391 -3.68 12.69 25.14
C ILE A 391 -3.83 11.97 26.47
N LEU A 392 -5.04 11.95 27.03
CA LEU A 392 -5.25 11.41 28.37
C LEU A 392 -4.92 9.93 28.44
N MET A 393 -5.34 9.17 27.44
CA MET A 393 -5.18 7.72 27.49
C MET A 393 -3.79 7.26 27.05
N GLN A 394 -2.99 8.14 26.44
CA GLN A 394 -1.61 7.78 26.12
C GLN A 394 -0.72 7.74 27.36
N GLN A 395 -1.10 8.47 28.40
CA GLN A 395 -0.32 8.55 29.63
C GLN A 395 -0.85 7.64 30.72
N GLY A 396 -1.70 6.68 30.37
CA GLY A 396 -2.20 5.70 31.32
C GLY A 396 -3.06 6.25 32.42
N GLU A 397 -4.01 7.12 32.08
CA GLU A 397 -4.92 7.71 33.06
C GLU A 397 -6.23 6.92 33.12
N PHE A 398 -6.12 5.63 33.45
CA PHE A 398 -7.29 4.79 33.62
C PHE A 398 -6.99 3.74 34.68
N LEU A 399 -8.05 3.15 35.24
CA LEU A 399 -7.96 2.33 36.45
C LEU A 399 -8.08 0.83 36.16
N ASN A 400 -7.53 0.34 35.05
CA ASN A 400 -7.39 -1.09 34.79
C ASN A 400 -8.75 -1.79 34.76
N TYR A 401 -9.55 -1.41 33.78
CA TYR A 401 -10.83 -2.06 33.51
C TYR A 401 -10.67 -3.09 32.40
N ASP A 402 -11.24 -4.26 32.59
CA ASP A 402 -11.30 -5.24 31.51
C ASP A 402 -12.11 -4.68 30.35
N MET A 403 -11.69 -4.99 29.13
CA MET A 403 -12.24 -4.33 27.95
C MET A 403 -12.55 -5.36 26.87
N LEU A 404 -13.61 -5.07 26.10
CA LEU A 404 -14.01 -5.90 24.97
C LEU A 404 -14.43 -4.96 23.85
N ILE A 405 -13.51 -4.68 22.94
CA ILE A 405 -13.73 -3.76 21.83
C ILE A 405 -14.12 -4.57 20.60
N GLY A 406 -14.88 -3.95 19.71
CA GLY A 406 -15.22 -4.61 18.47
C GLY A 406 -15.58 -3.62 17.38
N VAL A 407 -15.51 -4.12 16.15
CA VAL A 407 -15.89 -3.37 14.97
C VAL A 407 -16.68 -4.30 14.05
N ASN A 408 -17.16 -3.76 12.94
CA ASN A 408 -17.82 -4.54 11.90
C ASN A 408 -16.99 -4.47 10.62
N GLN A 409 -17.42 -5.21 9.60
CA GLN A 409 -16.66 -5.22 8.35
C GLN A 409 -16.81 -3.90 7.62
N GLY A 410 -18.03 -3.55 7.23
CA GLY A 410 -18.29 -2.26 6.63
C GLY A 410 -19.34 -1.47 7.38
N GLU A 411 -18.92 -0.39 8.04
CA GLU A 411 -19.83 0.43 8.83
C GLU A 411 -20.16 1.76 8.18
N GLY A 412 -19.34 2.24 7.26
CA GLY A 412 -19.65 3.47 6.56
C GLY A 412 -20.60 3.24 5.41
N LEU A 413 -21.63 2.42 5.63
CA LEU A 413 -22.58 2.13 4.56
C LEU A 413 -23.33 3.37 4.10
N LYS A 414 -23.43 4.38 4.97
CA LYS A 414 -24.08 5.63 4.60
C LYS A 414 -23.11 6.68 4.09
N PHE A 415 -21.81 6.36 4.01
CA PHE A 415 -20.88 7.22 3.29
C PHE A 415 -21.14 7.16 1.80
N VAL A 416 -21.29 5.95 1.25
CA VAL A 416 -21.70 5.77 -0.15
C VAL A 416 -23.22 5.67 -0.14
N GLU A 417 -23.86 6.84 -0.14
CA GLU A 417 -25.32 6.93 -0.16
C GLU A 417 -25.85 7.59 -1.42
N ASP A 418 -25.09 8.47 -2.05
CA ASP A 418 -25.49 9.07 -3.31
C ASP A 418 -25.22 8.17 -4.51
N SER A 419 -24.58 7.03 -4.30
CA SER A 419 -24.24 6.09 -5.36
C SER A 419 -24.58 4.66 -4.95
N ALA A 420 -25.73 4.47 -4.32
CA ALA A 420 -26.18 3.15 -3.92
C ALA A 420 -27.28 2.60 -4.81
N GLU A 421 -27.85 3.43 -5.69
CA GLU A 421 -28.90 3.01 -6.61
C GLU A 421 -28.44 3.14 -8.05
N SER A 422 -27.18 2.77 -8.31
CA SER A 422 -26.61 2.78 -9.65
C SER A 422 -26.18 1.38 -10.02
N GLU A 423 -26.32 1.05 -11.31
CA GLU A 423 -25.98 -0.29 -11.79
C GLU A 423 -24.51 -0.61 -11.56
N ASP A 424 -23.63 0.32 -11.91
CA ASP A 424 -22.21 0.19 -11.63
C ASP A 424 -21.90 0.85 -10.29
N GLY A 425 -20.62 1.03 -9.97
CA GLY A 425 -20.25 1.67 -8.73
C GLY A 425 -20.21 3.18 -8.85
N VAL A 426 -19.06 3.79 -8.59
CA VAL A 426 -18.91 5.23 -8.70
C VAL A 426 -18.00 5.54 -9.89
N SER A 427 -18.13 6.77 -10.39
CA SER A 427 -17.32 7.21 -11.51
C SER A 427 -15.92 7.60 -11.05
N ALA A 428 -15.00 7.65 -12.01
CA ALA A 428 -13.62 8.01 -11.69
C ALA A 428 -13.54 9.44 -11.17
N SER A 429 -14.28 10.36 -11.80
CA SER A 429 -14.34 11.73 -11.30
C SER A 429 -15.20 11.86 -10.06
N ALA A 430 -16.04 10.87 -9.78
CA ALA A 430 -16.82 10.84 -8.55
C ALA A 430 -16.11 10.11 -7.42
N PHE A 431 -14.91 9.57 -7.67
CA PHE A 431 -14.12 8.96 -6.62
C PHE A 431 -13.12 9.93 -6.02
N ASP A 432 -12.58 10.84 -6.82
CA ASP A 432 -11.68 11.88 -6.33
C ASP A 432 -12.42 13.11 -5.85
N PHE A 433 -13.76 13.13 -5.95
CA PHE A 433 -14.57 14.20 -5.39
C PHE A 433 -14.99 13.89 -3.96
N THR A 434 -15.45 12.65 -3.72
CA THR A 434 -15.76 12.24 -2.35
C THR A 434 -14.52 12.25 -1.48
N VAL A 435 -13.40 11.75 -1.99
CA VAL A 435 -12.15 11.75 -1.23
C VAL A 435 -11.69 13.17 -0.97
N SER A 436 -11.81 14.05 -1.96
CA SER A 436 -11.42 15.44 -1.76
C SER A 436 -12.27 16.11 -0.69
N ASN A 437 -13.59 15.93 -0.76
CA ASN A 437 -14.47 16.51 0.25
C ASN A 437 -14.18 15.95 1.62
N PHE A 438 -13.89 14.65 1.70
CA PHE A 438 -13.45 14.01 2.93
C PHE A 438 -12.24 14.73 3.50
N VAL A 439 -11.25 15.00 2.64
CA VAL A 439 -10.00 15.63 3.10
C VAL A 439 -10.28 17.05 3.60
N ASP A 440 -11.06 17.83 2.86
CA ASP A 440 -11.32 19.20 3.31
C ASP A 440 -12.12 19.21 4.60
N ASN A 441 -13.11 18.31 4.73
CA ASN A 441 -13.97 18.31 5.91
C ASN A 441 -13.18 17.88 7.15
N LEU A 442 -12.32 16.87 7.02
CA LEU A 442 -11.67 16.32 8.20
C LEU A 442 -10.32 16.97 8.49
N TYR A 443 -9.38 16.88 7.56
CA TYR A 443 -8.03 17.38 7.82
C TYR A 443 -7.91 18.88 7.58
N GLY A 444 -8.10 19.31 6.33
CA GLY A 444 -8.10 20.73 6.01
C GLY A 444 -6.83 21.46 6.37
N TYR A 445 -5.71 20.77 6.43
CA TYR A 445 -4.45 21.42 6.78
C TYR A 445 -4.01 22.37 5.68
N PRO A 446 -3.56 23.59 6.01
CA PRO A 446 -3.02 24.47 4.97
C PRO A 446 -1.57 24.19 4.63
N GLU A 447 -0.84 23.48 5.49
CA GLU A 447 0.57 23.18 5.20
C GLU A 447 0.69 22.31 3.96
N GLY A 448 -0.17 21.30 3.84
CA GLY A 448 -0.19 20.47 2.65
C GLY A 448 -1.39 19.56 2.58
N LYS A 449 -2.08 19.56 1.44
CA LYS A 449 -3.21 18.66 1.21
C LYS A 449 -3.16 18.00 -0.16
N ASP A 450 -2.29 18.45 -1.06
CA ASP A 450 -2.10 17.77 -2.34
C ASP A 450 -1.20 16.55 -2.22
N VAL A 451 -0.52 16.38 -1.09
CA VAL A 451 0.24 15.16 -0.83
C VAL A 451 -0.64 14.12 -0.15
N LEU A 452 -1.45 14.55 0.82
CA LEU A 452 -2.33 13.63 1.52
C LEU A 452 -3.41 13.08 0.61
N ARG A 453 -4.06 13.95 -0.17
CA ARG A 453 -5.15 13.49 -1.02
C ARG A 453 -4.68 12.47 -2.04
N GLU A 454 -3.53 12.71 -2.67
CA GLU A 454 -3.02 11.79 -3.68
C GLU A 454 -2.68 10.43 -3.06
N THR A 455 -2.07 10.43 -1.88
CA THR A 455 -1.62 9.16 -1.31
C THR A 455 -2.81 8.36 -0.77
N ILE A 456 -3.82 9.02 -0.19
CA ILE A 456 -4.99 8.26 0.25
C ILE A 456 -5.91 7.92 -0.90
N LYS A 457 -5.74 8.56 -2.06
CA LYS A 457 -6.45 8.13 -3.25
C LYS A 457 -5.75 6.94 -3.92
N PHE A 458 -4.42 6.89 -3.85
CA PHE A 458 -3.69 5.76 -4.39
C PHE A 458 -3.83 4.52 -3.51
N MET A 459 -3.86 4.72 -2.19
CA MET A 459 -3.89 3.57 -1.28
C MET A 459 -5.23 2.84 -1.34
N TYR A 460 -6.32 3.58 -1.39
CA TYR A 460 -7.66 3.01 -1.32
C TYR A 460 -8.24 2.78 -2.71
N THR A 461 -7.53 1.98 -3.50
CA THR A 461 -8.05 1.53 -4.78
C THR A 461 -7.41 0.20 -5.12
N ASP A 462 -8.17 -0.64 -5.83
CA ASP A 462 -7.69 -1.96 -6.24
C ASP A 462 -7.02 -1.82 -7.59
N TRP A 463 -5.71 -2.08 -7.63
CA TRP A 463 -4.94 -1.88 -8.85
C TRP A 463 -5.01 -3.07 -9.80
N ALA A 464 -5.53 -4.21 -9.36
CA ALA A 464 -5.79 -5.31 -10.27
C ALA A 464 -7.15 -5.19 -10.95
N ASP A 465 -8.01 -4.29 -10.47
CA ASP A 465 -9.33 -4.05 -11.05
C ASP A 465 -9.57 -2.56 -11.13
N ARG A 466 -8.60 -1.85 -11.73
CA ARG A 466 -8.55 -0.39 -11.64
C ARG A 466 -9.83 0.28 -12.15
N ASP A 467 -10.50 -0.33 -13.13
CA ASP A 467 -11.70 0.25 -13.73
C ASP A 467 -12.92 -0.63 -13.51
N ASN A 468 -13.04 -1.19 -12.31
CA ASN A 468 -14.19 -2.05 -12.02
C ASN A 468 -15.46 -1.24 -11.81
N GLY A 469 -15.35 -0.10 -11.12
CA GLY A 469 -16.52 0.68 -10.79
C GLY A 469 -17.12 0.31 -9.44
N GLU A 470 -17.61 -0.91 -9.33
CA GLU A 470 -18.14 -1.38 -8.06
C GLU A 470 -17.03 -1.46 -7.00
N MET A 471 -15.85 -1.93 -7.38
CA MET A 471 -14.72 -1.93 -6.46
C MET A 471 -14.08 -0.55 -6.44
N ARG A 472 -14.91 0.46 -6.36
CA ARG A 472 -14.62 1.82 -5.93
C ARG A 472 -15.63 2.29 -4.90
N ARG A 473 -16.90 1.92 -5.07
CA ARG A 473 -17.86 2.02 -3.99
C ARG A 473 -17.42 1.19 -2.79
N LYS A 474 -16.95 -0.03 -3.06
CA LYS A 474 -16.45 -0.88 -1.97
C LYS A 474 -15.27 -0.23 -1.26
N THR A 475 -14.34 0.36 -2.02
CA THR A 475 -13.17 0.94 -1.39
C THR A 475 -13.49 2.27 -0.69
N LEU A 476 -14.49 3.01 -1.17
CA LEU A 476 -14.93 4.20 -0.45
C LEU A 476 -15.55 3.82 0.90
N LEU A 477 -16.40 2.80 0.90
CA LEU A 477 -16.95 2.30 2.16
C LEU A 477 -15.84 1.83 3.09
N ALA A 478 -14.86 1.11 2.54
CA ALA A 478 -13.74 0.65 3.35
C ALA A 478 -12.92 1.82 3.89
N LEU A 479 -12.76 2.88 3.08
CA LEU A 479 -12.03 4.06 3.52
C LEU A 479 -12.70 4.70 4.73
N PHE A 480 -14.01 4.93 4.63
CA PHE A 480 -14.70 5.54 5.76
C PHE A 480 -14.67 4.64 6.99
N THR A 481 -14.91 3.33 6.80
CA THR A 481 -14.89 2.41 7.93
C THR A 481 -13.52 2.37 8.60
N ASP A 482 -12.45 2.36 7.80
CA ASP A 482 -11.11 2.31 8.36
C ASP A 482 -10.76 3.59 9.09
N HIS A 483 -11.15 4.75 8.55
CA HIS A 483 -10.76 5.99 9.21
C HIS A 483 -11.56 6.21 10.49
N GLN A 484 -12.87 5.99 10.47
CA GLN A 484 -13.71 6.43 11.57
C GLN A 484 -13.97 5.35 12.60
N TRP A 485 -13.82 4.07 12.27
CA TRP A 485 -14.26 3.04 13.20
C TRP A 485 -13.18 2.02 13.53
N VAL A 486 -12.31 1.69 12.58
CA VAL A 486 -11.34 0.61 12.78
C VAL A 486 -10.04 1.15 13.34
N ALA A 487 -9.50 2.22 12.77
CA ALA A 487 -8.26 2.79 13.29
C ALA A 487 -8.40 3.30 14.71
N PRO A 488 -9.42 4.09 15.07
CA PRO A 488 -9.56 4.48 16.49
C PRO A 488 -9.75 3.30 17.43
N ALA A 489 -10.48 2.27 17.00
CA ALA A 489 -10.68 1.10 17.84
C ALA A 489 -9.37 0.37 18.09
N VAL A 490 -8.56 0.20 17.04
CA VAL A 490 -7.28 -0.47 17.20
C VAL A 490 -6.35 0.37 18.06
N ALA A 491 -6.38 1.69 17.89
CA ALA A 491 -5.53 2.57 18.70
C ALA A 491 -5.91 2.48 20.17
N THR A 492 -7.21 2.51 20.47
CA THR A 492 -7.65 2.42 21.87
C THR A 492 -7.34 1.06 22.45
N ALA A 493 -7.52 -0.01 21.68
CA ALA A 493 -7.19 -1.34 22.18
C ALA A 493 -5.70 -1.48 22.46
N LYS A 494 -4.86 -0.94 21.59
CA LYS A 494 -3.43 -1.00 21.82
C LYS A 494 -3.02 -0.18 23.04
N LEU A 495 -3.59 1.02 23.19
CA LEU A 495 -3.24 1.86 24.33
C LEU A 495 -3.81 1.34 25.64
N HIS A 496 -4.85 0.51 25.59
CA HIS A 496 -5.37 -0.13 26.80
C HIS A 496 -4.65 -1.43 27.13
N ALA A 497 -4.12 -2.12 26.12
CA ALA A 497 -3.35 -3.33 26.38
C ALA A 497 -1.87 -3.06 26.63
N ASP A 498 -1.40 -1.84 26.35
CA ASP A 498 -0.03 -1.49 26.70
C ASP A 498 0.16 -1.41 28.21
N TYR A 499 -0.86 -0.92 28.92
CA TYR A 499 -0.82 -0.81 30.38
C TYR A 499 -1.37 -2.05 31.08
N GLN A 500 -1.32 -3.20 30.41
CA GLN A 500 -1.64 -4.50 31.02
C GLN A 500 -3.05 -4.53 31.58
N SER A 501 -4.02 -4.36 30.69
CA SER A 501 -5.44 -4.53 31.01
C SER A 501 -6.04 -5.46 29.98
N PRO A 502 -6.72 -6.52 30.39
CA PRO A 502 -7.20 -7.52 29.42
C PRO A 502 -8.16 -6.91 28.41
N VAL A 503 -7.74 -6.89 27.15
CA VAL A 503 -8.53 -6.35 26.06
C VAL A 503 -8.82 -7.47 25.08
N TYR A 504 -10.10 -7.68 24.77
CA TYR A 504 -10.53 -8.66 23.78
C TYR A 504 -11.12 -7.94 22.58
N PHE A 505 -10.58 -8.21 21.40
CA PHE A 505 -10.98 -7.54 20.17
C PHE A 505 -11.84 -8.48 19.33
N TYR A 506 -12.92 -7.94 18.76
CA TYR A 506 -13.78 -8.76 17.91
C TYR A 506 -14.19 -7.98 16.66
N THR A 507 -14.46 -8.73 15.60
CA THR A 507 -14.92 -8.18 14.33
C THR A 507 -16.15 -8.95 13.88
N PHE A 508 -17.22 -8.23 13.58
CA PHE A 508 -18.52 -8.81 13.27
C PHE A 508 -18.77 -8.72 11.77
N TYR A 509 -19.05 -9.86 11.15
CA TYR A 509 -19.22 -9.94 9.70
C TYR A 509 -20.64 -10.30 9.27
N HIS A 510 -21.28 -11.24 9.96
CA HIS A 510 -22.64 -11.63 9.62
C HIS A 510 -23.62 -10.50 9.95
N HIS A 511 -24.75 -10.50 9.26
CA HIS A 511 -25.79 -9.51 9.50
C HIS A 511 -27.12 -10.06 9.05
N CYS A 512 -28.19 -9.42 9.51
CA CYS A 512 -29.54 -9.85 9.18
C CYS A 512 -29.94 -9.28 7.82
N GLN A 513 -30.42 -10.17 6.94
CA GLN A 513 -30.84 -9.76 5.60
C GLN A 513 -32.12 -8.94 5.72
N ALA A 514 -32.00 -7.63 5.57
CA ALA A 514 -33.12 -6.73 5.71
C ALA A 514 -33.80 -6.53 4.36
N GLU A 515 -34.73 -5.57 4.29
CA GLU A 515 -35.47 -5.29 3.07
C GLU A 515 -34.93 -4.10 2.31
N GLY A 516 -34.63 -3.00 2.99
CA GLY A 516 -34.17 -1.78 2.36
C GLY A 516 -32.67 -1.65 2.19
N ARG A 517 -31.91 -2.69 2.51
CA ARG A 517 -30.47 -2.51 2.39
C ARG A 517 -29.94 -3.13 1.09
N PRO A 518 -28.89 -2.55 0.53
CA PRO A 518 -28.36 -3.07 -0.74
C PRO A 518 -27.76 -4.46 -0.57
N GLU A 519 -27.81 -5.23 -1.66
CA GLU A 519 -27.29 -6.59 -1.64
C GLU A 519 -25.77 -6.61 -1.51
N TRP A 520 -25.08 -5.66 -2.15
CA TRP A 520 -23.62 -5.62 -2.08
C TRP A 520 -23.12 -5.27 -0.69
N ALA A 521 -23.98 -4.70 0.16
CA ALA A 521 -23.54 -4.22 1.46
C ALA A 521 -23.26 -5.37 2.41
N ASP A 522 -22.57 -5.05 3.51
CA ASP A 522 -22.24 -6.03 4.53
C ASP A 522 -22.73 -5.52 5.89
N ALA A 523 -22.31 -6.18 6.97
CA ALA A 523 -22.75 -5.81 8.31
C ALA A 523 -22.44 -4.35 8.60
N ALA A 524 -23.48 -3.53 8.71
CA ALA A 524 -23.32 -2.09 8.81
C ALA A 524 -23.24 -1.67 10.27
N HIS A 525 -23.26 -0.35 10.51
CA HIS A 525 -23.15 0.17 11.87
C HIS A 525 -24.39 -0.19 12.67
N GLY A 526 -24.17 -0.72 13.87
CA GLY A 526 -25.28 -1.10 14.72
C GLY A 526 -26.01 -2.36 14.32
N ASP A 527 -25.44 -3.14 13.40
CA ASP A 527 -26.08 -4.39 12.97
C ASP A 527 -25.73 -5.57 13.85
N GLU A 528 -24.96 -5.35 14.92
CA GLU A 528 -24.69 -6.40 15.90
C GLU A 528 -25.63 -6.34 17.08
N LEU A 529 -26.33 -5.22 17.26
CA LEU A 529 -27.22 -5.07 18.41
C LEU A 529 -28.34 -6.11 18.46
N PRO A 530 -29.04 -6.45 17.36
CA PRO A 530 -30.07 -7.49 17.47
C PRO A 530 -29.55 -8.81 18.00
N TYR A 531 -28.32 -9.17 17.65
CA TYR A 531 -27.77 -10.45 18.11
C TYR A 531 -27.39 -10.39 19.59
N VAL A 532 -26.88 -9.25 20.04
CA VAL A 532 -26.49 -9.12 21.44
C VAL A 532 -27.71 -9.13 22.35
N PHE A 533 -28.82 -8.54 21.89
CA PHE A 533 -30.03 -8.46 22.70
C PHE A 533 -30.99 -9.61 22.47
N GLY A 534 -30.64 -10.58 21.64
CA GLY A 534 -31.47 -11.75 21.47
C GLY A 534 -32.73 -11.55 20.66
N VAL A 535 -32.76 -10.52 19.80
CA VAL A 535 -33.93 -10.32 18.92
C VAL A 535 -34.21 -11.54 18.06
N PRO A 536 -33.23 -12.20 17.44
CA PRO A 536 -33.56 -13.40 16.64
C PRO A 536 -34.23 -14.50 17.43
N MET A 537 -33.94 -14.61 18.72
CA MET A 537 -34.55 -15.66 19.53
C MET A 537 -35.96 -15.33 20.00
N VAL A 538 -36.43 -14.12 19.74
CA VAL A 538 -37.79 -13.71 20.09
C VAL A 538 -38.65 -13.41 18.87
N GLY A 539 -38.07 -13.27 17.69
CA GLY A 539 -38.80 -12.97 16.49
C GLY A 539 -38.57 -11.52 16.04
N ALA A 540 -38.96 -11.26 14.79
CA ALA A 540 -38.80 -9.92 14.24
C ALA A 540 -39.72 -8.93 14.95
N THR A 541 -39.22 -7.72 15.13
CA THR A 541 -39.95 -6.65 15.79
C THR A 541 -40.16 -5.49 14.82
N ASP A 542 -40.72 -4.39 15.32
CA ASP A 542 -40.94 -3.23 14.48
C ASP A 542 -39.62 -2.55 14.11
N LEU A 543 -38.65 -2.58 15.01
CA LEU A 543 -37.34 -1.99 14.72
C LEU A 543 -36.50 -2.89 13.81
N PHE A 544 -36.64 -4.21 13.93
CA PHE A 544 -35.88 -5.18 13.15
C PHE A 544 -36.85 -6.08 12.41
N PRO A 545 -37.29 -5.69 11.21
CA PRO A 545 -38.26 -6.51 10.47
C PRO A 545 -37.60 -7.59 9.63
N CYS A 546 -36.33 -7.88 9.92
CA CYS A 546 -35.56 -8.81 9.11
C CYS A 546 -36.07 -10.24 9.29
N ASN A 547 -35.61 -11.13 8.41
CA ASN A 547 -35.95 -12.54 8.44
C ASN A 547 -34.79 -13.30 9.07
N PHE A 548 -35.04 -13.96 10.19
CA PHE A 548 -34.00 -14.62 10.96
C PHE A 548 -34.11 -16.13 10.77
N SER A 549 -33.04 -16.74 10.28
CA SER A 549 -32.99 -18.17 10.05
C SER A 549 -32.39 -18.86 11.28
N LYS A 550 -32.07 -20.15 11.15
CA LYS A 550 -31.42 -20.86 12.24
C LYS A 550 -29.99 -20.38 12.45
N ASN A 551 -29.31 -19.98 11.38
CA ASN A 551 -27.96 -19.44 11.50
C ASN A 551 -27.96 -18.16 12.33
N ASP A 552 -28.94 -17.28 12.09
CA ASP A 552 -29.04 -16.05 12.86
C ASP A 552 -29.28 -16.33 14.33
N VAL A 553 -30.14 -17.30 14.64
CA VAL A 553 -30.42 -17.65 16.02
C VAL A 553 -29.18 -18.22 16.70
N MET A 554 -28.45 -19.09 15.98
CA MET A 554 -27.23 -19.66 16.54
C MET A 554 -26.19 -18.59 16.80
N LEU A 555 -26.01 -17.65 15.86
CA LEU A 555 -25.04 -16.58 16.06
C LEU A 555 -25.46 -15.67 17.21
N SER A 556 -26.75 -15.38 17.32
CA SER A 556 -27.22 -14.57 18.44
C SER A 556 -26.95 -15.25 19.77
N ALA A 557 -27.20 -16.56 19.84
CA ALA A 557 -26.90 -17.31 21.06
C ALA A 557 -25.41 -17.29 21.36
N VAL A 558 -24.57 -17.42 20.33
CA VAL A 558 -23.13 -17.44 20.55
C VAL A 558 -22.63 -16.11 21.09
N VAL A 559 -23.04 -15.00 20.45
CA VAL A 559 -22.58 -13.70 20.91
C VAL A 559 -23.17 -13.35 22.28
N MET A 560 -24.40 -13.77 22.55
CA MET A 560 -24.99 -13.55 23.86
C MET A 560 -24.23 -14.33 24.93
N THR A 561 -23.85 -15.57 24.62
CA THR A 561 -23.05 -16.36 25.54
C THR A 561 -21.70 -15.70 25.81
N TYR A 562 -21.06 -15.19 24.76
CA TYR A 562 -19.77 -14.52 24.94
C TYR A 562 -19.90 -13.29 25.82
N TRP A 563 -20.91 -12.45 25.55
CA TRP A 563 -21.10 -11.25 26.33
C TRP A 563 -21.43 -11.57 27.79
N THR A 564 -22.27 -12.58 28.02
CA THR A 564 -22.62 -12.93 29.39
C THR A 564 -21.44 -13.55 30.14
N ASN A 565 -20.61 -14.33 29.45
CA ASN A 565 -19.40 -14.84 30.09
C ASN A 565 -18.46 -13.70 30.48
N PHE A 566 -18.30 -12.73 29.58
CA PHE A 566 -17.48 -11.56 29.90
C PHE A 566 -18.04 -10.82 31.11
N ALA A 567 -19.36 -10.67 31.18
CA ALA A 567 -19.97 -10.02 32.32
C ALA A 567 -19.73 -10.81 33.61
N LYS A 568 -19.83 -12.14 33.54
CA LYS A 568 -19.67 -12.95 34.73
C LYS A 568 -18.25 -12.92 35.26
N THR A 569 -17.26 -13.16 34.39
CA THR A 569 -15.91 -13.42 34.86
C THR A 569 -14.82 -12.60 34.17
N GLY A 570 -15.17 -11.76 33.20
CA GLY A 570 -14.14 -11.04 32.48
C GLY A 570 -13.34 -11.88 31.52
N ASP A 571 -13.88 -13.04 31.12
CA ASP A 571 -13.23 -13.93 30.17
C ASP A 571 -14.32 -14.54 29.28
N PRO A 572 -14.32 -14.25 27.98
CA PRO A 572 -15.45 -14.63 27.13
C PRO A 572 -15.71 -16.13 27.05
N ASN A 573 -14.72 -16.97 27.36
CA ASN A 573 -14.88 -18.41 27.19
C ASN A 573 -14.73 -19.22 28.47
N GLN A 574 -14.57 -18.58 29.62
CA GLN A 574 -14.28 -19.32 30.85
C GLN A 574 -15.48 -20.08 31.39
N PRO A 575 -16.58 -19.40 31.80
CA PRO A 575 -17.64 -20.11 32.55
C PRO A 575 -18.43 -21.11 31.73
N VAL A 576 -19.01 -20.66 30.62
CA VAL A 576 -20.00 -21.43 29.88
C VAL A 576 -19.40 -21.85 28.54
N PRO A 577 -19.27 -23.15 28.27
CA PRO A 577 -18.85 -23.58 26.94
C PRO A 577 -19.93 -23.33 25.90
N GLN A 578 -19.52 -23.24 24.65
CA GLN A 578 -20.45 -22.98 23.56
C GLN A 578 -21.46 -24.12 23.43
N ASP A 579 -22.70 -23.75 23.12
CA ASP A 579 -23.79 -24.72 22.99
C ASP A 579 -24.77 -24.21 21.95
N THR A 580 -25.94 -24.82 21.90
CA THR A 580 -26.98 -24.43 20.95
C THR A 580 -28.03 -23.56 21.62
N ASN A 588 -21.43 -26.92 15.04
CA ASN A 588 -20.98 -25.53 14.94
C ASN A 588 -19.48 -25.44 15.16
N ARG A 589 -18.84 -24.48 14.49
CA ARG A 589 -17.40 -24.31 14.57
C ARG A 589 -16.97 -23.53 15.81
N PHE A 590 -17.90 -22.99 16.59
CA PHE A 590 -17.56 -22.16 17.74
C PHE A 590 -17.05 -22.97 18.92
N GLU A 591 -17.09 -24.30 18.86
CA GLU A 591 -16.74 -25.10 20.03
C GLU A 591 -15.23 -25.10 20.29
N GLU A 592 -14.42 -25.23 19.24
CA GLU A 592 -12.99 -25.43 19.40
C GLU A 592 -12.18 -24.15 19.29
N VAL A 593 -12.81 -23.00 19.06
CA VAL A 593 -12.10 -21.73 18.95
C VAL A 593 -12.00 -21.10 20.34
N VAL A 594 -10.79 -20.71 20.71
CA VAL A 594 -10.52 -20.09 22.01
C VAL A 594 -10.14 -18.64 21.77
N TRP A 595 -10.98 -17.74 22.27
CA TRP A 595 -10.75 -16.31 22.09
C TRP A 595 -9.58 -15.87 22.95
N SER A 596 -8.53 -15.36 22.30
CA SER A 596 -7.30 -14.96 22.99
C SER A 596 -7.29 -13.46 23.22
N LYS A 597 -6.37 -13.03 24.08
CA LYS A 597 -6.23 -11.62 24.41
C LYS A 597 -5.71 -10.84 23.20
N PHE A 598 -5.65 -9.53 23.36
CA PHE A 598 -5.18 -8.62 22.31
C PHE A 598 -3.88 -8.00 22.81
N ASN A 599 -2.76 -8.66 22.50
CA ASN A 599 -1.46 -8.11 22.84
C ASN A 599 -1.01 -7.14 21.75
N SER A 600 -0.32 -6.08 22.16
CA SER A 600 0.09 -5.05 21.22
C SER A 600 1.15 -5.54 20.24
N LYS A 601 1.77 -6.69 20.50
CA LYS A 601 2.77 -7.26 19.59
C LYS A 601 2.13 -8.19 18.57
N GLU A 602 1.22 -9.06 19.00
CA GLU A 602 0.49 -9.97 18.13
C GLU A 602 -0.99 -9.70 18.35
N LYS A 603 -1.57 -8.87 17.49
CA LYS A 603 -2.91 -8.31 17.72
C LYS A 603 -3.99 -9.35 17.38
N GLN A 604 -4.02 -10.40 18.19
CA GLN A 604 -5.00 -11.46 18.00
C GLN A 604 -6.41 -10.94 18.25
N TYR A 605 -7.37 -11.49 17.53
CA TYR A 605 -8.77 -11.13 17.67
C TYR A 605 -9.61 -12.29 17.18
N LEU A 606 -10.90 -12.26 17.52
CA LEU A 606 -11.85 -13.28 17.08
C LEU A 606 -12.72 -12.71 15.95
N HIS A 607 -12.76 -13.44 14.84
CA HIS A 607 -13.51 -13.01 13.67
C HIS A 607 -14.92 -13.59 13.76
N ILE A 608 -15.75 -12.95 14.58
CA ILE A 608 -17.10 -13.44 14.84
C ILE A 608 -17.90 -13.44 13.55
N GLY A 609 -18.56 -14.56 13.28
CA GLY A 609 -19.34 -14.67 12.06
C GLY A 609 -19.77 -16.11 11.83
N LEU A 610 -20.14 -16.41 10.59
CA LEU A 610 -20.56 -17.76 10.24
C LEU A 610 -19.39 -18.73 10.18
N LYS A 611 -18.16 -18.23 10.04
CA LYS A 611 -16.95 -19.05 10.04
C LYS A 611 -15.94 -18.45 11.01
N PRO A 612 -16.18 -18.58 12.31
CA PRO A 612 -15.29 -17.96 13.29
C PRO A 612 -13.91 -18.60 13.31
N ARG A 613 -12.91 -17.76 13.54
CA ARG A 613 -11.52 -18.20 13.62
C ARG A 613 -10.69 -17.06 14.18
N VAL A 614 -9.78 -17.38 15.09
CA VAL A 614 -8.95 -16.37 15.75
C VAL A 614 -7.86 -15.97 14.76
N ARG A 615 -8.04 -14.82 14.10
CA ARG A 615 -7.06 -14.33 13.15
C ARG A 615 -5.93 -13.63 13.90
N ASP A 616 -5.06 -12.94 13.17
CA ASP A 616 -3.84 -12.39 13.75
C ASP A 616 -3.71 -10.88 13.61
N ASN A 617 -4.18 -10.32 12.51
CA ASN A 617 -4.10 -8.87 12.31
C ASN A 617 -5.26 -8.43 11.43
N TYR A 618 -6.00 -7.42 11.87
CA TYR A 618 -7.16 -6.92 11.16
C TYR A 618 -6.76 -5.69 10.36
N ARG A 619 -6.70 -5.84 9.03
CA ARG A 619 -6.39 -4.75 8.11
C ARG A 619 -5.13 -4.00 8.54
N ALA A 620 -4.03 -4.75 8.60
CA ALA A 620 -2.78 -4.19 9.11
C ALA A 620 -2.28 -3.05 8.23
N ASN A 621 -2.40 -3.20 6.91
CA ASN A 621 -1.90 -2.17 6.01
C ASN A 621 -2.61 -0.84 6.22
N LYS A 622 -3.95 -0.85 6.20
CA LYS A 622 -4.69 0.40 6.29
C LYS A 622 -4.66 0.97 7.70
N VAL A 623 -4.69 0.11 8.72
CA VAL A 623 -4.57 0.59 10.10
C VAL A 623 -3.24 1.27 10.31
N ALA A 624 -2.16 0.64 9.83
CA ALA A 624 -0.84 1.25 9.95
C ALA A 624 -0.73 2.51 9.11
N PHE A 625 -1.43 2.55 7.97
CA PHE A 625 -1.43 3.76 7.14
C PHE A 625 -2.07 4.92 7.89
N TRP A 626 -3.19 4.66 8.57
CA TRP A 626 -3.88 5.74 9.28
C TRP A 626 -3.20 6.12 10.59
N LEU A 627 -2.49 5.19 11.22
CA LEU A 627 -1.88 5.50 12.51
C LEU A 627 -0.45 6.00 12.42
N GLU A 628 0.34 5.52 11.44
CA GLU A 628 1.77 5.75 11.44
C GLU A 628 2.31 6.53 10.24
N LEU A 629 1.59 6.55 9.12
CA LEU A 629 2.06 7.31 7.96
C LEU A 629 1.36 8.65 7.80
N VAL A 630 0.03 8.68 7.93
CA VAL A 630 -0.71 9.93 7.75
C VAL A 630 -0.19 11.03 8.66
N PRO A 631 0.14 10.79 9.93
CA PRO A 631 0.73 11.88 10.73
C PRO A 631 2.02 12.44 10.14
N HIS A 632 2.81 11.64 9.44
CA HIS A 632 4.05 12.13 8.87
C HIS A 632 3.84 13.02 7.65
N LEU A 633 2.64 13.03 7.08
CA LEU A 633 2.36 13.84 5.90
C LEU A 633 1.58 15.10 6.27
N ARG B 82 33.66 -32.06 -41.22
CA ARG B 82 34.49 -31.43 -42.23
C ARG B 82 34.88 -30.02 -41.82
N PHE B 83 35.44 -29.27 -42.77
CA PHE B 83 35.80 -27.86 -42.60
C PHE B 83 35.10 -27.07 -43.71
N PRO B 84 33.79 -26.86 -43.58
CA PRO B 84 33.04 -26.21 -44.67
C PRO B 84 33.55 -24.80 -44.94
N VAL B 85 33.49 -24.41 -46.21
CA VAL B 85 33.93 -23.09 -46.66
C VAL B 85 32.76 -22.41 -47.32
N VAL B 86 32.45 -21.19 -46.87
CA VAL B 86 31.35 -20.39 -47.42
C VAL B 86 31.92 -19.06 -47.87
N ASN B 87 31.55 -18.64 -49.07
CA ASN B 87 32.01 -17.39 -49.65
C ASN B 87 31.08 -16.27 -49.22
N THR B 88 31.63 -15.22 -48.62
CA THR B 88 30.87 -14.06 -48.21
C THR B 88 30.97 -12.98 -49.30
N ALA B 89 30.47 -11.78 -49.01
CA ALA B 89 30.54 -10.69 -49.96
C ALA B 89 31.88 -9.96 -49.91
N TYR B 90 32.75 -10.31 -48.96
CA TYR B 90 34.09 -9.74 -48.88
C TYR B 90 35.19 -10.76 -49.08
N GLY B 91 34.86 -12.04 -49.15
CA GLY B 91 35.88 -13.07 -49.28
C GLY B 91 35.28 -14.43 -48.98
N ARG B 92 36.16 -15.37 -48.64
CA ARG B 92 35.77 -16.72 -48.28
C ARG B 92 36.32 -17.06 -46.90
N VAL B 93 35.51 -17.75 -46.11
CA VAL B 93 35.89 -18.13 -44.75
C VAL B 93 35.76 -19.64 -44.62
N ARG B 94 36.57 -20.21 -43.72
CA ARG B 94 36.54 -21.64 -43.43
C ARG B 94 36.05 -21.86 -42.00
N GLY B 95 34.98 -22.64 -41.86
CA GLY B 95 34.42 -22.97 -40.57
C GLY B 95 34.89 -24.31 -40.06
N VAL B 96 34.16 -24.83 -39.07
CA VAL B 96 34.39 -26.15 -38.50
C VAL B 96 33.05 -26.87 -38.43
N ARG B 97 33.08 -28.11 -37.95
CA ARG B 97 31.87 -28.92 -37.84
C ARG B 97 31.83 -29.61 -36.48
N ARG B 98 32.04 -28.84 -35.42
CA ARG B 98 32.03 -29.39 -34.07
C ARG B 98 30.68 -30.05 -33.77
N GLU B 99 30.74 -31.25 -33.19
CA GLU B 99 29.56 -32.01 -32.84
C GLU B 99 29.32 -31.93 -31.34
N LEU B 100 28.06 -31.72 -30.95
CA LEU B 100 27.73 -31.46 -29.57
C LEU B 100 27.86 -32.72 -28.72
N ASN B 101 28.01 -32.52 -27.41
CA ASN B 101 28.15 -33.63 -26.48
C ASN B 101 26.90 -34.49 -26.42
N ASN B 102 25.73 -33.86 -26.45
CA ASN B 102 24.48 -34.60 -26.35
C ASN B 102 24.19 -35.33 -27.66
N GLU B 103 23.16 -36.16 -27.64
CA GLU B 103 22.86 -37.04 -28.76
C GLU B 103 21.82 -36.47 -29.72
N ILE B 104 20.69 -35.99 -29.18
CA ILE B 104 19.57 -35.55 -30.02
C ILE B 104 19.87 -34.28 -30.80
N LEU B 105 20.98 -33.61 -30.51
CA LEU B 105 21.31 -32.34 -31.17
C LEU B 105 22.20 -32.59 -32.37
N GLY B 106 21.83 -32.00 -33.51
CA GLY B 106 22.56 -32.17 -34.74
C GLY B 106 23.89 -31.43 -34.74
N PRO B 107 24.74 -31.73 -35.72
CA PRO B 107 26.04 -31.05 -35.81
C PRO B 107 25.87 -29.56 -36.09
N VAL B 108 26.83 -28.78 -35.61
CA VAL B 108 26.80 -27.33 -35.72
C VAL B 108 28.09 -26.87 -36.39
N VAL B 109 27.96 -26.00 -37.39
CA VAL B 109 29.10 -25.44 -38.11
C VAL B 109 29.38 -24.05 -37.55
N GLN B 110 30.59 -23.84 -37.04
CA GLN B 110 30.95 -22.62 -36.34
C GLN B 110 31.95 -21.82 -37.16
N PHE B 111 31.55 -20.61 -37.56
CA PHE B 111 32.47 -19.66 -38.20
C PHE B 111 32.98 -18.64 -37.19
N LEU B 112 33.73 -19.13 -36.20
CA LEU B 112 34.19 -18.29 -35.10
C LEU B 112 35.25 -17.31 -35.58
N GLY B 113 34.89 -16.04 -35.66
CA GLY B 113 35.85 -14.96 -35.81
C GLY B 113 35.84 -14.18 -37.11
N VAL B 114 34.74 -14.17 -37.85
CA VAL B 114 34.68 -13.39 -39.08
C VAL B 114 34.60 -11.91 -38.73
N PRO B 115 35.23 -11.03 -39.51
CA PRO B 115 35.17 -9.60 -39.21
C PRO B 115 33.94 -8.94 -39.84
N TYR B 116 33.59 -7.78 -39.28
CA TYR B 116 32.46 -7.01 -39.80
C TYR B 116 32.74 -5.52 -39.92
N ALA B 117 33.92 -5.04 -39.54
CA ALA B 117 34.26 -3.64 -39.69
C ALA B 117 35.77 -3.50 -39.65
N THR B 118 36.26 -2.37 -40.14
CA THR B 118 37.68 -2.08 -40.06
C THR B 118 38.09 -1.88 -38.60
N PRO B 119 39.24 -2.43 -38.20
CA PRO B 119 39.68 -2.28 -36.82
C PRO B 119 40.05 -0.83 -36.51
N PRO B 120 39.35 -0.21 -35.56
CA PRO B 120 39.65 1.19 -35.19
C PRO B 120 40.86 1.30 -34.28
N LEU B 121 42.04 1.31 -34.90
CA LEU B 121 43.31 1.24 -34.18
C LEU B 121 43.96 2.60 -33.97
N GLY B 122 44.08 3.40 -35.03
CA GLY B 122 44.80 4.65 -34.94
C GLY B 122 43.92 5.88 -35.03
N ALA B 123 43.92 6.54 -36.19
CA ALA B 123 43.09 7.73 -36.37
C ALA B 123 41.61 7.38 -36.42
N ARG B 124 41.28 6.17 -36.86
CA ARG B 124 39.89 5.72 -36.89
C ARG B 124 39.32 5.48 -35.50
N ARG B 125 40.17 5.46 -34.47
CA ARG B 125 39.67 5.36 -33.11
C ARG B 125 38.84 6.59 -32.77
N PHE B 126 37.81 6.39 -31.94
CA PHE B 126 36.83 7.44 -31.60
C PHE B 126 36.14 7.96 -32.85
N GLN B 127 35.89 7.06 -33.80
CA GLN B 127 35.14 7.37 -35.01
C GLN B 127 34.22 6.19 -35.31
N PRO B 128 33.09 6.43 -35.98
CA PRO B 128 32.20 5.33 -36.32
C PRO B 128 32.88 4.36 -37.25
N PRO B 129 32.53 3.07 -37.16
CA PRO B 129 33.22 2.06 -37.97
C PRO B 129 32.87 2.18 -39.44
N GLU B 130 33.74 1.61 -40.26
CA GLU B 130 33.57 1.57 -41.70
C GLU B 130 33.45 0.12 -42.18
N ALA B 131 33.08 -0.04 -43.44
CA ALA B 131 32.94 -1.37 -44.01
C ALA B 131 34.30 -2.07 -44.07
N PRO B 132 34.32 -3.41 -43.97
CA PRO B 132 35.60 -4.12 -43.90
C PRO B 132 36.38 -4.06 -45.21
N ALA B 133 37.57 -4.67 -45.22
CA ALA B 133 38.42 -4.72 -46.40
C ALA B 133 38.44 -6.14 -46.94
N SER B 134 38.28 -6.27 -48.26
CA SER B 134 38.27 -7.59 -48.89
C SER B 134 39.63 -8.24 -48.76
N TRP B 135 39.64 -9.57 -48.58
CA TRP B 135 40.87 -10.30 -48.47
C TRP B 135 41.00 -11.30 -49.61
N PRO B 136 42.22 -11.59 -50.06
CA PRO B 136 42.39 -12.59 -51.12
C PRO B 136 42.52 -14.01 -50.57
N GLY B 137 41.72 -14.93 -51.10
CA GLY B 137 41.82 -16.32 -50.69
C GLY B 137 40.81 -16.74 -49.65
N VAL B 138 41.20 -17.66 -48.77
CA VAL B 138 40.33 -18.22 -47.75
C VAL B 138 40.91 -17.88 -46.38
N ARG B 139 40.07 -17.33 -45.50
CA ARG B 139 40.47 -16.96 -44.16
C ARG B 139 39.99 -18.01 -43.17
N ASN B 140 40.87 -18.42 -42.26
CA ASN B 140 40.47 -19.34 -41.20
C ASN B 140 39.44 -18.69 -40.30
N ALA B 141 38.39 -19.42 -39.97
CA ALA B 141 37.46 -19.04 -38.91
C ALA B 141 37.27 -20.26 -38.02
N THR B 142 38.23 -20.46 -37.11
CA THR B 142 38.19 -21.62 -36.21
C THR B 142 38.50 -21.29 -34.76
N THR B 143 39.18 -20.19 -34.47
CA THR B 143 39.52 -19.82 -33.10
C THR B 143 38.71 -18.61 -32.67
N LEU B 144 38.45 -18.51 -31.38
CA LEU B 144 37.65 -17.41 -30.85
C LEU B 144 38.40 -16.10 -31.03
N PRO B 145 37.75 -15.05 -31.52
CA PRO B 145 38.43 -13.78 -31.78
C PRO B 145 38.84 -13.11 -30.49
N PRO B 146 39.83 -12.22 -30.53
CA PRO B 146 40.23 -11.50 -29.32
C PRO B 146 39.13 -10.56 -28.85
N ALA B 147 39.09 -10.33 -27.54
CA ALA B 147 38.12 -9.44 -26.95
C ALA B 147 38.62 -8.00 -27.00
N CYS B 148 37.68 -7.07 -26.86
CA CYS B 148 38.02 -5.65 -26.81
C CYS B 148 38.65 -5.32 -25.47
N PRO B 149 39.46 -4.25 -25.41
CA PRO B 149 40.13 -3.92 -24.15
C PRO B 149 39.14 -3.65 -23.02
N GLN B 150 39.51 -4.11 -21.82
CA GLN B 150 38.67 -3.98 -20.64
C GLN B 150 39.55 -4.26 -19.43
N ASN B 151 39.01 -3.96 -18.24
CA ASN B 151 39.71 -4.15 -16.98
C ASN B 151 38.76 -4.86 -16.01
N LEU B 152 38.79 -6.19 -16.03
CA LEU B 152 37.96 -6.95 -15.11
C LEU B 152 38.46 -6.82 -13.67
N HIS B 153 39.77 -6.83 -13.48
CA HIS B 153 40.36 -6.73 -12.15
C HIS B 153 40.60 -5.27 -11.76
N GLY B 154 39.56 -4.46 -11.84
CA GLY B 154 39.65 -3.05 -11.50
C GLY B 154 38.47 -2.56 -10.70
N ALA B 155 37.96 -1.38 -11.06
CA ALA B 155 36.83 -0.76 -10.38
C ALA B 155 35.65 -0.75 -11.35
N LEU B 156 34.79 -1.76 -11.25
CA LEU B 156 33.63 -1.90 -12.10
C LEU B 156 32.35 -1.74 -11.28
N PRO B 157 31.23 -1.34 -11.89
CA PRO B 157 29.98 -1.29 -11.15
C PRO B 157 29.47 -2.69 -10.86
N ALA B 158 29.59 -3.12 -9.60
CA ALA B 158 29.25 -4.49 -9.24
C ALA B 158 27.76 -4.69 -8.98
N ILE B 159 26.97 -3.62 -9.02
CA ILE B 159 25.54 -3.75 -8.73
C ILE B 159 24.72 -4.12 -9.97
N MET B 160 25.22 -3.81 -11.17
CA MET B 160 24.48 -4.08 -12.40
C MET B 160 24.99 -5.31 -13.14
N LEU B 161 26.12 -5.87 -12.74
CA LEU B 161 26.65 -7.04 -13.43
C LEU B 161 25.83 -8.28 -13.10
N PRO B 162 25.76 -9.24 -14.02
CA PRO B 162 25.07 -10.50 -13.72
C PRO B 162 25.74 -11.23 -12.57
N VAL B 163 24.92 -11.97 -11.80
CA VAL B 163 25.42 -12.64 -10.61
C VAL B 163 26.44 -13.71 -10.99
N TRP B 164 26.16 -14.48 -12.04
CA TRP B 164 27.10 -15.52 -12.46
C TRP B 164 28.41 -14.93 -12.99
N PHE B 165 28.40 -13.66 -13.38
CA PHE B 165 29.63 -13.02 -13.85
C PHE B 165 30.46 -12.48 -12.68
N THR B 166 29.79 -11.98 -11.64
CA THR B 166 30.51 -11.51 -10.46
C THR B 166 31.04 -12.67 -9.64
N ASP B 167 30.25 -13.74 -9.48
CA ASP B 167 30.70 -14.88 -8.70
C ASP B 167 31.91 -15.55 -9.33
N ASN B 168 31.83 -15.86 -10.63
CA ASN B 168 32.92 -16.52 -11.34
C ASN B 168 33.76 -15.50 -12.10
N LEU B 169 34.42 -14.62 -11.33
CA LEU B 169 35.21 -13.56 -11.94
C LEU B 169 36.46 -14.12 -12.62
N GLU B 170 37.10 -15.12 -12.01
CA GLU B 170 38.33 -15.68 -12.59
C GLU B 170 38.02 -16.47 -13.86
N ALA B 171 36.98 -17.31 -13.83
CA ALA B 171 36.61 -18.04 -15.02
C ALA B 171 36.15 -17.10 -16.13
N ALA B 172 35.58 -15.94 -15.77
CA ALA B 172 35.22 -14.95 -16.77
C ALA B 172 36.45 -14.29 -17.36
N ALA B 173 37.40 -13.90 -16.51
CA ALA B 173 38.64 -13.29 -16.99
C ALA B 173 39.48 -14.26 -17.80
N THR B 174 39.22 -15.56 -17.66
CA THR B 174 39.88 -16.53 -18.54
C THR B 174 39.59 -16.24 -20.01
N TYR B 175 38.34 -15.88 -20.33
CA TYR B 175 37.99 -15.61 -21.72
C TYR B 175 38.61 -14.32 -22.22
N VAL B 176 38.61 -13.27 -21.39
CA VAL B 176 39.18 -11.98 -21.80
C VAL B 176 40.65 -12.01 -21.39
N GLN B 177 41.47 -12.54 -22.29
CA GLN B 177 42.92 -12.61 -22.06
C GLN B 177 43.67 -12.04 -23.26
N ASN B 178 43.05 -12.11 -24.43
CA ASN B 178 43.64 -11.62 -25.67
C ASN B 178 43.16 -10.22 -26.03
N GLN B 179 42.91 -9.40 -25.02
CA GLN B 179 42.34 -8.08 -25.25
C GLN B 179 43.22 -7.24 -26.17
N SER B 180 42.59 -6.65 -27.19
CA SER B 180 43.30 -5.82 -28.15
C SER B 180 42.31 -4.86 -28.79
N GLU B 181 42.83 -3.75 -29.30
CA GLU B 181 41.96 -2.75 -29.93
C GLU B 181 41.32 -3.28 -31.20
N ASP B 182 41.90 -4.29 -31.84
CA ASP B 182 41.32 -4.93 -33.02
C ASP B 182 40.46 -6.08 -32.53
N CYS B 183 39.15 -5.84 -32.41
CA CYS B 183 38.24 -6.84 -31.86
C CYS B 183 36.90 -6.91 -32.56
N LEU B 184 36.66 -6.13 -33.61
CA LEU B 184 35.35 -6.07 -34.25
C LEU B 184 35.15 -7.32 -35.10
N TYR B 185 34.93 -8.45 -34.43
CA TYR B 185 34.71 -9.73 -35.07
C TYR B 185 33.43 -10.34 -34.49
N LEU B 186 32.79 -11.21 -35.28
CA LEU B 186 31.57 -11.88 -34.83
C LEU B 186 31.65 -13.37 -35.19
N ASN B 187 30.90 -14.17 -34.42
CA ASN B 187 30.89 -15.62 -34.57
C ASN B 187 29.48 -16.08 -34.90
N LEU B 188 29.36 -16.96 -35.88
CA LEU B 188 28.08 -17.51 -36.31
C LEU B 188 28.05 -19.01 -36.05
N TYR B 189 26.88 -19.52 -35.66
CA TYR B 189 26.70 -20.93 -35.35
C TYR B 189 25.56 -21.47 -36.23
N VAL B 190 25.90 -21.91 -37.43
CA VAL B 190 24.92 -22.44 -38.37
C VAL B 190 24.57 -23.87 -37.94
N PRO B 191 23.30 -24.27 -38.02
CA PRO B 191 22.95 -25.67 -37.73
C PRO B 191 22.96 -26.52 -39.00
N THR B 192 22.81 -27.83 -38.80
CA THR B 192 22.75 -28.77 -39.91
C THR B 192 21.58 -29.74 -39.72
N SER B 199 9.36 -23.03 -43.73
CA SER B 199 10.54 -23.76 -43.29
C SER B 199 11.64 -23.69 -44.35
N GLY B 200 12.07 -22.47 -44.65
CA GLY B 200 13.13 -22.25 -45.63
C GLY B 200 14.42 -21.76 -45.02
N LYS B 201 14.79 -20.52 -45.33
CA LYS B 201 16.00 -19.93 -44.76
C LYS B 201 15.86 -19.81 -43.26
N LYS B 202 16.92 -20.20 -42.54
CA LYS B 202 16.87 -20.18 -41.09
C LYS B 202 16.93 -18.74 -40.57
N PRO B 203 16.17 -18.44 -39.52
CA PRO B 203 16.25 -17.10 -38.92
C PRO B 203 17.57 -16.89 -38.19
N VAL B 204 17.90 -15.61 -38.00
CA VAL B 204 19.14 -15.22 -37.35
C VAL B 204 18.80 -14.57 -36.02
N MET B 205 19.60 -14.89 -34.99
CA MET B 205 19.45 -14.31 -33.66
C MET B 205 20.79 -13.72 -33.24
N LEU B 206 20.90 -12.40 -33.28
CA LEU B 206 22.07 -11.72 -32.75
C LEU B 206 21.96 -11.60 -31.24
N PHE B 207 23.09 -11.74 -30.55
CA PHE B 207 23.14 -11.63 -29.10
C PHE B 207 23.97 -10.40 -28.73
N LEU B 208 23.31 -9.42 -28.14
CA LEU B 208 23.98 -8.20 -27.68
C LEU B 208 24.34 -8.39 -26.21
N HIS B 209 25.56 -8.84 -25.95
CA HIS B 209 26.01 -9.17 -24.61
C HIS B 209 26.30 -7.92 -23.81
N GLY B 210 26.83 -8.10 -22.59
CA GLY B 210 27.26 -6.99 -21.77
C GLY B 210 26.43 -6.76 -20.54
N GLY B 211 26.92 -7.21 -19.39
CA GLY B 211 26.26 -6.87 -18.13
C GLY B 211 26.28 -5.37 -17.86
N SER B 212 27.43 -4.74 -18.10
CA SER B 212 27.52 -3.29 -18.15
C SER B 212 28.22 -2.90 -19.45
N TYR B 213 28.56 -1.62 -19.61
CA TYR B 213 29.19 -1.15 -20.83
C TYR B 213 30.70 -1.19 -20.77
N MET B 214 31.28 -1.77 -19.72
CA MET B 214 32.73 -1.75 -19.51
C MET B 214 33.35 -3.13 -19.46
N GLU B 215 32.61 -4.19 -19.79
CA GLU B 215 33.12 -5.54 -19.60
C GLU B 215 32.37 -6.51 -20.50
N GLY B 216 32.92 -7.71 -20.62
CA GLY B 216 32.26 -8.80 -21.31
C GLY B 216 32.84 -9.04 -22.70
N THR B 217 32.55 -10.22 -23.23
CA THR B 217 32.93 -10.57 -24.58
C THR B 217 31.96 -11.64 -25.09
N GLY B 218 31.93 -11.79 -26.42
CA GLY B 218 30.98 -12.71 -27.03
C GLY B 218 31.37 -14.16 -27.01
N ASN B 219 32.61 -14.48 -26.61
CA ASN B 219 33.07 -15.86 -26.61
C ASN B 219 32.60 -16.64 -25.39
N MET B 220 32.02 -15.96 -24.39
CA MET B 220 31.60 -16.66 -23.18
C MET B 220 30.35 -17.49 -23.38
N PHE B 221 29.51 -17.14 -24.36
CA PHE B 221 28.23 -17.81 -24.59
C PHE B 221 28.35 -18.69 -25.83
N ASP B 222 28.48 -20.00 -25.60
CA ASP B 222 28.57 -20.96 -26.70
C ASP B 222 27.17 -21.19 -27.24
N GLY B 223 26.76 -20.32 -28.17
CA GLY B 223 25.44 -20.44 -28.77
C GLY B 223 25.36 -21.54 -29.80
N SER B 224 25.72 -22.75 -29.42
CA SER B 224 25.69 -23.90 -30.32
C SER B 224 24.54 -24.85 -30.03
N VAL B 225 24.16 -25.02 -28.76
CA VAL B 225 23.00 -25.84 -28.42
C VAL B 225 21.72 -25.16 -28.90
N LEU B 226 21.65 -23.83 -28.74
CA LEU B 226 20.48 -23.08 -29.20
C LEU B 226 20.31 -23.22 -30.71
N ALA B 227 21.42 -23.15 -31.46
CA ALA B 227 21.33 -23.30 -32.92
C ALA B 227 20.94 -24.72 -33.29
N ALA B 228 21.45 -25.72 -32.57
CA ALA B 228 21.15 -27.11 -32.89
C ALA B 228 19.73 -27.49 -32.50
N TYR B 229 19.10 -26.77 -31.58
CA TYR B 229 17.74 -27.08 -31.16
C TYR B 229 16.71 -26.40 -32.04
N GLY B 230 16.74 -25.07 -32.12
CA GLY B 230 15.73 -24.33 -32.84
C GLY B 230 15.96 -24.17 -34.32
N ASN B 231 17.01 -24.78 -34.86
CA ASN B 231 17.34 -24.68 -36.29
C ASN B 231 17.55 -23.23 -36.72
N VAL B 232 17.99 -22.39 -35.80
CA VAL B 232 18.25 -20.99 -36.08
C VAL B 232 19.77 -20.78 -36.10
N ILE B 233 20.18 -19.61 -36.56
CA ILE B 233 21.59 -19.25 -36.65
C ILE B 233 21.86 -18.20 -35.58
N VAL B 234 22.66 -18.56 -34.58
CA VAL B 234 23.00 -17.65 -33.50
C VAL B 234 24.28 -16.92 -33.85
N VAL B 235 24.27 -15.59 -33.72
CA VAL B 235 25.40 -14.75 -34.05
C VAL B 235 25.75 -13.94 -32.81
N THR B 236 26.97 -14.13 -32.30
CA THR B 236 27.45 -13.41 -31.14
C THR B 236 28.63 -12.53 -31.55
N LEU B 237 28.54 -11.24 -31.23
CA LEU B 237 29.48 -10.26 -31.74
C LEU B 237 30.37 -9.72 -30.63
N ASN B 238 31.36 -8.93 -31.03
CA ASN B 238 32.20 -8.16 -30.12
C ASN B 238 32.20 -6.71 -30.59
N TYR B 239 31.95 -5.80 -29.66
CA TYR B 239 31.89 -4.37 -29.96
C TYR B 239 32.74 -3.62 -28.95
N ARG B 240 33.15 -2.41 -29.33
CA ARG B 240 33.97 -1.59 -28.45
C ARG B 240 33.21 -1.27 -27.17
N LEU B 241 33.89 -1.39 -26.02
CA LEU B 241 33.26 -1.16 -24.74
C LEU B 241 34.07 -0.14 -23.95
N GLY B 242 33.40 0.51 -23.01
CA GLY B 242 34.10 1.38 -22.08
C GLY B 242 34.56 2.66 -22.75
N VAL B 243 35.83 3.01 -22.51
CA VAL B 243 36.36 4.28 -22.98
C VAL B 243 36.43 4.33 -24.50
N LEU B 244 36.88 3.23 -25.12
CA LEU B 244 37.09 3.24 -26.57
C LEU B 244 35.78 3.22 -27.35
N GLY B 245 34.67 2.92 -26.71
CA GLY B 245 33.41 2.79 -27.44
C GLY B 245 32.34 3.77 -27.04
N PHE B 246 32.47 4.43 -25.88
CA PHE B 246 31.42 5.29 -25.39
C PHE B 246 31.93 6.62 -24.84
N LEU B 247 33.20 6.96 -25.01
CA LEU B 247 33.68 8.27 -24.59
C LEU B 247 33.06 9.35 -25.46
N SER B 248 32.62 10.42 -24.83
CA SER B 248 31.96 11.51 -25.55
C SER B 248 32.14 12.81 -24.78
N THR B 249 31.93 13.92 -25.49
CA THR B 249 32.04 15.24 -24.91
C THR B 249 30.79 16.09 -25.11
N GLY B 250 29.78 15.58 -25.80
CA GLY B 250 28.60 16.36 -26.10
C GLY B 250 28.79 17.23 -27.33
N ASP B 251 30.02 17.66 -27.58
CA ASP B 251 30.35 18.47 -28.73
C ASP B 251 30.48 17.58 -29.97
N GLN B 252 30.94 18.15 -31.08
CA GLN B 252 31.15 17.38 -32.30
C GLN B 252 32.52 16.73 -32.35
N ALA B 253 33.41 17.05 -31.42
CA ALA B 253 34.73 16.42 -31.40
C ALA B 253 34.63 14.93 -31.09
N ALA B 254 33.76 14.55 -30.17
CA ALA B 254 33.54 13.15 -29.80
C ALA B 254 32.06 12.95 -29.54
N LYS B 255 31.33 12.50 -30.56
CA LYS B 255 29.90 12.30 -30.43
C LYS B 255 29.58 11.21 -29.42
N GLY B 256 30.31 10.10 -29.47
CA GLY B 256 30.04 8.97 -28.60
C GLY B 256 29.19 7.93 -29.28
N ASN B 257 28.76 6.95 -28.47
CA ASN B 257 27.93 5.84 -28.93
C ASN B 257 28.59 5.09 -30.07
N TYR B 258 29.90 4.86 -29.94
CA TYR B 258 30.60 4.06 -30.95
C TYR B 258 30.25 2.58 -30.82
N GLY B 259 29.91 2.11 -29.62
CA GLY B 259 29.48 0.74 -29.46
C GLY B 259 28.16 0.47 -30.16
N LEU B 260 27.21 1.40 -30.05
CA LEU B 260 25.94 1.25 -30.77
C LEU B 260 26.16 1.26 -32.28
N LEU B 261 27.07 2.11 -32.75
CA LEU B 261 27.37 2.14 -34.18
C LEU B 261 28.06 0.84 -34.62
N ASP B 262 28.90 0.26 -33.76
CA ASP B 262 29.50 -1.03 -34.08
C ASP B 262 28.43 -2.12 -34.16
N GLN B 263 27.47 -2.10 -33.24
CA GLN B 263 26.37 -3.07 -33.30
C GLN B 263 25.54 -2.89 -34.56
N ILE B 264 25.29 -1.63 -34.94
CA ILE B 264 24.52 -1.36 -36.16
C ILE B 264 25.29 -1.83 -37.40
N GLN B 265 26.61 -1.64 -37.40
CA GLN B 265 27.43 -2.14 -38.50
C GLN B 265 27.38 -3.65 -38.58
N ALA B 266 27.42 -4.32 -37.42
CA ALA B 266 27.29 -5.78 -37.41
C ALA B 266 25.94 -6.22 -37.94
N LEU B 267 24.88 -5.49 -37.57
CA LEU B 267 23.55 -5.80 -38.12
C LEU B 267 23.51 -5.61 -39.63
N ARG B 268 24.16 -4.55 -40.13
CA ARG B 268 24.22 -4.35 -41.58
C ARG B 268 24.97 -5.49 -42.26
N TRP B 269 26.09 -5.91 -41.68
CA TRP B 269 26.85 -7.03 -42.22
C TRP B 269 26.01 -8.29 -42.27
N LEU B 270 25.27 -8.57 -41.19
CA LEU B 270 24.38 -9.73 -41.17
C LEU B 270 23.29 -9.60 -42.23
N SER B 271 22.73 -8.40 -42.37
CA SER B 271 21.64 -8.20 -43.34
C SER B 271 22.12 -8.44 -44.76
N GLU B 272 23.31 -7.97 -45.10
CA GLU B 272 23.80 -8.06 -46.47
C GLU B 272 24.76 -9.23 -46.69
N ASN B 273 24.94 -10.12 -45.70
CA ASN B 273 25.83 -11.26 -45.89
C ASN B 273 25.30 -12.60 -45.39
N ILE B 274 24.23 -12.64 -44.58
CA ILE B 274 23.80 -13.91 -43.99
C ILE B 274 23.11 -14.82 -44.99
N ALA B 275 22.74 -14.32 -46.17
CA ALA B 275 22.13 -15.17 -47.18
C ALA B 275 23.09 -16.27 -47.64
N HIS B 276 24.39 -15.98 -47.65
CA HIS B 276 25.36 -16.96 -48.10
C HIS B 276 25.50 -18.12 -47.13
N PHE B 277 25.24 -17.89 -45.84
CA PHE B 277 25.33 -18.93 -44.82
C PHE B 277 24.04 -19.73 -44.68
N GLY B 278 23.03 -19.45 -45.49
CA GLY B 278 21.74 -20.08 -45.37
C GLY B 278 20.76 -19.35 -44.47
N GLY B 279 21.18 -18.26 -43.83
CA GLY B 279 20.30 -17.51 -42.97
C GLY B 279 19.30 -16.66 -43.73
N ASP B 280 18.31 -16.16 -43.00
CA ASP B 280 17.26 -15.33 -43.59
C ASP B 280 17.51 -13.88 -43.21
N PRO B 281 17.80 -12.99 -44.17
CA PRO B 281 18.02 -11.58 -43.85
C PRO B 281 16.75 -10.78 -43.56
N GLU B 282 15.60 -11.44 -43.48
CA GLU B 282 14.33 -10.76 -43.23
C GLU B 282 13.71 -11.15 -41.91
N ARG B 283 14.35 -12.02 -41.13
CA ARG B 283 13.83 -12.51 -39.86
C ARG B 283 14.89 -12.45 -38.78
N ILE B 284 15.59 -11.32 -38.70
CA ILE B 284 16.70 -11.14 -37.77
C ILE B 284 16.18 -10.60 -36.45
N THR B 285 16.38 -11.37 -35.38
CA THR B 285 16.06 -10.95 -34.02
C THR B 285 17.34 -10.52 -33.32
N ILE B 286 17.20 -9.64 -32.34
CA ILE B 286 18.29 -9.26 -31.44
C ILE B 286 17.84 -9.49 -30.01
N PHE B 287 18.63 -10.23 -29.25
CA PHE B 287 18.27 -10.54 -27.87
C PHE B 287 19.51 -10.51 -26.99
N GLY B 288 19.38 -9.87 -25.84
CA GLY B 288 20.47 -9.77 -24.89
C GLY B 288 19.95 -9.59 -23.48
N SER B 289 20.83 -9.80 -22.52
CA SER B 289 20.50 -9.67 -21.11
C SER B 289 21.30 -8.53 -20.50
N GLY B 290 20.84 -8.08 -19.33
CA GLY B 290 21.53 -7.00 -18.64
C GLY B 290 21.49 -5.70 -19.43
N ALA B 291 22.51 -4.86 -19.18
CA ALA B 291 22.59 -3.58 -19.87
C ALA B 291 22.75 -3.74 -21.38
N GLY B 292 23.23 -4.90 -21.83
CA GLY B 292 23.24 -5.17 -23.26
C GLY B 292 21.84 -5.11 -23.85
N ALA B 293 20.85 -5.64 -23.12
CA ALA B 293 19.46 -5.50 -23.54
C ALA B 293 19.07 -4.03 -23.67
N SER B 294 19.64 -3.17 -22.82
CA SER B 294 19.41 -1.74 -22.97
C SER B 294 19.80 -1.28 -24.37
N CYS B 295 20.95 -1.74 -24.86
CA CYS B 295 21.35 -1.42 -26.23
C CYS B 295 20.25 -1.80 -27.21
N VAL B 296 19.65 -2.98 -27.02
CA VAL B 296 18.56 -3.41 -27.89
C VAL B 296 17.46 -2.37 -27.91
N ASN B 297 17.05 -1.91 -26.72
CA ASN B 297 16.04 -0.87 -26.66
C ASN B 297 16.53 0.41 -27.32
N LEU B 298 17.78 0.79 -27.06
CA LEU B 298 18.34 1.96 -27.70
C LEU B 298 18.55 1.75 -29.20
N LEU B 299 18.53 0.50 -29.65
CA LEU B 299 18.58 0.21 -31.07
C LEU B 299 17.21 0.26 -31.72
N ILE B 300 16.15 0.51 -30.96
CA ILE B 300 14.82 0.62 -31.51
C ILE B 300 14.47 2.07 -31.84
N LEU B 301 14.93 3.00 -31.01
CA LEU B 301 14.64 4.41 -31.18
C LEU B 301 15.65 5.13 -32.07
N SER B 302 16.42 4.37 -32.86
CA SER B 302 17.44 4.93 -33.74
C SER B 302 17.04 4.70 -35.19
N HIS B 303 17.08 5.75 -36.00
CA HIS B 303 16.76 5.62 -37.41
C HIS B 303 17.86 4.92 -38.20
N HIS B 304 19.04 4.73 -37.61
CA HIS B 304 20.12 4.02 -38.29
C HIS B 304 19.74 2.57 -38.54
N SER B 305 19.09 1.93 -37.57
CA SER B 305 18.64 0.54 -37.70
C SER B 305 17.15 0.55 -38.04
N GLU B 306 16.86 0.80 -39.32
CA GLU B 306 15.49 0.89 -39.78
C GLU B 306 14.96 -0.46 -40.26
N GLY B 307 15.61 -1.04 -41.28
CA GLY B 307 15.22 -2.32 -41.82
C GLY B 307 16.16 -3.47 -41.50
N LEU B 308 17.11 -3.28 -40.58
CA LEU B 308 18.12 -4.31 -40.34
C LEU B 308 17.55 -5.52 -39.62
N PHE B 309 16.73 -5.29 -38.59
CA PHE B 309 16.14 -6.36 -37.81
C PHE B 309 14.64 -6.17 -37.71
N GLN B 310 13.94 -7.29 -37.50
CA GLN B 310 12.48 -7.30 -37.47
C GLN B 310 11.89 -7.42 -36.07
N LYS B 311 12.53 -8.19 -35.18
CA LYS B 311 12.00 -8.46 -33.85
C LYS B 311 13.01 -7.99 -32.79
N ALA B 312 12.68 -8.24 -31.54
CA ALA B 312 13.54 -7.87 -30.42
C ALA B 312 13.12 -8.65 -29.19
N ILE B 313 14.11 -9.04 -28.38
CA ILE B 313 13.88 -9.75 -27.12
C ILE B 313 14.76 -9.09 -26.07
N ALA B 314 14.18 -8.23 -25.26
CA ALA B 314 14.91 -7.51 -24.22
C ALA B 314 14.55 -8.10 -22.86
N GLN B 315 15.48 -8.85 -22.28
CA GLN B 315 15.26 -9.51 -20.99
C GLN B 315 16.12 -8.85 -19.92
N SER B 316 15.50 -8.46 -18.81
CA SER B 316 16.19 -7.84 -17.68
C SER B 316 16.95 -6.59 -18.10
N GLY B 317 16.35 -5.80 -18.98
CA GLY B 317 16.99 -4.57 -19.42
C GLY B 317 16.05 -3.61 -20.11
N THR B 318 16.26 -2.31 -19.89
CA THR B 318 15.43 -1.27 -20.48
C THR B 318 16.32 -0.07 -20.79
N ALA B 319 15.76 0.89 -21.52
CA ALA B 319 16.45 2.13 -21.86
C ALA B 319 16.02 3.30 -21.00
N ILE B 320 15.23 3.06 -19.95
CA ILE B 320 14.71 4.13 -19.11
C ILE B 320 15.10 3.97 -17.65
N SER B 321 15.86 2.94 -17.30
CA SER B 321 16.36 2.83 -15.94
C SER B 321 17.48 3.86 -15.71
N SER B 322 17.92 3.96 -14.46
CA SER B 322 18.88 5.00 -14.10
C SER B 322 20.23 4.78 -14.78
N TRP B 323 20.63 3.52 -14.95
CA TRP B 323 21.95 3.19 -15.47
C TRP B 323 21.89 2.71 -16.92
N SER B 324 21.03 3.29 -17.74
CA SER B 324 20.91 2.89 -19.14
C SER B 324 21.65 3.83 -20.09
N VAL B 325 21.53 5.14 -19.88
CA VAL B 325 22.22 6.12 -20.71
C VAL B 325 22.97 7.08 -19.79
N ASN B 326 23.95 7.77 -20.37
CA ASN B 326 24.78 8.72 -19.64
C ASN B 326 24.35 10.13 -20.03
N TYR B 327 23.98 10.92 -19.02
CA TYR B 327 23.43 12.26 -19.27
C TYR B 327 24.43 13.38 -19.06
N GLN B 328 25.55 13.13 -18.39
CA GLN B 328 26.62 14.10 -18.24
C GLN B 328 27.93 13.44 -18.66
N PRO B 329 28.16 13.28 -19.97
CA PRO B 329 29.39 12.62 -20.42
C PRO B 329 30.63 13.48 -20.29
N LEU B 330 30.50 14.80 -20.41
CA LEU B 330 31.65 15.68 -20.29
C LEU B 330 32.24 15.63 -18.89
N LYS B 331 31.39 15.55 -17.86
CA LYS B 331 31.88 15.56 -16.49
C LYS B 331 32.83 14.41 -16.22
N TYR B 332 32.66 13.29 -16.92
CA TYR B 332 33.54 12.14 -16.76
C TYR B 332 34.65 12.09 -17.80
N THR B 333 34.39 12.57 -19.02
CA THR B 333 35.45 12.63 -20.02
C THR B 333 36.56 13.58 -19.59
N ARG B 334 36.20 14.75 -19.06
CA ARG B 334 37.21 15.67 -18.55
C ARG B 334 37.97 15.07 -17.38
N LEU B 335 37.26 14.35 -16.51
CA LEU B 335 37.89 13.73 -15.35
C LEU B 335 38.92 12.69 -15.80
N LEU B 336 38.55 11.85 -16.77
CA LEU B 336 39.48 10.86 -17.29
C LEU B 336 40.67 11.53 -17.98
N ALA B 337 40.41 12.57 -18.77
CA ALA B 337 41.50 13.27 -19.45
C ALA B 337 42.47 13.88 -18.45
N ALA B 338 41.94 14.48 -17.38
CA ALA B 338 42.81 15.07 -16.36
C ALA B 338 43.61 13.99 -15.65
N LYS B 339 42.99 12.85 -15.33
CA LYS B 339 43.71 11.82 -14.61
C LYS B 339 44.74 11.13 -15.51
N VAL B 340 44.52 11.13 -16.83
CA VAL B 340 45.43 10.41 -17.71
C VAL B 340 46.64 11.26 -18.08
N GLY B 341 46.55 12.58 -17.96
CA GLY B 341 47.72 13.41 -18.17
C GLY B 341 47.50 14.69 -18.96
N CYS B 342 46.55 14.70 -19.89
CA CYS B 342 46.27 15.89 -20.70
C CYS B 342 44.79 16.24 -20.57
N ASP B 343 44.51 17.40 -19.99
CA ASP B 343 43.16 17.93 -19.86
C ASP B 343 43.14 19.31 -20.49
N ARG B 344 42.94 19.37 -21.80
CA ARG B 344 42.85 20.64 -22.50
C ARG B 344 41.47 21.25 -22.30
N GLU B 345 41.36 22.54 -22.61
CA GLU B 345 40.09 23.23 -22.59
C GLU B 345 39.38 23.21 -23.93
N ASP B 346 40.01 22.60 -24.94
CA ASP B 346 39.41 22.44 -26.26
C ASP B 346 39.10 20.97 -26.49
N SER B 347 37.89 20.69 -26.97
CA SER B 347 37.44 19.31 -27.11
C SER B 347 38.24 18.57 -28.18
N THR B 348 38.49 19.21 -29.33
CA THR B 348 39.12 18.52 -30.46
C THR B 348 40.55 18.12 -30.11
N GLU B 349 41.32 19.04 -29.51
CA GLU B 349 42.70 18.72 -29.17
C GLU B 349 42.78 17.70 -28.04
N ALA B 350 41.84 17.73 -27.09
CA ALA B 350 41.80 16.69 -26.07
C ALA B 350 41.49 15.33 -26.66
N VAL B 351 40.57 15.28 -27.63
CA VAL B 351 40.26 14.02 -28.31
C VAL B 351 41.48 13.51 -29.05
N GLU B 352 42.20 14.40 -29.75
CA GLU B 352 43.41 13.98 -30.45
C GLU B 352 44.47 13.49 -29.47
N CYS B 353 44.63 14.17 -28.34
CA CYS B 353 45.59 13.73 -27.33
C CYS B 353 45.24 12.34 -26.82
N LEU B 354 43.94 12.09 -26.55
CA LEU B 354 43.52 10.77 -26.14
C LEU B 354 43.78 9.73 -27.23
N ARG B 355 43.57 10.10 -28.49
CA ARG B 355 43.87 9.20 -29.59
C ARG B 355 45.37 8.89 -29.66
N ARG B 356 46.21 9.80 -29.18
CA ARG B 356 47.64 9.53 -29.14
C ARG B 356 48.03 8.53 -28.05
N LYS B 357 47.15 8.30 -27.08
CA LYS B 357 47.45 7.35 -26.01
C LYS B 357 47.26 5.91 -26.48
N SER B 358 47.81 4.99 -25.71
CA SER B 358 47.66 3.57 -25.98
C SER B 358 46.31 3.07 -25.49
N SER B 359 45.86 1.96 -26.09
CA SER B 359 44.55 1.41 -25.75
C SER B 359 44.52 0.78 -24.36
N ARG B 360 45.67 0.41 -23.82
CA ARG B 360 45.71 -0.20 -22.48
C ARG B 360 45.84 0.82 -21.37
N GLU B 361 46.52 1.95 -21.62
CA GLU B 361 46.77 2.91 -20.56
C GLU B 361 45.48 3.57 -20.08
N LEU B 362 44.58 3.91 -21.00
CA LEU B 362 43.36 4.60 -20.62
C LEU B 362 42.24 3.64 -20.20
N VAL B 363 42.34 2.35 -20.54
CA VAL B 363 41.38 1.38 -20.05
C VAL B 363 41.60 1.12 -18.56
N ASP B 364 42.86 0.94 -18.16
CA ASP B 364 43.17 0.62 -16.77
C ASP B 364 42.87 1.77 -15.81
N GLN B 365 42.61 2.96 -16.33
CA GLN B 365 42.41 4.13 -15.49
C GLN B 365 41.06 4.03 -14.78
N ASP B 366 41.01 4.50 -13.54
CA ASP B 366 39.83 4.33 -12.69
C ASP B 366 39.06 5.65 -12.62
N VAL B 367 37.86 5.65 -13.19
CA VAL B 367 36.92 6.76 -13.06
C VAL B 367 35.65 6.21 -12.43
N GLN B 368 35.33 6.67 -11.22
CA GLN B 368 34.20 6.16 -10.47
C GLN B 368 32.98 7.01 -10.73
N PRO B 369 31.87 6.44 -11.17
CA PRO B 369 30.65 7.23 -11.38
C PRO B 369 29.81 7.32 -10.11
N ALA B 370 28.81 8.20 -10.16
CA ALA B 370 27.85 8.29 -9.08
C ALA B 370 27.08 6.98 -8.95
N ARG B 371 26.69 6.65 -7.72
CA ARG B 371 26.06 5.37 -7.46
C ARG B 371 24.77 5.23 -8.26
N TYR B 372 24.53 4.00 -8.74
CA TYR B 372 23.38 3.68 -9.57
C TYR B 372 23.37 4.48 -10.88
N HIS B 373 24.56 4.85 -11.35
CA HIS B 373 24.75 5.48 -12.65
C HIS B 373 25.94 4.82 -13.34
N ILE B 374 26.28 5.31 -14.52
CA ILE B 374 27.38 4.79 -15.30
C ILE B 374 28.30 5.92 -15.72
N ALA B 375 29.58 5.61 -15.88
CA ALA B 375 30.56 6.61 -16.30
C ALA B 375 30.55 6.78 -17.82
N PHE B 376 30.81 5.70 -18.56
CA PHE B 376 30.81 5.72 -20.01
C PHE B 376 29.71 4.80 -20.52
N GLY B 377 28.83 5.34 -21.35
CA GLY B 377 27.72 4.60 -21.90
C GLY B 377 27.09 5.35 -23.05
N PRO B 378 25.91 4.91 -23.48
CA PRO B 378 25.21 5.63 -24.55
C PRO B 378 24.91 7.06 -24.14
N VAL B 379 25.04 7.97 -25.09
CA VAL B 379 24.92 9.41 -24.83
C VAL B 379 23.90 9.98 -25.80
N VAL B 380 22.99 10.80 -25.28
CA VAL B 380 21.98 11.45 -26.11
C VAL B 380 22.63 12.59 -26.87
N ASP B 381 22.79 12.41 -28.18
CA ASP B 381 23.43 13.42 -29.02
C ASP B 381 22.52 13.98 -30.10
N GLY B 382 21.79 13.12 -30.81
CA GLY B 382 20.93 13.58 -31.88
C GLY B 382 21.08 12.76 -33.15
N ASP B 383 22.17 12.00 -33.24
CA ASP B 383 22.43 11.15 -34.40
C ASP B 383 21.91 9.73 -34.19
N VAL B 384 22.42 9.05 -33.17
CA VAL B 384 22.00 7.69 -32.89
C VAL B 384 20.83 7.66 -31.92
N VAL B 385 20.89 8.47 -30.87
CA VAL B 385 19.81 8.59 -29.90
C VAL B 385 19.32 10.04 -29.93
N PRO B 386 18.25 10.32 -30.67
CA PRO B 386 17.85 11.73 -30.90
C PRO B 386 17.57 12.49 -29.61
N ASP B 387 16.95 11.85 -28.63
CA ASP B 387 16.67 12.50 -27.34
C ASP B 387 16.66 11.41 -26.28
N ASP B 388 16.27 11.78 -25.06
CA ASP B 388 16.23 10.79 -23.99
C ASP B 388 15.23 9.70 -24.33
N PRO B 389 15.55 8.43 -24.06
CA PRO B 389 14.66 7.34 -24.48
C PRO B 389 13.27 7.39 -23.87
N GLU B 390 13.10 8.08 -22.74
CA GLU B 390 11.78 8.20 -22.13
C GLU B 390 10.86 9.06 -23.00
N ILE B 391 11.36 10.19 -23.50
CA ILE B 391 10.53 11.08 -24.31
C ILE B 391 10.27 10.47 -25.67
N LEU B 392 11.29 9.88 -26.29
CA LEU B 392 11.14 9.37 -27.65
C LEU B 392 10.12 8.25 -27.72
N MET B 393 10.17 7.31 -26.78
CA MET B 393 9.28 6.16 -26.83
C MET B 393 7.86 6.51 -26.39
N GLN B 394 7.66 7.66 -25.76
CA GLN B 394 6.30 8.08 -25.41
C GLN B 394 5.54 8.58 -26.63
N GLN B 395 6.21 9.38 -27.47
CA GLN B 395 5.57 9.93 -28.67
C GLN B 395 5.81 9.06 -29.90
N GLY B 396 5.56 7.76 -29.75
CA GLY B 396 5.60 6.78 -30.83
C GLY B 396 6.72 6.91 -31.84
N GLU B 397 7.96 7.03 -31.39
CA GLU B 397 9.10 7.09 -32.29
C GLU B 397 9.78 5.72 -32.41
N PHE B 398 9.03 4.77 -32.96
CA PHE B 398 9.56 3.44 -33.27
C PHE B 398 8.72 2.83 -34.37
N LEU B 399 9.26 1.77 -34.98
CA LEU B 399 8.75 1.24 -36.24
C LEU B 399 8.19 -0.17 -36.09
N ASN B 400 7.45 -0.42 -35.02
CA ASN B 400 6.61 -1.62 -34.87
C ASN B 400 7.50 -2.88 -34.99
N TYR B 401 8.30 -3.08 -33.95
CA TYR B 401 9.08 -4.29 -33.79
C TYR B 401 8.40 -5.22 -32.80
N ASP B 402 8.20 -6.48 -33.22
CA ASP B 402 7.71 -7.49 -32.30
C ASP B 402 8.67 -7.63 -31.13
N MET B 403 8.12 -7.63 -29.91
CA MET B 403 8.92 -7.46 -28.72
C MET B 403 8.59 -8.52 -27.68
N LEU B 404 9.61 -9.01 -26.99
CA LEU B 404 9.48 -10.02 -25.94
C LEU B 404 10.26 -9.54 -24.72
N ILE B 405 9.57 -8.89 -23.79
CA ILE B 405 10.19 -8.34 -22.60
C ILE B 405 10.00 -9.33 -21.46
N GLY B 406 10.88 -9.26 -20.47
CA GLY B 406 10.74 -10.09 -19.29
C GLY B 406 11.69 -9.67 -18.20
N VAL B 407 11.37 -10.14 -16.99
CA VAL B 407 12.18 -9.87 -15.81
C VAL B 407 12.25 -11.14 -14.96
N ASN B 408 13.25 -11.19 -14.09
CA ASN B 408 13.31 -12.22 -13.07
C ASN B 408 12.65 -11.70 -11.80
N GLN B 409 12.39 -12.63 -10.86
CA GLN B 409 11.60 -12.26 -9.70
C GLN B 409 12.39 -11.35 -8.76
N GLY B 410 13.56 -11.80 -8.31
CA GLY B 410 14.37 -10.94 -7.48
C GLY B 410 15.75 -10.70 -8.06
N GLU B 411 16.00 -9.48 -8.53
CA GLU B 411 17.23 -9.16 -9.22
C GLU B 411 18.18 -8.30 -8.41
N GLY B 412 17.69 -7.59 -7.40
CA GLY B 412 18.54 -6.79 -6.54
C GLY B 412 19.24 -7.62 -5.48
N LEU B 413 19.66 -8.83 -5.85
CA LEU B 413 20.32 -9.71 -4.89
C LEU B 413 21.61 -9.09 -4.37
N LYS B 414 22.25 -8.22 -5.15
CA LYS B 414 23.45 -7.53 -4.70
C LYS B 414 23.14 -6.19 -4.06
N PHE B 415 21.86 -5.79 -3.98
CA PHE B 415 21.50 -4.63 -3.18
C PHE B 415 21.62 -4.95 -1.70
N VAL B 416 21.13 -6.12 -1.28
CA VAL B 416 21.35 -6.63 0.06
C VAL B 416 22.46 -7.66 -0.04
N GLU B 417 23.70 -7.20 0.13
CA GLU B 417 24.87 -8.08 0.11
C GLU B 417 25.77 -7.75 1.29
N ASP B 418 25.67 -6.52 1.79
CA ASP B 418 26.38 -6.15 3.00
C ASP B 418 25.75 -6.76 4.25
N SER B 419 24.51 -7.26 4.14
CA SER B 419 23.81 -7.88 5.26
C SER B 419 23.13 -9.17 4.81
N ALA B 420 23.82 -9.96 4.00
CA ALA B 420 23.28 -11.20 3.46
C ALA B 420 23.82 -12.44 4.14
N GLU B 421 24.73 -12.30 5.10
CA GLU B 421 25.32 -13.45 5.77
C GLU B 421 25.07 -13.41 7.27
N SER B 422 23.83 -13.10 7.66
CA SER B 422 23.46 -12.99 9.06
C SER B 422 22.30 -13.95 9.37
N GLU B 423 22.20 -14.35 10.64
CA GLU B 423 21.15 -15.25 11.05
C GLU B 423 19.77 -14.63 10.84
N ASP B 424 19.63 -13.36 11.19
CA ASP B 424 18.42 -12.58 10.91
C ASP B 424 18.72 -11.60 9.78
N GLY B 425 17.68 -10.88 9.36
CA GLY B 425 17.82 -9.98 8.24
C GLY B 425 18.38 -8.62 8.62
N VAL B 426 17.73 -7.57 8.15
CA VAL B 426 18.19 -6.20 8.35
C VAL B 426 17.43 -5.59 9.51
N SER B 427 18.16 -5.07 10.49
CA SER B 427 17.54 -4.35 11.58
C SER B 427 16.94 -3.04 11.08
N ALA B 428 15.91 -2.56 11.79
CA ALA B 428 15.19 -1.37 11.34
C ALA B 428 16.12 -0.16 11.26
N SER B 429 17.07 -0.05 12.19
CA SER B 429 18.03 1.03 12.14
C SER B 429 18.90 0.98 10.90
N ALA B 430 19.02 -0.19 10.28
CA ALA B 430 19.74 -0.32 9.01
C ALA B 430 18.80 -0.32 7.81
N PHE B 431 17.57 -0.81 7.96
CA PHE B 431 16.59 -0.71 6.87
C PHE B 431 16.31 0.75 6.53
N ASP B 432 16.09 1.57 7.55
CA ASP B 432 15.88 2.99 7.31
C ASP B 432 17.12 3.65 6.71
N PHE B 433 18.31 3.27 7.14
CA PHE B 433 19.54 3.80 6.58
C PHE B 433 19.69 3.45 5.10
N THR B 434 19.42 2.19 4.75
CA THR B 434 19.52 1.78 3.36
C THR B 434 18.49 2.50 2.49
N VAL B 435 17.26 2.65 2.99
CA VAL B 435 16.25 3.35 2.21
C VAL B 435 16.60 4.82 2.03
N SER B 436 17.15 5.45 3.08
CA SER B 436 17.55 6.84 2.97
C SER B 436 18.69 7.02 1.99
N ASN B 437 19.68 6.11 2.01
CA ASN B 437 20.76 6.17 1.03
C ASN B 437 20.24 5.95 -0.38
N PHE B 438 19.29 5.04 -0.54
CA PHE B 438 18.64 4.81 -1.82
C PHE B 438 18.02 6.10 -2.35
N VAL B 439 17.23 6.77 -1.51
CA VAL B 439 16.57 8.01 -1.92
C VAL B 439 17.60 9.07 -2.26
N ASP B 440 18.62 9.21 -1.43
CA ASP B 440 19.64 10.24 -1.67
C ASP B 440 20.37 9.99 -2.99
N ASN B 441 20.72 8.73 -3.27
CA ASN B 441 21.48 8.44 -4.48
C ASN B 441 20.62 8.58 -5.74
N LEU B 442 19.39 8.07 -5.72
CA LEU B 442 18.61 8.03 -6.95
C LEU B 442 17.79 9.29 -7.18
N TYR B 443 16.90 9.62 -6.24
CA TYR B 443 16.06 10.81 -6.42
C TYR B 443 16.79 12.08 -5.99
N GLY B 444 17.08 12.20 -4.70
CA GLY B 444 17.81 13.37 -4.21
C GLY B 444 17.16 14.69 -4.51
N TYR B 445 15.84 14.69 -4.68
CA TYR B 445 15.14 15.90 -5.09
C TYR B 445 15.03 16.87 -3.92
N PRO B 446 15.57 18.08 -4.02
CA PRO B 446 15.46 19.03 -2.91
C PRO B 446 14.04 19.54 -2.66
N GLU B 447 13.12 19.35 -3.61
CA GLU B 447 11.76 19.84 -3.42
C GLU B 447 11.10 19.18 -2.22
N GLY B 448 11.26 17.86 -2.08
CA GLY B 448 10.77 17.16 -0.92
C GLY B 448 11.35 15.77 -0.79
N LYS B 449 11.90 15.46 0.39
CA LYS B 449 12.47 14.14 0.65
C LYS B 449 12.03 13.52 1.97
N ASP B 450 11.57 14.32 2.94
CA ASP B 450 11.06 13.75 4.17
C ASP B 450 9.69 13.11 3.97
N VAL B 451 9.01 13.42 2.88
CA VAL B 451 7.73 12.78 2.55
C VAL B 451 7.95 11.54 1.71
N LEU B 452 8.80 11.63 0.70
CA LEU B 452 9.05 10.48 -0.18
C LEU B 452 9.70 9.33 0.58
N ARG B 453 10.69 9.63 1.42
CA ARG B 453 11.36 8.57 2.16
C ARG B 453 10.39 7.84 3.06
N GLU B 454 9.53 8.58 3.76
CA GLU B 454 8.59 7.95 4.67
C GLU B 454 7.59 7.08 3.92
N THR B 455 7.08 7.54 2.79
CA THR B 455 6.05 6.78 2.09
C THR B 455 6.63 5.53 1.43
N ILE B 456 7.86 5.61 0.91
CA ILE B 456 8.45 4.40 0.34
C ILE B 456 9.06 3.50 1.41
N LYS B 457 9.23 4.00 2.64
CA LYS B 457 9.51 3.11 3.76
C LYS B 457 8.24 2.38 4.19
N PHE B 458 7.11 3.09 4.22
CA PHE B 458 5.86 2.47 4.65
C PHE B 458 5.36 1.45 3.64
N MET B 459 5.49 1.76 2.35
CA MET B 459 4.98 0.84 1.33
C MET B 459 5.73 -0.49 1.35
N TYR B 460 7.05 -0.44 1.47
CA TYR B 460 7.88 -1.64 1.34
C TYR B 460 8.19 -2.22 2.72
N THR B 461 7.12 -2.55 3.46
CA THR B 461 7.25 -3.32 4.68
C THR B 461 5.90 -3.98 4.95
N ASP B 462 5.95 -5.24 5.39
CA ASP B 462 4.74 -6.00 5.68
C ASP B 462 4.36 -5.79 7.13
N TRP B 463 3.24 -5.11 7.36
CA TRP B 463 2.81 -4.78 8.71
C TRP B 463 2.17 -5.95 9.44
N ALA B 464 1.82 -7.02 8.73
CA ALA B 464 1.31 -8.21 9.41
C ALA B 464 2.41 -8.93 10.17
N ASP B 465 3.65 -8.77 9.75
CA ASP B 465 4.80 -9.42 10.39
C ASP B 465 5.93 -8.37 10.50
N ARG B 466 5.58 -7.20 11.03
CA ARG B 466 6.46 -6.04 10.96
C ARG B 466 7.80 -6.29 11.63
N ASP B 467 7.81 -7.02 12.75
CA ASP B 467 9.02 -7.22 13.53
C ASP B 467 9.75 -8.51 13.17
N ASN B 468 9.66 -8.97 11.91
CA ASN B 468 10.31 -10.20 11.52
C ASN B 468 11.82 -10.03 11.49
N GLY B 469 12.31 -8.95 10.89
CA GLY B 469 13.74 -8.76 10.74
C GLY B 469 14.29 -9.53 9.55
N GLU B 470 14.11 -10.85 9.56
CA GLU B 470 14.60 -11.66 8.44
C GLU B 470 13.88 -11.33 7.15
N MET B 471 12.57 -11.14 7.22
CA MET B 471 11.81 -10.79 6.02
C MET B 471 11.73 -9.27 5.88
N ARG B 472 12.92 -8.68 5.97
CA ARG B 472 13.18 -7.31 5.56
C ARG B 472 14.21 -7.25 4.44
N ARG B 473 15.16 -8.18 4.41
CA ARG B 473 15.97 -8.39 3.22
C ARG B 473 15.08 -8.64 2.01
N LYS B 474 14.00 -9.39 2.19
CA LYS B 474 13.09 -9.65 1.09
C LYS B 474 12.45 -8.37 0.57
N THR B 475 12.03 -7.48 1.48
CA THR B 475 11.38 -6.25 1.04
C THR B 475 12.39 -5.28 0.43
N LEU B 476 13.63 -5.28 0.92
CA LEU B 476 14.65 -4.43 0.32
C LEU B 476 15.02 -4.93 -1.08
N LEU B 477 15.17 -6.25 -1.23
CA LEU B 477 15.39 -6.85 -2.54
C LEU B 477 14.25 -6.52 -3.48
N ALA B 478 13.00 -6.60 -2.99
CA ALA B 478 11.85 -6.25 -3.80
C ALA B 478 11.87 -4.77 -4.17
N LEU B 479 12.31 -3.91 -3.25
CA LEU B 479 12.41 -2.49 -3.54
C LEU B 479 13.35 -2.23 -4.71
N PHE B 480 14.56 -2.79 -4.65
CA PHE B 480 15.52 -2.57 -5.73
C PHE B 480 15.02 -3.18 -7.04
N THR B 481 14.51 -4.41 -6.98
CA THR B 481 14.01 -5.08 -8.18
C THR B 481 12.86 -4.31 -8.81
N ASP B 482 11.97 -3.77 -7.98
CA ASP B 482 10.80 -3.06 -8.49
C ASP B 482 11.19 -1.73 -9.10
N HIS B 483 12.09 -0.98 -8.45
CA HIS B 483 12.43 0.34 -8.98
C HIS B 483 13.28 0.23 -10.24
N GLN B 484 14.30 -0.64 -10.21
CA GLN B 484 15.26 -0.62 -11.31
C GLN B 484 14.84 -1.44 -12.51
N TRP B 485 14.20 -2.59 -12.29
CA TRP B 485 13.91 -3.52 -13.38
C TRP B 485 12.43 -3.66 -13.68
N VAL B 486 11.61 -3.96 -12.69
CA VAL B 486 10.22 -4.31 -12.96
C VAL B 486 9.44 -3.10 -13.47
N ALA B 487 9.56 -1.97 -12.77
CA ALA B 487 8.81 -0.78 -13.18
C ALA B 487 9.20 -0.27 -14.56
N PRO B 488 10.49 -0.09 -14.90
CA PRO B 488 10.80 0.35 -16.27
C PRO B 488 10.39 -0.65 -17.33
N ALA B 489 10.50 -1.95 -17.02
CA ALA B 489 10.08 -2.96 -18.00
C ALA B 489 8.58 -2.89 -18.24
N VAL B 490 7.78 -2.74 -17.19
CA VAL B 490 6.34 -2.64 -17.36
C VAL B 490 5.98 -1.35 -18.09
N ALA B 491 6.66 -0.25 -17.77
CA ALA B 491 6.37 1.02 -18.43
C ALA B 491 6.67 0.94 -19.92
N THR B 492 7.83 0.39 -20.28
CA THR B 492 8.17 0.30 -21.70
C THR B 492 7.31 -0.74 -22.42
N ALA B 493 6.87 -1.79 -21.73
CA ALA B 493 5.93 -2.73 -22.35
C ALA B 493 4.59 -2.06 -22.62
N LYS B 494 4.10 -1.26 -21.68
CA LYS B 494 2.86 -0.53 -21.91
C LYS B 494 3.00 0.45 -23.05
N LEU B 495 4.13 1.17 -23.12
CA LEU B 495 4.32 2.16 -24.17
C LEU B 495 4.47 1.49 -25.54
N HIS B 496 5.12 0.34 -25.60
CA HIS B 496 5.24 -0.38 -26.88
C HIS B 496 3.93 -1.04 -27.27
N ALA B 497 3.09 -1.40 -26.30
CA ALA B 497 1.80 -2.00 -26.59
C ALA B 497 0.69 -0.97 -26.78
N ASP B 498 0.96 0.31 -26.52
CA ASP B 498 -0.01 1.35 -26.77
C ASP B 498 -0.02 1.83 -28.21
N TYR B 499 0.92 1.35 -29.03
CA TYR B 499 0.96 1.68 -30.45
C TYR B 499 0.77 0.43 -31.30
N GLN B 500 -0.02 -0.52 -30.78
CA GLN B 500 -0.46 -1.71 -31.53
C GLN B 500 0.72 -2.50 -32.08
N SER B 501 1.79 -2.62 -31.28
CA SER B 501 2.92 -3.48 -31.61
C SER B 501 2.94 -4.64 -30.63
N PRO B 502 3.11 -5.89 -31.11
CA PRO B 502 3.03 -7.04 -30.20
C PRO B 502 4.09 -6.97 -29.11
N VAL B 503 3.67 -7.26 -27.88
CA VAL B 503 4.57 -7.34 -26.73
C VAL B 503 4.21 -8.59 -25.95
N TYR B 504 5.21 -9.41 -25.65
CA TYR B 504 5.03 -10.61 -24.84
C TYR B 504 5.86 -10.46 -23.57
N PHE B 505 5.20 -10.51 -22.42
CA PHE B 505 5.83 -10.28 -21.13
C PHE B 505 6.06 -11.61 -20.42
N TYR B 506 7.26 -11.80 -19.87
CA TYR B 506 7.57 -13.02 -19.13
C TYR B 506 8.25 -12.68 -17.82
N THR B 507 8.05 -13.57 -16.84
CA THR B 507 8.69 -13.47 -15.54
C THR B 507 9.33 -14.81 -15.21
N PHE B 508 10.59 -14.77 -14.79
CA PHE B 508 11.38 -15.96 -14.52
C PHE B 508 11.52 -16.14 -13.02
N TYR B 509 11.20 -17.34 -12.54
CA TYR B 509 11.29 -17.67 -11.11
C TYR B 509 12.35 -18.72 -10.80
N HIS B 510 12.48 -19.75 -11.63
CA HIS B 510 13.46 -20.79 -11.40
C HIS B 510 14.87 -20.23 -11.60
N HIS B 511 15.84 -20.87 -10.93
CA HIS B 511 17.24 -20.47 -11.03
C HIS B 511 18.12 -21.69 -10.88
N CYS B 512 19.35 -21.57 -11.38
CA CYS B 512 20.32 -22.65 -11.25
C CYS B 512 20.85 -22.72 -9.82
N GLN B 513 20.80 -23.92 -9.23
CA GLN B 513 21.21 -24.09 -7.85
C GLN B 513 22.73 -24.07 -7.71
N ALA B 514 23.29 -22.90 -7.42
CA ALA B 514 24.73 -22.74 -7.30
C ALA B 514 25.18 -23.18 -5.91
N GLU B 515 26.46 -22.91 -5.59
CA GLU B 515 27.03 -23.26 -4.29
C GLU B 515 26.95 -22.07 -3.34
N GLY B 516 27.49 -20.93 -3.75
CA GLY B 516 27.50 -19.75 -2.92
C GLY B 516 26.21 -18.95 -2.92
N ARG B 517 25.22 -19.35 -3.71
CA ARG B 517 23.96 -18.62 -3.75
C ARG B 517 23.14 -18.92 -2.50
N PRO B 518 22.69 -17.90 -1.78
CA PRO B 518 21.94 -18.15 -0.54
C PRO B 518 20.62 -18.85 -0.80
N GLU B 519 20.16 -19.61 0.21
CA GLU B 519 18.91 -20.35 0.08
C GLU B 519 17.71 -19.42 0.02
N TRP B 520 17.73 -18.33 0.78
CA TRP B 520 16.59 -17.41 0.78
C TRP B 520 16.48 -16.67 -0.55
N ALA B 521 17.60 -16.42 -1.21
CA ALA B 521 17.59 -15.67 -2.47
C ALA B 521 16.91 -16.48 -3.57
N ASP B 522 16.34 -15.76 -4.53
CA ASP B 522 15.68 -16.37 -5.67
C ASP B 522 16.36 -15.90 -6.95
N ALA B 523 15.74 -16.22 -8.10
CA ALA B 523 16.37 -16.03 -9.40
C ALA B 523 16.86 -14.60 -9.59
N ALA B 524 18.18 -14.43 -9.68
CA ALA B 524 18.81 -13.11 -9.63
C ALA B 524 19.02 -12.57 -11.05
N HIS B 525 19.79 -11.49 -11.15
CA HIS B 525 20.04 -10.85 -12.43
C HIS B 525 20.82 -11.79 -13.35
N GLY B 526 20.32 -11.93 -14.58
CA GLY B 526 20.99 -12.78 -15.55
C GLY B 526 20.97 -14.25 -15.24
N ASP B 527 20.04 -14.72 -14.41
CA ASP B 527 19.94 -16.12 -14.07
C ASP B 527 19.08 -16.90 -15.05
N GLU B 528 18.72 -16.30 -16.19
CA GLU B 528 18.04 -17.01 -17.26
C GLU B 528 18.94 -17.31 -18.45
N LEU B 529 20.13 -16.71 -18.50
CA LEU B 529 21.04 -16.97 -19.61
C LEU B 529 21.45 -18.43 -19.75
N PRO B 530 21.77 -19.16 -18.68
CA PRO B 530 22.06 -20.60 -18.88
C PRO B 530 20.93 -21.36 -19.54
N TYR B 531 19.68 -21.05 -19.18
CA TYR B 531 18.55 -21.78 -19.74
C TYR B 531 18.31 -21.42 -21.20
N VAL B 532 18.49 -20.14 -21.55
CA VAL B 532 18.25 -19.72 -22.92
C VAL B 532 19.26 -20.35 -23.87
N PHE B 533 20.52 -20.47 -23.43
CA PHE B 533 21.60 -20.92 -24.29
C PHE B 533 21.80 -22.43 -24.27
N GLY B 534 20.96 -23.18 -23.56
CA GLY B 534 21.09 -24.63 -23.55
C GLY B 534 22.21 -25.17 -22.69
N VAL B 535 22.68 -24.38 -21.72
CA VAL B 535 23.68 -24.90 -20.77
C VAL B 535 23.19 -26.15 -20.06
N PRO B 536 21.94 -26.25 -19.60
CA PRO B 536 21.50 -27.52 -18.98
C PRO B 536 21.61 -28.72 -19.89
N MET B 537 21.40 -28.56 -21.19
CA MET B 537 21.43 -29.68 -22.12
C MET B 537 22.83 -30.02 -22.60
N VAL B 538 23.85 -29.27 -22.19
CA VAL B 538 25.23 -29.55 -22.55
C VAL B 538 26.11 -29.84 -21.35
N GLY B 539 25.63 -29.62 -20.13
CA GLY B 539 26.41 -29.86 -18.94
C GLY B 539 26.96 -28.57 -18.34
N ALA B 540 27.28 -28.64 -17.05
CA ALA B 540 27.82 -27.48 -16.36
C ALA B 540 29.19 -27.11 -16.92
N THR B 541 29.44 -25.80 -17.00
CA THR B 541 30.69 -25.27 -17.52
C THR B 541 31.41 -24.50 -16.42
N ASP B 542 32.51 -23.83 -16.80
CA ASP B 542 33.28 -23.07 -15.83
C ASP B 542 32.53 -21.84 -15.34
N LEU B 543 31.72 -21.22 -16.21
CA LEU B 543 30.97 -20.04 -15.82
C LEU B 543 29.79 -20.41 -14.92
N PHE B 544 29.13 -21.52 -15.21
CA PHE B 544 27.99 -21.98 -14.42
C PHE B 544 28.34 -23.31 -13.77
N PRO B 545 28.80 -23.31 -12.52
CA PRO B 545 29.21 -24.56 -11.85
C PRO B 545 28.09 -25.30 -11.14
N CYS B 546 26.83 -24.98 -11.41
CA CYS B 546 25.72 -25.57 -10.70
C CYS B 546 25.50 -27.01 -11.15
N ASN B 547 24.74 -27.77 -10.36
CA ASN B 547 24.33 -29.12 -10.70
C ASN B 547 22.95 -29.02 -11.34
N PHE B 548 22.85 -29.40 -12.61
CA PHE B 548 21.64 -29.21 -13.38
C PHE B 548 20.88 -30.54 -13.45
N SER B 549 19.70 -30.58 -12.85
CA SER B 549 18.91 -31.80 -12.80
C SER B 549 18.06 -31.92 -14.07
N LYS B 550 17.16 -32.91 -14.09
CA LYS B 550 16.27 -33.08 -15.23
C LYS B 550 15.24 -31.96 -15.32
N ASN B 551 14.85 -31.40 -14.17
CA ASN B 551 13.94 -30.26 -14.16
C ASN B 551 14.54 -29.09 -14.92
N ASP B 552 15.83 -28.80 -14.69
CA ASP B 552 16.48 -27.71 -15.38
C ASP B 552 16.59 -28.01 -16.88
N VAL B 553 16.84 -29.27 -17.24
CA VAL B 553 16.92 -29.63 -18.65
C VAL B 553 15.59 -29.39 -19.35
N MET B 554 14.49 -29.82 -18.71
CA MET B 554 13.17 -29.60 -19.30
C MET B 554 12.85 -28.11 -19.40
N LEU B 555 13.16 -27.34 -18.35
CA LEU B 555 12.89 -25.91 -18.37
C LEU B 555 13.69 -25.22 -19.47
N SER B 556 14.96 -25.59 -19.63
CA SER B 556 15.77 -25.02 -20.70
C SER B 556 15.21 -25.37 -22.06
N ALA B 557 14.80 -26.62 -22.25
CA ALA B 557 14.22 -27.00 -23.54
C ALA B 557 13.00 -26.15 -23.86
N VAL B 558 12.14 -25.95 -22.86
CA VAL B 558 10.94 -25.15 -23.08
C VAL B 558 11.30 -23.69 -23.36
N VAL B 559 12.28 -23.16 -22.64
CA VAL B 559 12.65 -21.75 -22.80
C VAL B 559 13.20 -21.49 -24.18
N MET B 560 14.14 -22.32 -24.65
CA MET B 560 14.64 -22.15 -26.00
C MET B 560 13.58 -22.48 -27.05
N THR B 561 12.62 -23.36 -26.73
CA THR B 561 11.51 -23.56 -27.66
C THR B 561 10.72 -22.27 -27.83
N TYR B 562 10.41 -21.59 -26.73
CA TYR B 562 9.70 -20.31 -26.81
C TYR B 562 10.51 -19.28 -27.59
N TRP B 563 11.80 -19.16 -27.26
CA TRP B 563 12.62 -18.15 -27.92
C TRP B 563 12.75 -18.41 -29.41
N THR B 564 12.96 -19.67 -29.80
CA THR B 564 13.09 -19.99 -31.21
C THR B 564 11.77 -19.87 -31.96
N ASN B 565 10.65 -20.17 -31.29
CA ASN B 565 9.36 -19.89 -31.92
C ASN B 565 9.18 -18.41 -32.19
N PHE B 566 9.54 -17.56 -31.23
CA PHE B 566 9.47 -16.12 -31.44
C PHE B 566 10.38 -15.69 -32.58
N ALA B 567 11.58 -16.26 -32.65
CA ALA B 567 12.49 -15.93 -33.73
C ALA B 567 11.92 -16.36 -35.08
N LYS B 568 11.27 -17.52 -35.13
CA LYS B 568 10.72 -18.02 -36.38
C LYS B 568 9.58 -17.15 -36.88
N THR B 569 8.60 -16.85 -36.02
CA THR B 569 7.41 -16.15 -36.49
C THR B 569 7.00 -14.94 -35.65
N GLY B 570 7.38 -14.87 -34.38
CA GLY B 570 6.92 -13.81 -33.52
C GLY B 570 5.79 -14.18 -32.58
N ASP B 571 5.43 -15.46 -32.51
CA ASP B 571 4.44 -15.95 -31.56
C ASP B 571 5.01 -17.21 -30.90
N PRO B 572 5.29 -17.17 -29.60
CA PRO B 572 5.98 -18.29 -28.95
C PRO B 572 5.19 -19.60 -28.92
N ASN B 573 3.98 -19.66 -29.49
CA ASN B 573 3.15 -20.84 -29.38
C ASN B 573 2.89 -21.56 -30.69
N GLN B 574 2.99 -20.89 -31.84
CA GLN B 574 2.51 -21.47 -33.08
C GLN B 574 3.46 -22.49 -33.71
N PRO B 575 4.77 -22.18 -33.94
CA PRO B 575 5.60 -23.08 -34.75
C PRO B 575 5.68 -24.51 -34.23
N VAL B 576 6.21 -24.67 -33.02
CA VAL B 576 6.52 -25.98 -32.46
C VAL B 576 5.70 -26.16 -31.20
N PRO B 577 4.81 -27.16 -31.14
CA PRO B 577 4.09 -27.42 -29.90
C PRO B 577 5.02 -27.89 -28.79
N GLN B 578 4.64 -27.60 -27.55
CA GLN B 578 5.47 -27.94 -26.41
C GLN B 578 5.49 -29.45 -26.19
N ASP B 579 6.69 -30.00 -26.00
CA ASP B 579 6.87 -31.42 -25.76
C ASP B 579 8.13 -31.62 -24.93
N THR B 580 8.24 -32.80 -24.33
CA THR B 580 9.39 -33.14 -23.51
C THR B 580 10.63 -33.36 -24.37
N ASN B 588 4.28 -32.95 -17.74
CA ASN B 588 4.68 -31.55 -17.90
C ASN B 588 3.47 -30.63 -17.89
N ARG B 589 3.64 -29.45 -17.31
CA ARG B 589 2.59 -28.44 -17.23
C ARG B 589 2.70 -27.39 -18.34
N PHE B 590 3.66 -27.55 -19.25
CA PHE B 590 3.95 -26.55 -20.26
C PHE B 590 3.16 -26.72 -21.54
N GLU B 591 2.36 -27.78 -21.67
CA GLU B 591 1.68 -28.04 -22.93
C GLU B 591 0.38 -27.25 -23.06
N GLU B 592 -0.36 -27.09 -21.97
CA GLU B 592 -1.69 -26.50 -22.03
C GLU B 592 -1.70 -25.00 -21.79
N VAL B 593 -0.56 -24.38 -21.54
CA VAL B 593 -0.48 -22.94 -21.29
C VAL B 593 -0.21 -22.22 -22.59
N VAL B 594 -1.04 -21.23 -22.90
CA VAL B 594 -0.94 -20.46 -24.14
C VAL B 594 -0.55 -19.04 -23.79
N TRP B 595 0.58 -18.59 -24.32
CA TRP B 595 1.07 -17.25 -24.06
C TRP B 595 0.21 -16.22 -24.79
N SER B 596 -0.21 -15.20 -24.06
CA SER B 596 -1.07 -14.15 -24.60
C SER B 596 -0.33 -12.82 -24.62
N LYS B 597 -0.75 -11.93 -25.50
CA LYS B 597 -0.10 -10.65 -25.66
C LYS B 597 -0.26 -9.80 -24.39
N PHE B 598 0.47 -8.70 -24.35
CA PHE B 598 0.47 -7.78 -23.22
C PHE B 598 -0.33 -6.55 -23.61
N ASN B 599 -1.64 -6.61 -23.37
CA ASN B 599 -2.50 -5.45 -23.57
C ASN B 599 -2.35 -4.50 -22.40
N SER B 600 -2.35 -3.19 -22.69
CA SER B 600 -2.19 -2.19 -21.64
C SER B 600 -3.34 -2.25 -20.64
N LYS B 601 -4.57 -2.44 -21.13
CA LYS B 601 -5.73 -2.49 -20.23
C LYS B 601 -5.67 -3.72 -19.33
N GLU B 602 -5.42 -4.88 -19.91
CA GLU B 602 -5.29 -6.13 -19.16
C GLU B 602 -3.86 -6.63 -19.34
N LYS B 603 -3.02 -6.38 -18.34
CA LYS B 603 -1.58 -6.61 -18.46
C LYS B 603 -1.24 -8.09 -18.30
N GLN B 604 -1.74 -8.88 -19.23
CA GLN B 604 -1.52 -10.33 -19.19
C GLN B 604 -0.04 -10.66 -19.41
N TYR B 605 0.44 -11.69 -18.71
CA TYR B 605 1.82 -12.12 -18.86
C TYR B 605 1.89 -13.61 -18.55
N LEU B 606 3.05 -14.20 -18.84
CA LEU B 606 3.30 -15.61 -18.56
C LEU B 606 4.34 -15.73 -17.46
N HIS B 607 4.16 -16.70 -16.57
CA HIS B 607 4.99 -16.85 -15.38
C HIS B 607 5.84 -18.11 -15.56
N ILE B 608 7.01 -17.94 -16.17
CA ILE B 608 7.90 -19.07 -16.42
C ILE B 608 8.50 -19.53 -15.10
N GLY B 609 8.49 -20.83 -14.87
CA GLY B 609 9.03 -21.38 -13.63
C GLY B 609 8.71 -22.85 -13.52
N LEU B 610 8.76 -23.35 -12.28
CA LEU B 610 8.41 -24.75 -12.03
C LEU B 610 6.95 -25.01 -12.36
N LYS B 611 6.05 -24.09 -11.99
CA LYS B 611 4.62 -24.21 -12.21
C LYS B 611 4.16 -23.01 -13.05
N PRO B 612 4.13 -23.14 -14.36
CA PRO B 612 3.76 -22.01 -15.22
C PRO B 612 2.29 -21.64 -15.07
N ARG B 613 1.98 -20.41 -15.48
CA ARG B 613 0.61 -19.94 -15.51
C ARG B 613 0.56 -18.62 -16.26
N VAL B 614 -0.51 -18.42 -17.03
CA VAL B 614 -0.74 -17.16 -17.73
C VAL B 614 -1.46 -16.24 -16.75
N ARG B 615 -0.70 -15.41 -16.05
CA ARG B 615 -1.25 -14.56 -15.01
C ARG B 615 -1.67 -13.21 -15.57
N ASP B 616 -2.36 -12.44 -14.74
CA ASP B 616 -3.11 -11.27 -15.18
C ASP B 616 -2.43 -9.95 -14.85
N ASN B 617 -1.76 -9.85 -13.71
CA ASN B 617 -1.10 -8.59 -13.33
C ASN B 617 0.10 -8.91 -12.46
N TYR B 618 1.25 -8.33 -12.78
CA TYR B 618 2.48 -8.56 -12.04
C TYR B 618 2.77 -7.36 -11.14
N ARG B 619 2.67 -7.58 -9.84
CA ARG B 619 3.01 -6.58 -8.83
C ARG B 619 2.37 -5.23 -9.15
N ALA B 620 1.06 -5.27 -9.41
CA ALA B 620 0.36 -4.06 -9.83
C ALA B 620 0.44 -2.96 -8.79
N ASN B 621 0.45 -3.34 -7.51
CA ASN B 621 0.49 -2.34 -6.45
C ASN B 621 1.80 -1.55 -6.49
N LYS B 622 2.94 -2.25 -6.50
CA LYS B 622 4.22 -1.57 -6.46
C LYS B 622 4.55 -0.91 -7.79
N VAL B 623 4.18 -1.54 -8.90
CA VAL B 623 4.39 -0.93 -10.21
C VAL B 623 3.60 0.37 -10.32
N ALA B 624 2.34 0.35 -9.91
CA ALA B 624 1.53 1.56 -9.91
C ALA B 624 2.07 2.59 -8.93
N PHE B 625 2.62 2.15 -7.80
CA PHE B 625 3.24 3.09 -6.86
C PHE B 625 4.41 3.81 -7.52
N TRP B 626 5.28 3.07 -8.20
CA TRP B 626 6.47 3.69 -8.77
C TRP B 626 6.15 4.51 -10.02
N LEU B 627 5.10 4.17 -10.76
CA LEU B 627 4.81 4.86 -12.00
C LEU B 627 3.80 6.00 -11.86
N GLU B 628 2.88 5.94 -10.90
CA GLU B 628 1.76 6.87 -10.86
C GLU B 628 1.69 7.72 -9.59
N LEU B 629 2.31 7.30 -8.49
CA LEU B 629 2.28 8.06 -7.26
C LEU B 629 3.56 8.86 -7.02
N VAL B 630 4.73 8.21 -7.13
CA VAL B 630 5.99 8.91 -6.86
C VAL B 630 6.15 10.17 -7.70
N PRO B 631 5.77 10.21 -8.99
CA PRO B 631 5.85 11.49 -9.72
C PRO B 631 5.02 12.59 -9.11
N HIS B 632 4.02 12.28 -8.28
CA HIS B 632 3.21 13.29 -7.63
C HIS B 632 3.76 13.72 -6.27
N LEU B 633 4.93 13.21 -5.87
CA LEU B 633 5.51 13.57 -4.59
C LEU B 633 6.84 14.30 -4.77
N ALA C 106 2.50 -3.25 66.04
CA ALA C 106 2.65 -4.06 67.25
C ALA C 106 2.23 -5.50 66.99
N GLY C 107 1.85 -5.78 65.74
CA GLY C 107 1.43 -7.13 65.37
C GLY C 107 2.60 -8.02 65.02
N THR C 108 2.50 -8.71 63.89
CA THR C 108 3.61 -9.54 63.43
C THR C 108 4.85 -8.69 63.16
N THR C 109 5.99 -9.19 63.61
CA THR C 109 7.25 -8.46 63.51
C THR C 109 8.28 -9.34 62.80
N TYR C 110 8.83 -8.82 61.71
CA TYR C 110 9.91 -9.48 60.98
C TYR C 110 11.19 -8.68 61.19
N ILE C 111 12.22 -9.35 61.70
CA ILE C 111 13.47 -8.70 62.07
C ILE C 111 14.55 -9.11 61.09
N PHE C 112 15.22 -8.13 60.50
CA PHE C 112 16.35 -8.39 59.63
C PHE C 112 17.59 -8.73 60.46
N SER C 113 18.48 -9.51 59.86
CA SER C 113 19.68 -9.95 60.56
C SER C 113 20.94 -9.61 59.78
N LYS C 114 22.08 -10.16 60.20
CA LYS C 114 23.35 -9.88 59.56
C LYS C 114 23.30 -10.24 58.08
N GLY C 115 23.92 -9.40 57.26
CA GLY C 115 23.89 -9.58 55.82
C GLY C 115 22.74 -8.82 55.17
N GLY C 116 21.52 -9.25 55.43
CA GLY C 116 20.36 -8.57 54.91
C GLY C 116 19.24 -9.55 54.60
N GLY C 117 18.11 -9.01 54.18
CA GLY C 117 16.95 -9.82 53.87
C GLY C 117 16.01 -9.07 52.95
N GLN C 118 14.98 -9.78 52.50
CA GLN C 118 14.03 -9.22 51.54
C GLN C 118 12.75 -10.03 51.56
N ILE C 119 11.63 -9.30 51.54
CA ILE C 119 10.29 -9.88 51.40
C ILE C 119 9.71 -9.36 50.09
N THR C 120 9.26 -10.29 49.25
CA THR C 120 8.71 -9.94 47.95
C THR C 120 7.27 -10.43 47.87
N TYR C 121 6.35 -9.52 47.62
CA TYR C 121 4.96 -9.85 47.35
C TYR C 121 4.71 -9.70 45.85
N LYS C 122 4.26 -10.76 45.20
CA LYS C 122 4.00 -10.76 43.77
C LYS C 122 2.48 -10.81 43.56
N TRP C 123 1.94 -9.71 43.03
CA TRP C 123 0.52 -9.69 42.71
C TRP C 123 0.22 -10.70 41.62
N PRO C 124 -0.96 -11.32 41.64
CA PRO C 124 -1.32 -12.25 40.58
C PRO C 124 -1.33 -11.56 39.24
N PRO C 125 -0.94 -12.25 38.17
CA PRO C 125 -0.84 -11.58 36.86
C PRO C 125 -2.16 -11.02 36.36
N ASN C 126 -3.29 -11.57 36.79
CA ASN C 126 -4.59 -11.14 36.31
C ASN C 126 -5.30 -10.18 37.27
N ASP C 127 -4.65 -9.80 38.37
CA ASP C 127 -5.30 -8.93 39.37
C ASP C 127 -4.33 -7.86 39.85
N ARG C 128 -3.54 -7.30 38.95
CA ARG C 128 -2.67 -6.19 39.31
C ARG C 128 -3.50 -4.92 39.43
N PRO C 129 -3.49 -4.25 40.58
CA PRO C 129 -4.32 -3.04 40.75
C PRO C 129 -3.62 -1.77 40.30
N SER C 130 -4.45 -0.84 39.82
CA SER C 130 -4.01 0.51 39.50
C SER C 130 -4.90 1.47 40.26
N THR C 131 -4.30 2.35 41.06
CA THR C 131 -5.04 3.17 42.00
C THR C 131 -4.62 4.62 41.91
N ARG C 132 -5.59 5.52 42.10
CA ARG C 132 -5.34 6.95 42.17
C ARG C 132 -5.02 7.43 43.59
N ALA C 133 -5.19 6.56 44.58
CA ALA C 133 -4.93 6.90 45.97
C ALA C 133 -4.09 5.81 46.61
N ASP C 134 -3.08 6.21 47.38
CA ASP C 134 -2.16 5.28 48.01
C ASP C 134 -2.07 5.57 49.50
N ARG C 135 -2.02 4.49 50.30
CA ARG C 135 -1.83 4.59 51.74
C ARG C 135 -0.78 3.58 52.16
N LEU C 136 0.18 4.02 52.97
CA LEU C 136 1.31 3.18 53.38
C LEU C 136 1.62 3.46 54.84
N ALA C 137 1.29 2.51 55.71
CA ALA C 137 1.56 2.63 57.15
C ALA C 137 2.47 1.48 57.56
N ILE C 138 3.53 1.80 58.30
CA ILE C 138 4.52 0.78 58.67
C ILE C 138 5.24 1.25 59.93
N GLY C 139 5.44 0.33 60.86
CA GLY C 139 6.24 0.58 62.06
C GLY C 139 7.60 -0.05 61.89
N PHE C 140 8.63 0.70 62.29
CA PHE C 140 10.01 0.29 62.08
C PHE C 140 10.85 0.62 63.30
N SER C 141 11.96 -0.11 63.43
CA SER C 141 12.96 0.15 64.47
C SER C 141 14.32 -0.26 63.92
N THR C 142 15.20 0.71 63.73
CA THR C 142 16.53 0.45 63.19
C THR C 142 17.42 1.66 63.50
N VAL C 143 18.71 1.49 63.22
CA VAL C 143 19.70 2.54 63.45
C VAL C 143 20.59 2.72 62.23
N GLN C 144 20.15 2.20 61.08
CA GLN C 144 20.92 2.36 59.85
C GLN C 144 20.75 3.76 59.29
N LYS C 145 21.86 4.36 58.87
CA LYS C 145 21.82 5.73 58.36
C LYS C 145 21.25 5.80 56.95
N GLU C 146 21.60 4.85 56.09
CA GLU C 146 21.18 4.84 54.70
C GLU C 146 20.62 3.48 54.35
N ALA C 147 19.33 3.41 54.03
CA ALA C 147 18.68 2.16 53.67
C ALA C 147 17.36 2.46 53.00
N VAL C 148 16.71 1.41 52.49
CA VAL C 148 15.40 1.50 51.89
C VAL C 148 14.49 0.47 52.54
N LEU C 149 13.27 0.87 52.89
CA LEU C 149 12.35 0.00 53.62
C LEU C 149 11.29 -0.61 52.73
N VAL C 150 10.51 0.23 52.04
CA VAL C 150 9.39 -0.22 51.21
C VAL C 150 9.62 0.25 49.79
N ARG C 151 9.48 -0.66 48.83
CA ARG C 151 9.61 -0.35 47.41
C ARG C 151 8.48 -1.03 46.66
N VAL C 152 7.67 -0.24 45.96
CA VAL C 152 6.57 -0.74 45.15
C VAL C 152 6.84 -0.37 43.70
N ASP C 153 6.82 -1.35 42.83
CA ASP C 153 7.15 -1.17 41.41
C ASP C 153 5.95 -1.53 40.54
N SER C 154 5.90 -0.93 39.37
CA SER C 154 4.91 -1.28 38.36
C SER C 154 5.37 -2.55 37.62
N SER C 155 4.62 -2.93 36.60
CA SER C 155 5.01 -4.09 35.80
C SER C 155 6.21 -3.74 34.92
N SER C 156 6.62 -4.70 34.10
CA SER C 156 7.77 -4.49 33.22
C SER C 156 7.46 -3.41 32.19
N GLY C 157 8.43 -2.54 31.97
CA GLY C 157 8.30 -1.44 31.03
C GLY C 157 7.82 -0.12 31.61
N LEU C 158 6.74 -0.16 32.40
CA LEU C 158 6.23 1.05 33.01
C LEU C 158 7.15 1.51 34.13
N GLY C 159 7.43 2.82 34.16
CA GLY C 159 8.33 3.41 35.13
C GLY C 159 7.67 3.84 36.43
N ASP C 160 6.41 3.50 36.65
CA ASP C 160 5.72 3.88 37.87
C ASP C 160 6.36 3.18 39.06
N TYR C 161 6.69 3.94 40.10
CA TYR C 161 7.28 3.31 41.29
C TYR C 161 7.01 4.15 42.52
N LEU C 162 7.08 3.50 43.68
CA LEU C 162 6.99 4.15 44.98
C LEU C 162 8.06 3.57 45.89
N GLU C 163 8.84 4.44 46.53
CA GLU C 163 10.00 4.01 47.30
C GLU C 163 10.06 4.78 48.61
N LEU C 164 10.06 4.05 49.72
CA LEU C 164 10.23 4.62 51.05
C LEU C 164 11.65 4.33 51.52
N HIS C 165 12.40 5.37 51.85
CA HIS C 165 13.82 5.22 52.12
C HIS C 165 14.26 6.14 53.25
N ILE C 166 15.20 5.65 54.05
CA ILE C 166 15.84 6.43 55.10
C ILE C 166 17.22 6.85 54.59
N HIS C 167 17.48 8.15 54.61
CA HIS C 167 18.72 8.71 54.10
C HIS C 167 19.18 9.83 55.03
N GLN C 168 20.40 9.69 55.56
CA GLN C 168 20.99 10.68 56.45
C GLN C 168 20.10 10.98 57.65
N GLY C 169 19.46 9.95 58.19
CA GLY C 169 18.59 10.10 59.32
C GLY C 169 17.23 10.71 59.01
N LYS C 170 16.94 10.97 57.75
CA LYS C 170 15.67 11.55 57.32
C LYS C 170 14.89 10.52 56.51
N ILE C 171 13.66 10.27 56.89
CA ILE C 171 12.81 9.29 56.22
C ILE C 171 11.98 10.02 55.17
N GLY C 172 11.93 9.47 53.96
CA GLY C 172 11.23 10.13 52.87
C GLY C 172 10.71 9.14 51.85
N VAL C 173 9.67 9.55 51.14
CA VAL C 173 9.06 8.74 50.08
C VAL C 173 9.22 9.46 48.76
N LYS C 174 9.69 8.73 47.75
CA LYS C 174 9.82 9.23 46.38
C LYS C 174 8.96 8.36 45.47
N PHE C 175 8.07 9.00 44.71
CA PHE C 175 7.21 8.26 43.80
C PHE C 175 7.27 8.86 42.40
N ASN C 176 7.28 7.97 41.42
CA ASN C 176 7.19 8.31 40.00
C ASN C 176 5.85 7.81 39.48
N VAL C 177 4.95 8.76 39.21
CA VAL C 177 3.66 8.44 38.60
C VAL C 177 3.65 8.67 37.09
N GLY C 178 4.75 9.18 36.53
CA GLY C 178 4.85 9.34 35.09
C GLY C 178 5.51 10.63 34.65
N THR C 179 5.38 11.70 35.45
CA THR C 179 5.95 12.99 35.06
C THR C 179 7.36 13.19 35.61
N ASP C 180 7.50 13.17 36.92
CA ASP C 180 8.79 13.36 37.56
C ASP C 180 8.79 12.68 38.92
N ASP C 181 9.98 12.35 39.41
CA ASP C 181 10.11 11.69 40.70
C ASP C 181 9.82 12.68 41.83
N ILE C 182 8.58 12.71 42.30
CA ILE C 182 8.21 13.62 43.38
C ILE C 182 8.59 12.96 44.70
N ALA C 183 9.46 13.61 45.46
CA ALA C 183 9.97 13.06 46.71
C ALA C 183 9.69 14.05 47.84
N ILE C 184 9.08 13.55 48.91
CA ILE C 184 8.85 14.33 50.11
C ILE C 184 9.60 13.67 51.26
N GLU C 185 10.35 14.47 52.01
CA GLU C 185 11.27 13.99 53.02
C GLU C 185 11.03 14.71 54.33
N GLU C 186 11.08 13.96 55.43
CA GLU C 186 10.97 14.53 56.76
C GLU C 186 12.38 14.90 57.22
N SER C 187 12.72 16.19 57.07
CA SER C 187 14.09 16.65 57.29
C SER C 187 14.32 17.21 58.69
N ASN C 188 13.33 17.82 59.31
CA ASN C 188 13.49 18.43 60.62
C ASN C 188 13.28 17.43 61.74
N ALA C 189 13.96 16.29 61.66
CA ALA C 189 13.86 15.22 62.65
C ALA C 189 14.89 14.16 62.34
N ILE C 190 15.23 13.39 63.36
CA ILE C 190 16.08 12.21 63.22
C ILE C 190 15.32 11.02 63.79
N ILE C 191 15.30 9.91 63.04
CA ILE C 191 14.46 8.77 63.37
C ILE C 191 15.26 7.51 63.65
N ASN C 192 16.49 7.38 63.15
CA ASN C 192 17.29 6.17 63.35
C ASN C 192 18.09 6.23 64.66
N ASP C 193 17.40 6.59 65.73
CA ASP C 193 17.99 6.68 67.05
C ASP C 193 17.78 5.43 67.89
N GLY C 194 17.16 4.38 67.34
CA GLY C 194 16.89 3.16 68.04
C GLY C 194 15.49 3.04 68.60
N LYS C 195 14.78 4.15 68.73
CA LYS C 195 13.41 4.11 69.24
C LYS C 195 12.45 3.61 68.17
N TYR C 196 11.38 2.97 68.62
CA TYR C 196 10.34 2.50 67.72
C TYR C 196 9.59 3.67 67.11
N HIS C 197 9.31 3.58 65.81
CA HIS C 197 8.56 4.64 65.12
C HIS C 197 7.50 4.01 64.23
N VAL C 198 6.47 4.79 63.93
CA VAL C 198 5.43 4.41 62.98
C VAL C 198 5.27 5.55 61.99
N VAL C 199 5.26 5.22 60.70
CA VAL C 199 5.20 6.22 59.64
C VAL C 199 4.03 5.90 58.71
N ARG C 200 3.28 6.94 58.36
CA ARG C 200 2.13 6.86 57.46
C ARG C 200 2.35 7.81 56.28
N PHE C 201 1.94 7.36 55.10
CA PHE C 201 2.09 8.12 53.88
C PHE C 201 0.80 8.01 53.08
N THR C 202 0.18 9.15 52.77
CA THR C 202 -1.05 9.21 52.00
C THR C 202 -0.81 10.02 50.74
N ARG C 203 -1.15 9.44 49.59
CA ARG C 203 -0.90 10.05 48.30
C ARG C 203 -2.20 10.11 47.50
N SER C 204 -2.49 11.28 46.93
CA SER C 204 -3.64 11.46 46.05
C SER C 204 -3.21 12.32 44.88
N GLY C 205 -3.26 11.76 43.67
CA GLY C 205 -2.78 12.48 42.51
C GLY C 205 -1.29 12.73 42.62
N GLY C 206 -0.91 14.00 42.57
CA GLY C 206 0.48 14.37 42.82
C GLY C 206 0.71 14.83 44.24
N ASN C 207 -0.38 15.05 44.98
CA ASN C 207 -0.28 15.56 46.34
C ASN C 207 0.07 14.44 47.31
N ALA C 208 0.93 14.74 48.27
CA ALA C 208 1.43 13.75 49.21
C ALA C 208 1.41 14.30 50.63
N THR C 209 1.28 13.40 51.60
CA THR C 209 1.28 13.75 53.02
C THR C 209 2.02 12.67 53.79
N LEU C 210 3.04 13.08 54.53
CA LEU C 210 3.88 12.16 55.29
C LEU C 210 3.80 12.50 56.77
N GLN C 211 3.58 11.49 57.60
CA GLN C 211 3.46 11.67 59.04
C GLN C 211 4.29 10.60 59.74
N VAL C 212 4.94 10.99 60.83
CA VAL C 212 5.71 10.05 61.65
C VAL C 212 5.39 10.32 63.11
N ASP C 213 5.06 9.25 63.85
CA ASP C 213 4.71 9.32 65.26
C ASP C 213 3.57 10.30 65.51
N SER C 214 3.84 11.38 66.23
CA SER C 214 2.84 12.39 66.53
C SER C 214 3.27 13.80 66.12
N TRP C 215 4.42 13.95 65.49
CA TRP C 215 4.87 15.25 65.01
C TRP C 215 3.98 15.71 63.87
N PRO C 216 3.87 17.03 63.66
CA PRO C 216 2.96 17.54 62.63
C PRO C 216 3.30 16.99 61.25
N VAL C 217 2.26 16.69 60.48
CA VAL C 217 2.46 16.09 59.16
C VAL C 217 3.08 17.10 58.21
N ILE C 218 3.77 16.58 57.20
CA ILE C 218 4.40 17.39 56.16
C ILE C 218 3.69 17.11 54.85
N GLU C 219 3.36 18.17 54.12
CA GLU C 219 2.56 18.08 52.91
C GLU C 219 3.38 18.54 51.72
N ARG C 220 3.31 17.77 50.63
CA ARG C 220 3.95 18.11 49.37
C ARG C 220 2.86 18.35 48.33
N TYR C 221 2.86 19.53 47.72
CA TYR C 221 1.89 19.93 46.71
C TYR C 221 2.65 20.39 45.49
N PRO C 222 3.18 19.46 44.69
CA PRO C 222 3.96 19.85 43.51
C PRO C 222 3.12 20.66 42.53
N ALA C 223 3.77 21.65 41.91
CA ALA C 223 3.08 22.58 41.04
C ALA C 223 3.09 22.07 39.60
N GLY C 224 2.26 22.70 38.76
CA GLY C 224 2.17 22.34 37.36
C GLY C 224 1.25 21.15 37.13
N ARG C 225 0.99 20.89 35.85
CA ARG C 225 0.13 19.75 35.40
C ARG C 225 0.92 18.48 35.71
N GLN C 226 0.33 17.52 36.45
CA GLN C 226 0.98 16.28 36.83
C GLN C 226 0.04 15.11 36.59
N LEU C 227 0.62 13.95 36.29
CA LEU C 227 -0.13 12.71 36.17
C LEU C 227 -0.50 12.19 37.55
N THR C 228 -1.51 11.30 37.58
CA THR C 228 -2.06 10.82 38.84
C THR C 228 -2.05 9.31 38.99
N ILE C 229 -2.31 8.57 37.92
CA ILE C 229 -2.64 7.15 38.04
C ILE C 229 -1.36 6.33 38.18
N PHE C 230 -1.31 5.51 39.23
CA PHE C 230 -0.22 4.56 39.45
C PHE C 230 -0.58 3.28 38.70
N ASN C 231 0.10 3.03 37.59
CA ASN C 231 -0.36 2.03 36.62
C ASN C 231 0.24 0.66 36.93
N SER C 232 -0.64 -0.32 37.18
CA SER C 232 -0.31 -1.73 37.17
C SER C 232 0.82 -2.06 38.15
N GLN C 233 0.50 -1.90 39.44
CA GLN C 233 1.40 -2.33 40.49
C GLN C 233 1.66 -3.83 40.36
N ALA C 234 2.93 -4.22 40.45
CA ALA C 234 3.32 -5.61 40.24
C ALA C 234 3.83 -6.29 41.50
N THR C 235 4.82 -5.71 42.16
CA THR C 235 5.45 -6.34 43.31
C THR C 235 5.68 -5.33 44.42
N ILE C 236 5.70 -5.84 45.64
CA ILE C 236 6.08 -5.07 46.83
C ILE C 236 7.38 -5.63 47.36
N ILE C 237 8.38 -4.76 47.52
CA ILE C 237 9.70 -5.14 48.00
C ILE C 237 9.89 -4.51 49.38
N ILE C 238 10.17 -5.34 50.37
CA ILE C 238 10.41 -4.90 51.74
C ILE C 238 11.82 -5.30 52.12
N GLY C 239 12.62 -4.32 52.55
CA GLY C 239 14.01 -4.56 52.90
C GLY C 239 14.97 -4.01 51.87
N GLY C 240 14.63 -4.17 50.60
CA GLY C 240 15.46 -3.66 49.53
C GLY C 240 16.82 -4.32 49.41
N LYS C 241 16.88 -5.64 49.53
CA LYS C 241 18.13 -6.35 49.33
C LYS C 241 18.60 -6.25 47.89
N GLU C 242 17.67 -6.35 46.93
CA GLU C 242 18.00 -6.23 45.52
C GLU C 242 18.11 -4.77 45.06
N GLN C 243 17.63 -3.82 45.86
CA GLN C 243 17.67 -2.42 45.44
C GLN C 243 19.08 -1.86 45.52
N GLY C 244 19.88 -2.32 46.48
CA GLY C 244 21.24 -1.85 46.61
C GLY C 244 21.60 -1.45 48.03
N GLN C 245 20.58 -1.16 48.84
CA GLN C 245 20.77 -0.79 50.24
C GLN C 245 20.10 -1.82 51.13
N PRO C 246 20.83 -2.79 51.66
CA PRO C 246 20.22 -3.74 52.59
C PRO C 246 19.74 -3.04 53.86
N PHE C 247 18.66 -3.56 54.42
CA PHE C 247 18.04 -3.00 55.61
C PHE C 247 18.20 -3.97 56.77
N GLN C 248 18.59 -3.45 57.93
CA GLN C 248 18.76 -4.25 59.13
C GLN C 248 17.96 -3.61 60.27
N GLY C 249 16.99 -4.34 60.80
CA GLY C 249 16.14 -3.80 61.85
C GLY C 249 14.90 -4.68 62.00
N GLN C 250 13.86 -4.07 62.56
CA GLN C 250 12.59 -4.76 62.79
C GLN C 250 11.46 -3.94 62.16
N LEU C 251 10.50 -4.65 61.55
CA LEU C 251 9.37 -4.05 60.88
C LEU C 251 8.08 -4.72 61.32
N SER C 252 6.99 -3.96 61.32
CA SER C 252 5.69 -4.47 61.75
C SER C 252 4.58 -3.69 61.08
N GLY C 253 3.45 -4.36 60.88
CA GLY C 253 2.22 -3.73 60.39
C GLY C 253 2.38 -2.90 59.14
N LEU C 254 2.70 -3.54 58.02
CA LEU C 254 2.83 -2.83 56.74
C LEU C 254 1.46 -2.82 56.06
N TYR C 255 0.73 -1.73 56.24
CA TYR C 255 -0.62 -1.58 55.70
C TYR C 255 -0.55 -0.78 54.41
N TYR C 256 -1.09 -1.35 53.33
CA TYR C 256 -1.00 -0.74 52.00
C TYR C 256 -2.33 -0.93 51.28
N ASN C 257 -3.15 0.11 51.27
CA ASN C 257 -4.42 0.14 50.54
C ASN C 257 -5.32 -1.05 50.92
N GLY C 258 -5.55 -1.17 52.22
CA GLY C 258 -6.37 -2.25 52.73
C GLY C 258 -5.67 -3.60 52.79
N LEU C 259 -4.38 -3.65 52.50
CA LEU C 259 -3.62 -4.89 52.46
C LEU C 259 -2.49 -4.83 53.48
N LYS C 260 -2.31 -5.91 54.22
CA LYS C 260 -1.24 -6.02 55.21
C LYS C 260 -0.28 -7.11 54.74
N VAL C 261 0.84 -6.69 54.18
CA VAL C 261 1.80 -7.63 53.60
C VAL C 261 2.43 -8.48 54.69
N LEU C 262 2.88 -7.85 55.77
CA LEU C 262 3.53 -8.60 56.85
C LEU C 262 2.57 -9.56 57.52
N ASN C 263 1.31 -9.16 57.69
CA ASN C 263 0.32 -10.06 58.27
C ASN C 263 0.12 -11.29 57.40
N MET C 264 0.04 -11.11 56.08
CA MET C 264 -0.11 -12.25 55.18
C MET C 264 1.14 -13.12 55.16
N ALA C 265 2.32 -12.51 55.31
CA ALA C 265 3.56 -13.28 55.30
C ALA C 265 3.62 -14.26 56.46
N ALA C 266 3.13 -13.85 57.62
CA ALA C 266 3.18 -14.70 58.81
C ALA C 266 2.29 -15.93 58.70
N GLU C 267 1.38 -15.96 57.73
CA GLU C 267 0.48 -17.09 57.54
C GLU C 267 0.86 -17.96 56.34
N ASN C 268 2.12 -17.87 55.90
CA ASN C 268 2.64 -18.64 54.77
C ASN C 268 1.84 -18.37 53.50
N ASP C 269 1.84 -17.09 53.11
CA ASP C 269 1.19 -16.70 51.86
C ASP C 269 1.91 -17.30 50.66
N ALA C 270 1.12 -17.76 49.68
CA ALA C 270 1.71 -18.39 48.51
C ALA C 270 2.53 -17.40 47.70
N ASN C 271 2.04 -16.17 47.55
CA ASN C 271 2.73 -15.17 46.75
C ASN C 271 3.84 -14.45 47.49
N ILE C 272 3.97 -14.67 48.79
CA ILE C 272 5.00 -14.01 49.60
C ILE C 272 6.27 -14.86 49.55
N ALA C 273 7.39 -14.22 49.24
CA ALA C 273 8.68 -14.87 49.17
C ALA C 273 9.64 -14.22 50.15
N ILE C 274 10.36 -15.04 50.90
CA ILE C 274 11.33 -14.59 51.90
C ILE C 274 12.70 -15.04 51.44
N VAL C 275 13.64 -14.10 51.32
CA VAL C 275 14.99 -14.44 50.88
C VAL C 275 15.98 -13.60 51.68
N GLY C 276 16.94 -14.27 52.34
CA GLY C 276 17.99 -13.60 53.08
C GLY C 276 17.93 -13.95 54.57
N ASN C 277 18.21 -12.96 55.40
CA ASN C 277 18.26 -13.13 56.85
C ASN C 277 17.04 -12.54 57.55
N VAL C 278 15.86 -12.65 56.93
CA VAL C 278 14.63 -12.19 57.56
C VAL C 278 14.22 -13.21 58.62
N ARG C 279 14.02 -12.73 59.84
CA ARG C 279 13.62 -13.57 60.95
C ARG C 279 12.29 -13.09 61.52
N LEU C 280 11.52 -14.03 62.05
CA LEU C 280 10.21 -13.74 62.63
C LEU C 280 10.30 -13.81 64.15
N VAL C 281 9.84 -12.76 64.82
CA VAL C 281 9.86 -12.70 66.28
C VAL C 281 8.66 -13.48 66.81
N GLY C 282 8.93 -14.45 67.68
CA GLY C 282 7.88 -15.27 68.26
C GLY C 282 7.58 -16.51 67.46
N ALA D 106 -2.36 6.39 -68.43
CA ALA D 106 -3.18 6.05 -67.27
C ALA D 106 -3.23 4.54 -67.05
N GLY D 107 -3.03 4.11 -65.81
CA GLY D 107 -3.07 2.70 -65.48
C GLY D 107 -4.49 2.19 -65.27
N THR D 108 -4.70 1.41 -64.21
CA THR D 108 -6.02 0.90 -63.89
C THR D 108 -6.90 2.07 -63.45
N THR D 109 -7.82 2.48 -64.32
CA THR D 109 -8.63 3.66 -64.10
C THR D 109 -9.94 3.27 -63.43
N TYR D 110 -10.16 3.80 -62.23
CA TYR D 110 -11.42 3.64 -61.51
C TYR D 110 -12.19 4.96 -61.56
N ILE D 111 -13.45 4.88 -61.97
CA ILE D 111 -14.28 6.07 -62.16
C ILE D 111 -15.13 6.29 -60.91
N PHE D 112 -15.45 7.55 -60.66
CA PHE D 112 -16.35 7.95 -59.58
C PHE D 112 -17.53 8.67 -60.23
N SER D 113 -18.69 8.03 -60.23
CA SER D 113 -19.87 8.58 -60.88
C SER D 113 -20.75 9.30 -59.86
N LYS D 114 -21.96 9.65 -60.27
CA LYS D 114 -22.88 10.38 -59.41
C LYS D 114 -23.23 9.57 -58.17
N GLY D 115 -23.20 10.23 -57.01
CA GLY D 115 -23.45 9.59 -55.74
C GLY D 115 -22.20 9.25 -54.95
N GLY D 116 -21.05 9.18 -55.62
CA GLY D 116 -19.80 8.95 -54.93
C GLY D 116 -19.61 7.52 -54.46
N GLY D 117 -18.53 7.33 -53.72
CA GLY D 117 -18.22 6.02 -53.17
C GLY D 117 -16.89 6.08 -52.45
N GLN D 118 -16.49 4.94 -51.89
CA GLN D 118 -15.23 4.84 -51.17
C GLN D 118 -14.64 3.45 -51.35
N ILE D 119 -13.35 3.40 -51.66
CA ILE D 119 -12.60 2.16 -51.72
C ILE D 119 -11.58 2.16 -50.58
N THR D 120 -11.59 1.09 -49.80
CA THR D 120 -10.81 0.97 -48.58
C THR D 120 -9.93 -0.26 -48.65
N TYR D 121 -8.64 -0.06 -48.34
CA TYR D 121 -7.71 -1.15 -48.11
C TYR D 121 -7.50 -1.25 -46.60
N LYS D 122 -7.90 -2.38 -46.02
CA LYS D 122 -7.78 -2.60 -44.58
C LYS D 122 -6.58 -3.51 -44.33
N TRP D 123 -5.57 -2.96 -43.66
CA TRP D 123 -4.38 -3.74 -43.36
C TRP D 123 -4.71 -4.88 -42.40
N PRO D 124 -4.02 -6.01 -42.51
CA PRO D 124 -4.24 -7.09 -41.56
C PRO D 124 -3.86 -6.66 -40.16
N PRO D 125 -4.59 -7.13 -39.14
CA PRO D 125 -4.34 -6.65 -37.77
C PRO D 125 -2.93 -6.91 -37.28
N ASN D 126 -2.30 -8.00 -37.70
CA ASN D 126 -0.99 -8.37 -37.18
C ASN D 126 0.16 -7.89 -38.06
N ASP D 127 -0.12 -7.15 -39.13
CA ASP D 127 0.90 -6.71 -40.07
C ASP D 127 0.73 -5.24 -40.44
N ARG D 128 0.28 -4.43 -39.48
CA ARG D 128 0.15 -3.00 -39.75
C ARG D 128 1.53 -2.37 -39.85
N PRO D 129 1.83 -1.64 -40.92
CA PRO D 129 3.17 -1.07 -41.08
C PRO D 129 3.29 0.34 -40.52
N SER D 130 4.51 0.68 -40.13
CA SER D 130 4.88 2.03 -39.73
C SER D 130 6.18 2.40 -40.45
N THR D 131 6.30 3.68 -40.81
CA THR D 131 7.44 4.09 -41.63
C THR D 131 7.77 5.56 -41.36
N ARG D 132 9.07 5.86 -41.46
CA ARG D 132 9.50 7.25 -41.31
C ARG D 132 9.16 8.07 -42.54
N ALA D 133 9.37 7.50 -43.73
CA ALA D 133 9.23 8.22 -44.99
C ALA D 133 8.04 7.67 -45.77
N ASP D 134 7.23 8.57 -46.32
CA ASP D 134 6.03 8.21 -47.06
C ASP D 134 6.18 8.65 -48.52
N ARG D 135 5.64 7.84 -49.42
CA ARG D 135 5.65 8.12 -50.85
C ARG D 135 4.24 7.96 -51.40
N LEU D 136 3.83 8.88 -52.27
CA LEU D 136 2.50 8.87 -52.84
C LEU D 136 2.57 9.28 -54.30
N ALA D 137 1.70 8.69 -55.11
CA ALA D 137 1.62 9.04 -56.53
C ALA D 137 0.24 8.66 -57.05
N ILE D 138 -0.37 9.56 -57.83
CA ILE D 138 -1.71 9.31 -58.34
C ILE D 138 -1.95 10.20 -59.57
N GLY D 139 -2.64 9.64 -60.56
CA GLY D 139 -3.10 10.41 -61.70
C GLY D 139 -4.60 10.56 -61.67
N PHE D 140 -5.07 11.80 -61.49
CA PHE D 140 -6.47 12.09 -61.27
C PHE D 140 -7.02 12.94 -62.40
N SER D 141 -8.31 12.79 -62.66
CA SER D 141 -9.02 13.59 -63.66
C SER D 141 -10.41 13.91 -63.12
N THR D 142 -10.64 15.18 -62.82
CA THR D 142 -11.92 15.64 -62.29
C THR D 142 -12.00 17.16 -62.45
N VAL D 143 -13.19 17.69 -62.18
CA VAL D 143 -13.43 19.12 -62.21
C VAL D 143 -13.98 19.64 -60.88
N GLN D 144 -13.99 18.80 -59.85
CA GLN D 144 -14.60 19.19 -58.58
C GLN D 144 -13.73 20.23 -57.86
N LYS D 145 -14.38 21.31 -57.44
CA LYS D 145 -13.65 22.39 -56.76
C LYS D 145 -13.20 21.96 -55.37
N GLU D 146 -14.05 21.24 -54.63
CA GLU D 146 -13.74 20.76 -53.29
C GLU D 146 -14.00 19.26 -53.23
N ALA D 147 -12.99 18.49 -52.86
CA ALA D 147 -13.14 17.04 -52.76
C ALA D 147 -11.98 16.49 -51.94
N VAL D 148 -12.04 15.19 -51.65
CA VAL D 148 -10.96 14.46 -51.00
C VAL D 148 -10.68 13.22 -51.82
N LEU D 149 -9.43 13.06 -52.27
CA LEU D 149 -9.07 11.95 -53.14
C LEU D 149 -8.53 10.77 -52.34
N VAL D 150 -7.42 10.97 -51.63
CA VAL D 150 -6.73 9.91 -50.91
C VAL D 150 -6.61 10.30 -49.45
N ARG D 151 -7.03 9.40 -48.56
CA ARG D 151 -6.91 9.60 -47.13
C ARG D 151 -6.32 8.35 -46.50
N VAL D 152 -5.30 8.53 -45.65
CA VAL D 152 -4.65 7.44 -44.93
C VAL D 152 -4.80 7.71 -43.44
N ASP D 153 -5.29 6.70 -42.72
CA ASP D 153 -5.60 6.85 -41.30
C ASP D 153 -4.80 5.85 -40.47
N SER D 154 -4.51 6.24 -39.23
CA SER D 154 -3.88 5.34 -38.27
C SER D 154 -4.96 4.48 -37.62
N SER D 155 -4.57 3.67 -36.65
CA SER D 155 -5.51 2.82 -35.93
C SER D 155 -6.25 3.65 -34.88
N SER D 156 -6.98 2.97 -34.00
CA SER D 156 -7.80 3.66 -33.01
C SER D 156 -6.93 4.40 -32.01
N GLY D 157 -7.27 5.65 -31.73
CA GLY D 157 -6.60 6.44 -30.72
C GLY D 157 -5.37 7.19 -31.17
N LEU D 158 -4.91 6.98 -32.41
CA LEU D 158 -3.73 7.64 -32.94
C LEU D 158 -4.15 8.69 -33.95
N GLY D 159 -3.72 9.93 -33.74
CA GLY D 159 -4.12 11.06 -34.55
C GLY D 159 -3.34 11.28 -35.83
N ASP D 160 -2.37 10.43 -36.14
CA ASP D 160 -1.60 10.60 -37.36
C ASP D 160 -2.45 10.23 -38.57
N TYR D 161 -2.48 11.12 -39.57
CA TYR D 161 -3.23 10.85 -40.77
C TYR D 161 -2.59 11.55 -41.96
N LEU D 162 -2.88 11.03 -43.16
CA LEU D 162 -2.46 11.62 -44.42
C LEU D 162 -3.70 11.87 -45.26
N GLU D 163 -3.81 13.09 -45.81
CA GLU D 163 -5.00 13.48 -46.55
C GLU D 163 -4.62 14.20 -47.83
N LEU D 164 -5.15 13.73 -48.95
CA LEU D 164 -5.06 14.43 -50.22
C LEU D 164 -6.42 15.07 -50.50
N HIS D 165 -6.45 16.40 -50.54
CA HIS D 165 -7.72 17.10 -50.67
C HIS D 165 -7.59 18.26 -51.64
N ILE D 166 -8.62 18.46 -52.46
CA ILE D 166 -8.69 19.58 -53.39
C ILE D 166 -9.60 20.63 -52.76
N HIS D 167 -9.02 21.79 -52.44
CA HIS D 167 -9.75 22.92 -51.88
C HIS D 167 -9.65 24.09 -52.85
N GLN D 168 -10.80 24.67 -53.19
CA GLN D 168 -10.88 25.80 -54.13
C GLN D 168 -10.19 25.48 -55.45
N GLY D 169 -10.30 24.22 -55.88
CA GLY D 169 -9.70 23.78 -57.12
C GLY D 169 -8.22 23.50 -57.07
N LYS D 170 -7.59 23.62 -55.89
CA LYS D 170 -6.17 23.38 -55.75
C LYS D 170 -5.94 22.15 -54.89
N ILE D 171 -5.14 21.21 -55.39
CA ILE D 171 -4.88 19.97 -54.67
C ILE D 171 -3.77 20.19 -53.66
N GLY D 172 -3.91 19.55 -52.50
CA GLY D 172 -2.92 19.69 -51.44
C GLY D 172 -2.85 18.45 -50.59
N VAL D 173 -1.71 18.32 -49.90
CA VAL D 173 -1.42 17.19 -49.02
C VAL D 173 -1.29 17.72 -47.60
N LYS D 174 -2.06 17.16 -46.68
CA LYS D 174 -2.01 17.54 -45.28
C LYS D 174 -1.78 16.29 -44.44
N PHE D 175 -0.71 16.28 -43.66
CA PHE D 175 -0.40 15.15 -42.80
C PHE D 175 -0.20 15.61 -41.37
N ASN D 176 -0.70 14.81 -40.43
CA ASN D 176 -0.50 15.02 -39.00
C ASN D 176 0.22 13.80 -38.46
N VAL D 177 1.51 13.95 -38.14
CA VAL D 177 2.32 12.84 -37.64
C VAL D 177 2.31 12.78 -36.11
N GLY D 178 1.60 13.68 -35.44
CA GLY D 178 1.50 13.64 -34.00
C GLY D 178 1.64 14.98 -33.32
N THR D 179 2.43 15.89 -33.90
CA THR D 179 2.65 17.20 -33.30
C THR D 179 1.65 18.24 -33.82
N ASP D 180 1.64 18.47 -35.13
CA ASP D 180 0.74 19.45 -35.72
C ASP D 180 0.54 19.09 -37.19
N ASP D 181 -0.52 19.65 -37.76
CA ASP D 181 -0.83 19.42 -39.17
C ASP D 181 0.12 20.21 -40.05
N ILE D 182 0.71 19.55 -41.03
CA ILE D 182 1.55 20.19 -42.03
C ILE D 182 0.87 20.01 -43.38
N ALA D 183 0.56 21.13 -44.05
CA ALA D 183 -0.17 21.12 -45.31
C ALA D 183 0.63 21.86 -46.37
N ILE D 184 0.78 21.22 -47.53
CA ILE D 184 1.44 21.83 -48.69
C ILE D 184 0.48 21.77 -49.87
N GLU D 185 0.38 22.88 -50.60
CA GLU D 185 -0.60 22.99 -51.67
C GLU D 185 0.05 23.60 -52.91
N GLU D 186 -0.42 23.16 -54.07
CA GLU D 186 -0.01 23.74 -55.35
C GLU D 186 -0.91 24.96 -55.62
N SER D 187 -0.65 26.02 -54.86
CA SER D 187 -1.52 27.19 -54.88
C SER D 187 -1.50 27.90 -56.24
N ASN D 188 -0.32 28.01 -56.85
CA ASN D 188 -0.18 28.75 -58.10
C ASN D 188 -0.35 27.83 -59.31
N ALA D 189 -1.46 27.09 -59.35
CA ALA D 189 -1.77 26.21 -60.46
C ALA D 189 -3.22 25.75 -60.34
N ILE D 190 -3.92 25.72 -61.46
CA ILE D 190 -5.30 25.24 -61.54
C ILE D 190 -5.27 23.83 -62.11
N ILE D 191 -5.82 22.88 -61.37
CA ILE D 191 -5.71 21.47 -61.75
C ILE D 191 -7.05 20.87 -62.16
N ASN D 192 -8.18 21.44 -61.73
CA ASN D 192 -9.49 20.89 -62.04
C ASN D 192 -10.00 21.41 -63.39
N ASP D 193 -9.18 21.17 -64.42
CA ASP D 193 -9.53 21.53 -65.78
C ASP D 193 -10.13 20.38 -66.57
N GLY D 194 -10.36 19.24 -65.92
CA GLY D 194 -10.95 18.08 -66.58
C GLY D 194 -9.97 17.14 -67.24
N LYS D 195 -8.68 17.47 -67.26
CA LYS D 195 -7.68 16.66 -67.91
C LYS D 195 -6.99 15.73 -66.89
N TYR D 196 -6.14 14.85 -67.42
CA TYR D 196 -5.43 13.87 -66.61
C TYR D 196 -4.17 14.53 -66.04
N HIS D 197 -4.14 14.72 -64.72
CA HIS D 197 -3.02 15.35 -64.04
C HIS D 197 -2.42 14.37 -63.04
N VAL D 198 -1.11 14.16 -63.12
CA VAL D 198 -0.42 13.26 -62.20
C VAL D 198 0.24 14.09 -61.10
N VAL D 199 0.34 13.50 -59.92
CA VAL D 199 0.93 14.15 -58.76
C VAL D 199 1.73 13.13 -57.97
N ARG D 200 2.84 13.59 -57.39
CA ARG D 200 3.71 12.80 -56.55
C ARG D 200 4.00 13.57 -55.27
N PHE D 201 4.15 12.84 -54.17
CA PHE D 201 4.32 13.44 -52.85
C PHE D 201 5.33 12.61 -52.08
N THR D 202 6.48 13.20 -51.79
CA THR D 202 7.55 12.54 -51.05
C THR D 202 7.61 13.13 -49.65
N ARG D 203 7.49 12.28 -48.64
CA ARG D 203 7.50 12.70 -47.24
C ARG D 203 8.69 12.09 -46.54
N SER D 204 9.42 12.92 -45.79
CA SER D 204 10.56 12.45 -45.00
C SER D 204 10.60 13.27 -43.72
N GLY D 205 10.35 12.62 -42.59
CA GLY D 205 10.24 13.36 -41.34
C GLY D 205 9.09 14.33 -41.42
N GLY D 206 9.38 15.61 -41.19
CA GLY D 206 8.38 16.64 -41.39
C GLY D 206 8.46 17.26 -42.77
N ASN D 207 9.58 17.05 -43.45
CA ASN D 207 9.77 17.65 -44.77
C ASN D 207 8.90 16.95 -45.81
N ALA D 208 8.43 17.73 -46.79
CA ALA D 208 7.52 17.18 -47.79
C ALA D 208 7.68 17.91 -49.11
N THR D 209 7.76 17.16 -50.21
CA THR D 209 7.87 17.71 -51.55
C THR D 209 6.71 17.22 -52.40
N LEU D 210 6.14 18.14 -53.19
CA LEU D 210 5.01 17.84 -54.06
C LEU D 210 5.37 18.19 -55.50
N GLN D 211 5.18 17.25 -56.41
CA GLN D 211 5.48 17.44 -57.82
C GLN D 211 4.23 17.16 -58.65
N VAL D 212 3.99 18.02 -59.64
CA VAL D 212 2.84 17.90 -60.52
C VAL D 212 3.35 17.78 -61.95
N ASP D 213 3.07 16.63 -62.59
CA ASP D 213 3.55 16.34 -63.94
C ASP D 213 5.05 16.59 -64.06
N SER D 214 5.43 17.56 -64.88
CA SER D 214 6.80 18.04 -64.97
C SER D 214 6.93 19.47 -64.47
N TRP D 215 5.90 20.00 -63.81
CA TRP D 215 5.94 21.37 -63.31
C TRP D 215 6.91 21.45 -62.13
N PRO D 216 7.42 22.66 -61.83
CA PRO D 216 8.41 22.78 -60.76
C PRO D 216 7.89 22.26 -59.42
N VAL D 217 8.78 21.62 -58.67
CA VAL D 217 8.41 20.98 -57.42
C VAL D 217 8.23 22.03 -56.34
N ILE D 218 7.20 21.86 -55.51
CA ILE D 218 6.96 22.72 -54.35
C ILE D 218 7.41 21.95 -53.11
N GLU D 219 8.42 22.48 -52.43
CA GLU D 219 9.01 21.82 -51.28
C GLU D 219 8.66 22.56 -50.00
N ARG D 220 8.71 21.82 -48.89
CA ARG D 220 8.36 22.36 -47.58
C ARG D 220 9.29 21.74 -46.54
N TYR D 221 10.00 22.61 -45.81
CA TYR D 221 10.91 22.22 -44.74
C TYR D 221 10.40 22.85 -43.46
N PRO D 222 9.51 22.18 -42.73
CA PRO D 222 8.96 22.78 -41.51
C PRO D 222 10.06 23.05 -40.47
N ALA D 223 9.88 24.15 -39.74
CA ALA D 223 10.83 24.55 -38.72
C ALA D 223 10.45 23.95 -37.36
N GLY D 224 11.39 23.99 -36.43
CA GLY D 224 11.17 23.45 -35.11
C GLY D 224 11.31 21.93 -35.08
N ARG D 225 10.93 21.37 -33.92
CA ARG D 225 10.97 19.93 -33.62
C ARG D 225 9.67 19.26 -34.09
N GLN D 226 9.76 18.36 -35.07
CA GLN D 226 8.58 17.68 -35.57
C GLN D 226 8.80 16.18 -35.52
N LEU D 227 7.71 15.45 -35.25
CA LEU D 227 7.78 14.00 -35.23
C LEU D 227 7.91 13.44 -36.64
N THR D 228 8.46 12.23 -36.73
CA THR D 228 8.82 11.66 -38.02
C THR D 228 8.15 10.33 -38.34
N ILE D 229 7.39 9.74 -37.41
CA ILE D 229 6.88 8.39 -37.56
C ILE D 229 5.39 8.44 -37.86
N PHE D 230 4.97 7.68 -38.87
CA PHE D 230 3.55 7.44 -39.12
C PHE D 230 3.20 6.12 -38.45
N ASN D 231 2.43 6.20 -37.36
CA ASN D 231 2.30 5.09 -36.44
C ASN D 231 1.10 4.21 -36.80
N SER D 232 1.38 2.96 -37.17
CA SER D 232 0.38 1.89 -37.26
C SER D 232 -0.77 2.28 -38.19
N GLN D 233 -0.43 2.44 -39.47
CA GLN D 233 -1.44 2.69 -40.48
C GLN D 233 -2.49 1.58 -40.48
N ALA D 234 -3.76 1.96 -40.56
CA ALA D 234 -4.86 1.00 -40.50
C ALA D 234 -5.49 0.77 -41.87
N THR D 235 -5.94 1.83 -42.54
CA THR D 235 -6.63 1.70 -43.81
C THR D 235 -6.18 2.79 -44.77
N ILE D 236 -6.23 2.46 -46.05
CA ILE D 236 -6.14 3.44 -47.13
C ILE D 236 -7.55 3.73 -47.61
N ILE D 237 -7.95 5.00 -47.51
CA ILE D 237 -9.28 5.45 -47.89
C ILE D 237 -9.16 6.27 -49.15
N ILE D 238 -9.93 5.91 -50.18
CA ILE D 238 -9.96 6.66 -51.44
C ILE D 238 -11.41 6.99 -51.76
N GLY D 239 -11.70 8.28 -51.94
CA GLY D 239 -13.03 8.74 -52.24
C GLY D 239 -13.47 9.90 -51.36
N GLY D 240 -13.08 9.85 -50.09
CA GLY D 240 -13.33 10.96 -49.19
C GLY D 240 -14.78 11.29 -48.93
N LYS D 241 -15.69 10.33 -49.15
CA LYS D 241 -17.11 10.61 -48.93
C LYS D 241 -17.43 10.75 -47.45
N GLU D 242 -16.81 9.93 -46.60
CA GLU D 242 -17.14 9.96 -45.18
C GLU D 242 -16.68 11.24 -44.51
N GLN D 243 -15.55 11.80 -44.95
CA GLN D 243 -15.06 13.04 -44.33
C GLN D 243 -16.01 14.20 -44.57
N GLY D 244 -16.59 14.27 -45.77
CA GLY D 244 -17.54 15.33 -46.08
C GLY D 244 -17.31 15.96 -47.44
N GLN D 245 -16.30 15.49 -48.15
CA GLN D 245 -15.95 15.99 -49.49
C GLN D 245 -15.84 14.80 -50.43
N PRO D 246 -16.97 14.28 -50.91
CA PRO D 246 -16.92 13.16 -51.85
C PRO D 246 -16.23 13.55 -53.15
N PHE D 247 -15.56 12.58 -53.77
CA PHE D 247 -14.79 12.79 -54.98
C PHE D 247 -15.52 12.16 -56.16
N GLN D 248 -15.69 12.92 -57.23
CA GLN D 248 -16.32 12.45 -58.46
C GLN D 248 -15.35 12.67 -59.62
N GLY D 249 -14.84 11.57 -60.18
CA GLY D 249 -13.86 11.67 -61.25
C GLY D 249 -13.24 10.32 -61.55
N GLN D 250 -12.02 10.34 -62.07
CA GLN D 250 -11.30 9.13 -62.43
C GLN D 250 -9.93 9.14 -61.79
N LEU D 251 -9.49 7.98 -61.31
CA LEU D 251 -8.21 7.81 -60.63
C LEU D 251 -7.43 6.68 -61.28
N SER D 252 -6.10 6.83 -61.35
CA SER D 252 -5.24 5.80 -61.89
C SER D 252 -3.88 5.86 -61.22
N GLY D 253 -3.18 4.72 -61.25
CA GLY D 253 -1.81 4.65 -60.77
C GLY D 253 -1.57 5.12 -59.35
N LEU D 254 -2.10 4.39 -58.36
CA LEU D 254 -1.93 4.76 -56.96
C LEU D 254 -0.77 3.97 -56.37
N TYR D 255 0.34 4.65 -56.12
CA TYR D 255 1.51 4.07 -55.48
C TYR D 255 1.69 4.69 -54.10
N TYR D 256 1.78 3.86 -53.07
CA TYR D 256 1.91 4.34 -51.69
C TYR D 256 2.88 3.42 -50.95
N ASN D 257 4.13 3.87 -50.80
CA ASN D 257 5.14 3.18 -50.00
C ASN D 257 5.28 1.72 -50.40
N GLY D 258 5.50 1.50 -51.70
CA GLY D 258 5.66 0.15 -52.22
C GLY D 258 4.38 -0.59 -52.49
N LEU D 259 3.24 0.08 -52.49
CA LEU D 259 1.94 -0.56 -52.65
C LEU D 259 1.20 0.07 -53.82
N LYS D 260 0.74 -0.75 -54.75
CA LYS D 260 -0.06 -0.29 -55.89
C LYS D 260 -1.51 -0.66 -55.57
N VAL D 261 -2.26 0.31 -55.05
CA VAL D 261 -3.57 0.03 -54.47
C VAL D 261 -4.58 -0.38 -55.53
N LEU D 262 -4.65 0.37 -56.63
CA LEU D 262 -5.63 0.02 -57.65
C LEU D 262 -5.28 -1.30 -58.33
N ASN D 263 -3.99 -1.63 -58.42
CA ASN D 263 -3.61 -2.89 -59.06
C ASN D 263 -4.13 -4.10 -58.27
N MET D 264 -3.84 -4.14 -56.96
CA MET D 264 -4.31 -5.29 -56.18
C MET D 264 -5.79 -5.18 -55.86
N ALA D 265 -6.38 -3.98 -56.03
CA ALA D 265 -7.83 -3.88 -56.00
C ALA D 265 -8.45 -4.57 -57.21
N ALA D 266 -7.87 -4.35 -58.40
CA ALA D 266 -8.30 -5.06 -59.59
C ALA D 266 -7.93 -6.54 -59.55
N GLU D 267 -6.95 -6.92 -58.74
CA GLU D 267 -6.57 -8.32 -58.58
C GLU D 267 -7.42 -9.04 -57.53
N ASN D 268 -8.44 -8.38 -56.97
CA ASN D 268 -9.39 -8.99 -56.04
C ASN D 268 -8.67 -9.51 -54.80
N ASP D 269 -8.03 -8.59 -54.08
CA ASP D 269 -7.35 -8.94 -52.84
C ASP D 269 -8.36 -9.19 -51.73
N ALA D 270 -7.92 -9.92 -50.71
CA ALA D 270 -8.81 -10.33 -49.62
C ALA D 270 -9.11 -9.20 -48.64
N ASN D 271 -8.44 -8.05 -48.75
CA ASN D 271 -8.62 -6.98 -47.78
C ASN D 271 -8.95 -5.65 -48.45
N ILE D 272 -9.66 -5.68 -49.57
CA ILE D 272 -10.06 -4.48 -50.29
C ILE D 272 -11.58 -4.48 -50.44
N ALA D 273 -12.19 -3.32 -50.21
CA ALA D 273 -13.64 -3.21 -50.28
C ALA D 273 -14.03 -1.87 -50.91
N ILE D 274 -14.80 -1.94 -51.99
CA ILE D 274 -15.30 -0.75 -52.69
C ILE D 274 -16.79 -0.68 -52.50
N VAL D 275 -17.27 0.36 -51.82
CA VAL D 275 -18.68 0.55 -51.52
C VAL D 275 -19.14 1.82 -52.22
N GLY D 276 -20.17 1.69 -53.05
CA GLY D 276 -20.65 2.81 -53.83
C GLY D 276 -20.78 2.47 -55.30
N ASN D 277 -20.73 3.48 -56.16
CA ASN D 277 -20.85 3.30 -57.60
C ASN D 277 -19.49 3.35 -58.31
N VAL D 278 -18.39 3.28 -57.57
CA VAL D 278 -17.05 3.37 -58.15
C VAL D 278 -16.85 2.23 -59.13
N ARG D 279 -16.74 2.55 -60.41
CA ARG D 279 -16.67 1.57 -61.48
C ARG D 279 -15.29 1.60 -62.14
N LEU D 280 -14.87 0.43 -62.63
CA LEU D 280 -13.62 0.29 -63.34
C LEU D 280 -13.80 0.75 -64.79
N VAL D 281 -12.90 1.60 -65.25
CA VAL D 281 -12.96 2.12 -66.62
C VAL D 281 -12.36 1.08 -67.56
N GLY D 282 -13.11 0.68 -68.58
CA GLY D 282 -12.65 -0.28 -69.55
C GLY D 282 -13.53 -1.51 -69.64
C1 NAG E . -50.52 -0.41 40.28
C2 NAG E . -51.83 0.31 40.64
C3 NAG E . -52.94 -0.71 40.84
C4 NAG E . -53.07 -1.61 39.62
C5 NAG E . -51.71 -2.25 39.30
C6 NAG E . -51.74 -3.06 38.03
C7 NAG E . -51.26 2.40 41.79
C8 NAG E . -51.13 3.10 43.11
N2 NAG E . -51.65 1.13 41.83
O3 NAG E . -54.17 -0.02 41.06
O4 NAG E . -54.02 -2.63 39.87
O5 NAG E . -50.73 -1.23 39.12
O6 NAG E . -52.01 -2.25 36.89
O7 NAG E . -50.99 2.97 40.73
C1 NAG F . -38.73 -15.58 5.70
C2 NAG F . -39.81 -14.90 4.86
C3 NAG F . -41.01 -15.83 4.70
C4 NAG F . -40.57 -17.18 4.15
C5 NAG F . -39.45 -17.77 5.00
C6 NAG F . -38.87 -19.04 4.44
C7 NAG F . -40.02 -12.46 4.83
C8 NAG F . -40.50 -11.24 5.57
N2 NAG F . -40.21 -13.63 5.44
O3 NAG F . -41.96 -15.23 3.83
O4 NAG F . -41.67 -18.09 4.13
O5 NAG F . -38.37 -16.83 5.11
O6 NAG F . -38.02 -19.68 5.36
O7 NAG F . -39.50 -12.38 3.72
C1 NAG G . 44.87 -21.81 -41.07
C2 NAG G . 44.50 -23.26 -41.40
C3 NAG G . 45.76 -24.10 -41.65
C4 NAG G . 46.66 -23.41 -42.68
C5 NAG G . 46.92 -21.96 -42.28
C6 NAG G . 47.73 -21.19 -43.31
C7 NAG G . 43.84 -24.15 -39.11
C8 NAG G . 45.17 -23.73 -38.52
N2 NAG G . 43.62 -23.89 -40.42
O3 NAG G . 45.40 -25.39 -42.11
O4 NAG G . 47.90 -24.10 -42.78
O5 NAG G . 45.68 -21.26 -42.12
O6 NAG G . 48.34 -22.07 -44.24
O7 NAG G . 42.99 -24.69 -38.41
C1 NAG H . 26.97 -30.93 -6.99
C2 NAG H . 26.81 -31.53 -5.59
C3 NAG H . 28.13 -31.46 -4.81
C4 NAG H . 29.26 -32.06 -5.63
C5 NAG H . 29.31 -31.45 -7.02
C6 NAG H . 30.32 -32.11 -7.93
C7 NAG H . 25.46 -29.73 -4.41
C8 NAG H . 26.49 -28.68 -4.76
N2 NAG H . 25.68 -31.00 -4.83
O3 NAG H . 27.99 -32.15 -3.57
O4 NAG H . 30.50 -31.82 -4.98
O5 NAG H . 28.03 -31.59 -7.68
O6 NAG H . 29.80 -33.28 -8.54
O7 NAG H . 24.45 -29.44 -3.78
CA CA I . 1.36 6.29 35.50
C1 NAG J . -3.85 18.58 44.83
C2 NAG J . -5.17 18.15 44.20
C3 NAG J . -5.67 19.22 43.24
C4 NAG J . -5.72 20.58 43.92
C5 NAG J . -4.38 20.91 44.56
C6 NAG J . -4.40 22.19 45.37
C7 NAG J . -5.94 15.88 43.65
C8 NAG J . -5.66 14.63 42.88
N2 NAG J . -5.04 16.87 43.53
O3 NAG J . -6.96 18.86 42.76
O4 NAG J . -6.07 21.58 42.98
O5 NAG J . -4.00 19.86 45.46
O6 NAG J . -5.32 22.10 46.45
O7 NAG J . -6.94 16.00 44.35
CA CA K . 3.11 9.88 -34.21
C1 NAG L . 14.42 17.87 -43.14
C2 NAG L . 15.60 16.89 -43.21
C3 NAG L . 16.69 17.31 -42.23
C4 NAG L . 17.08 18.76 -42.44
C5 NAG L . 15.84 19.65 -42.37
C6 NAG L . 16.13 21.10 -42.67
C7 NAG L . 15.82 14.45 -43.36
C8 NAG L . 15.22 13.13 -42.98
N2 NAG L . 15.16 15.54 -42.94
O3 NAG L . 17.83 16.47 -42.40
O4 NAG L . 18.01 19.17 -41.45
O5 NAG L . 14.88 19.21 -43.34
O6 NAG L . 17.53 21.38 -42.60
O7 NAG L . 16.86 14.54 -44.01
#